data_1CXU
# 
_entry.id   1CXU 
# 
_audit_conform.dict_name       mmcif_pdbx.dic 
_audit_conform.dict_version    5.385 
_audit_conform.dict_location   http://mmcif.pdb.org/dictionaries/ascii/mmcif_pdbx.dic 
# 
loop_
_database_2.database_id 
_database_2.database_code 
_database_2.pdbx_database_accession 
_database_2.pdbx_DOI 
PDB   1CXU         pdb_00001cxu 10.2210/pdb1cxu/pdb 
RCSB  RCSB009612   ?            ?                   
WWPDB D_1000009612 ?            ?                   
# 
loop_
_pdbx_audit_revision_history.ordinal 
_pdbx_audit_revision_history.data_content_type 
_pdbx_audit_revision_history.major_revision 
_pdbx_audit_revision_history.minor_revision 
_pdbx_audit_revision_history.revision_date 
1 'Structure model' 1 0 1999-09-08 
2 'Structure model' 1 1 2007-10-16 
3 'Structure model' 1 2 2011-07-13 
4 'Structure model' 1 3 2024-02-07 
# 
_pdbx_audit_revision_details.ordinal             1 
_pdbx_audit_revision_details.revision_ordinal    1 
_pdbx_audit_revision_details.data_content_type   'Structure model' 
_pdbx_audit_revision_details.provider            repository 
_pdbx_audit_revision_details.type                'Initial release' 
_pdbx_audit_revision_details.description         ? 
_pdbx_audit_revision_details.details             ? 
# 
loop_
_pdbx_audit_revision_group.ordinal 
_pdbx_audit_revision_group.revision_ordinal 
_pdbx_audit_revision_group.data_content_type 
_pdbx_audit_revision_group.group 
1 2 'Structure model' 'Version format compliance' 
2 3 'Structure model' 'Non-polymer description'   
3 3 'Structure model' 'Version format compliance' 
4 4 'Structure model' 'Data collection'           
5 4 'Structure model' 'Database references'       
6 4 'Structure model' 'Derived calculations'      
# 
loop_
_pdbx_audit_revision_category.ordinal 
_pdbx_audit_revision_category.revision_ordinal 
_pdbx_audit_revision_category.data_content_type 
_pdbx_audit_revision_category.category 
1 4 'Structure model' chem_comp_atom     
2 4 'Structure model' chem_comp_bond     
3 4 'Structure model' database_2         
4 4 'Structure model' struct_ref_seq_dif 
5 4 'Structure model' struct_site        
# 
loop_
_pdbx_audit_revision_item.ordinal 
_pdbx_audit_revision_item.revision_ordinal 
_pdbx_audit_revision_item.data_content_type 
_pdbx_audit_revision_item.item 
1 4 'Structure model' '_database_2.pdbx_DOI'                
2 4 'Structure model' '_database_2.pdbx_database_accession' 
3 4 'Structure model' '_struct_ref_seq_dif.details'         
4 4 'Structure model' '_struct_site.pdbx_auth_asym_id'      
5 4 'Structure model' '_struct_site.pdbx_auth_comp_id'      
6 4 'Structure model' '_struct_site.pdbx_auth_seq_id'       
# 
_pdbx_database_status.status_code                     REL 
_pdbx_database_status.entry_id                        1CXU 
_pdbx_database_status.recvd_initial_deposition_date   1999-08-30 
_pdbx_database_status.deposit_site                    RCSB 
_pdbx_database_status.process_site                    RCSB 
_pdbx_database_status.status_code_sf                  REL 
_pdbx_database_status.SG_entry                        . 
_pdbx_database_status.pdb_format_compatible           Y 
_pdbx_database_status.status_code_mr                  ? 
_pdbx_database_status.status_code_cs                  ? 
_pdbx_database_status.status_code_nmr_data            ? 
_pdbx_database_status.methods_development_category    ? 
# 
loop_
_pdbx_database_related.db_name 
_pdbx_database_related.db_id 
_pdbx_database_related.details 
_pdbx_database_related.content_type 
PDB 1ASV 'SAME PROTEIN AT LOWER RESOLUTION' unspecified 
PDB 1CXQ .                                  unspecified 
PDB 1CZ9 .                                  unspecified 
PDB 1CZB .                                  unspecified 
# 
loop_
_audit_author.name 
_audit_author.pdbx_ordinal 
'Lubkowski, J.'    1 
'Dauter, Z.'       2 
'Yang, F.'         3 
'Alexandratos, J.' 4 
'Wlodawer, A.'     5 
# 
loop_
_citation.id 
_citation.title 
_citation.journal_abbrev 
_citation.journal_volume 
_citation.page_first 
_citation.page_last 
_citation.year 
_citation.journal_id_ASTM 
_citation.country 
_citation.journal_id_ISSN 
_citation.journal_id_CSD 
_citation.book_publisher 
_citation.pdbx_database_id_PubMed 
_citation.pdbx_database_id_DOI 
primary 'Atomic resolution structures of the core domain of avian sarcoma virus integrase and its D64N mutant.' Biochemistry 38  
13512 13522 1999 BICHAW US 0006-2960 0033 ? 10521258 10.1021/bi991362q      
1       'High Resolution Structure of the Catalytic Domain of Avian Sarcoma Virus Integrase'                    J.Mol.Biol.  253 
333   346   1995 JMOBAK UK 0022-2836 0070 ? ?        10.1006/jmbi.1995.0556 
# 
loop_
_citation_author.citation_id 
_citation_author.name 
_citation_author.ordinal 
_citation_author.identifier_ORCID 
primary 'Lubkowski, J.'    1  ? 
primary 'Dauter, Z.'       2  ? 
primary 'Yang, F.'         3  ? 
primary 'Alexandratos, J.' 4  ? 
primary 'Merkel, G.'       5  ? 
primary 'Skalka, A.M.'     6  ? 
primary 'Wlodawer, A.'     7  ? 
1       'Bujacz, G.'       8  ? 
1       'Jaskolski, M.'    9  ? 
1       'Alexandratos, J.' 10 ? 
1       'Wlodawer, A.'     11 ? 
1       'Merkel, G.'       12 ? 
1       'Katz, R.A.'       13 ? 
1       'Skalka, A.M.'     14 ? 
# 
loop_
_entity.id 
_entity.type 
_entity.src_method 
_entity.pdbx_description 
_entity.formula_weight 
_entity.pdbx_number_of_molecules 
_entity.pdbx_ec 
_entity.pdbx_mutation 
_entity.pdbx_fragment 
_entity.details 
1 polymer     man 'PROTEIN (AVIAN SARCOMA VIRUS INTEGRASE)' 17855.441 1   ? 'INS(P48, L49, R50, E51, N208, L209)' 
'CATALYTIC CORE DOMAIN' ? 
2 non-polymer syn 'CITRIC ACID'                             192.124   1   ? ?                                     ? ? 
3 non-polymer syn GLYCEROL                                  92.094    1   ? ?                                     ? ? 
4 water       nat water                                     18.015    203 ? ?                                     ? ? 
# 
_entity_poly.entity_id                      1 
_entity_poly.type                           'polypeptide(L)' 
_entity_poly.nstd_linkage                   no 
_entity_poly.nstd_monomer                   no 
_entity_poly.pdbx_seq_one_letter_code       
;PLREGRGLGPLQIWQTDFTLEPRMAPRSWLAVTVDTASSAIVVTQHGRVTSVAAQHHWATAIAVLGRPKAIKTDNGSCFT
SKSTREWLARWGIAHTTGIPGNSQGQAMVERANRLLKDKIRVLAEGDGFMKRIPTSKQGELLAKAMYALNHFERGENTKT
NL
;
_entity_poly.pdbx_seq_one_letter_code_can   
;PLREGRGLGPLQIWQTDFTLEPRMAPRSWLAVTVDTASSAIVVTQHGRVTSVAAQHHWATAIAVLGRPKAIKTDNGSCFT
SKSTREWLARWGIAHTTGIPGNSQGQAMVERANRLLKDKIRVLAEGDGFMKRIPTSKQGELLAKAMYALNHFERGENTKT
NL
;
_entity_poly.pdbx_strand_id                 A 
_entity_poly.pdbx_target_identifier         ? 
# 
loop_
_pdbx_entity_nonpoly.entity_id 
_pdbx_entity_nonpoly.name 
_pdbx_entity_nonpoly.comp_id 
2 'CITRIC ACID' CIT 
3 GLYCEROL      GOL 
4 water         HOH 
# 
loop_
_entity_poly_seq.entity_id 
_entity_poly_seq.num 
_entity_poly_seq.mon_id 
_entity_poly_seq.hetero 
1 1   PRO n 
1 2   LEU n 
1 3   ARG n 
1 4   GLU n 
1 5   GLY n 
1 6   ARG n 
1 7   GLY n 
1 8   LEU n 
1 9   GLY n 
1 10  PRO n 
1 11  LEU n 
1 12  GLN n 
1 13  ILE n 
1 14  TRP n 
1 15  GLN n 
1 16  THR n 
1 17  ASP n 
1 18  PHE n 
1 19  THR n 
1 20  LEU n 
1 21  GLU n 
1 22  PRO n 
1 23  ARG n 
1 24  MET n 
1 25  ALA n 
1 26  PRO n 
1 27  ARG n 
1 28  SER n 
1 29  TRP n 
1 30  LEU n 
1 31  ALA n 
1 32  VAL n 
1 33  THR n 
1 34  VAL n 
1 35  ASP n 
1 36  THR n 
1 37  ALA n 
1 38  SER n 
1 39  SER n 
1 40  ALA n 
1 41  ILE n 
1 42  VAL n 
1 43  VAL n 
1 44  THR n 
1 45  GLN n 
1 46  HIS n 
1 47  GLY n 
1 48  ARG n 
1 49  VAL n 
1 50  THR n 
1 51  SER n 
1 52  VAL n 
1 53  ALA n 
1 54  ALA n 
1 55  GLN n 
1 56  HIS n 
1 57  HIS n 
1 58  TRP n 
1 59  ALA n 
1 60  THR n 
1 61  ALA n 
1 62  ILE n 
1 63  ALA n 
1 64  VAL n 
1 65  LEU n 
1 66  GLY n 
1 67  ARG n 
1 68  PRO n 
1 69  LYS n 
1 70  ALA n 
1 71  ILE n 
1 72  LYS n 
1 73  THR n 
1 74  ASP n 
1 75  ASN n 
1 76  GLY n 
1 77  SER n 
1 78  CYS n 
1 79  PHE n 
1 80  THR n 
1 81  SER n 
1 82  LYS n 
1 83  SER n 
1 84  THR n 
1 85  ARG n 
1 86  GLU n 
1 87  TRP n 
1 88  LEU n 
1 89  ALA n 
1 90  ARG n 
1 91  TRP n 
1 92  GLY n 
1 93  ILE n 
1 94  ALA n 
1 95  HIS n 
1 96  THR n 
1 97  THR n 
1 98  GLY n 
1 99  ILE n 
1 100 PRO n 
1 101 GLY n 
1 102 ASN n 
1 103 SER n 
1 104 GLN n 
1 105 GLY n 
1 106 GLN n 
1 107 ALA n 
1 108 MET n 
1 109 VAL n 
1 110 GLU n 
1 111 ARG n 
1 112 ALA n 
1 113 ASN n 
1 114 ARG n 
1 115 LEU n 
1 116 LEU n 
1 117 LYS n 
1 118 ASP n 
1 119 LYS n 
1 120 ILE n 
1 121 ARG n 
1 122 VAL n 
1 123 LEU n 
1 124 ALA n 
1 125 GLU n 
1 126 GLY n 
1 127 ASP n 
1 128 GLY n 
1 129 PHE n 
1 130 MET n 
1 131 LYS n 
1 132 ARG n 
1 133 ILE n 
1 134 PRO n 
1 135 THR n 
1 136 SER n 
1 137 LYS n 
1 138 GLN n 
1 139 GLY n 
1 140 GLU n 
1 141 LEU n 
1 142 LEU n 
1 143 ALA n 
1 144 LYS n 
1 145 ALA n 
1 146 MET n 
1 147 TYR n 
1 148 ALA n 
1 149 LEU n 
1 150 ASN n 
1 151 HIS n 
1 152 PHE n 
1 153 GLU n 
1 154 ARG n 
1 155 GLY n 
1 156 GLU n 
1 157 ASN n 
1 158 THR n 
1 159 LYS n 
1 160 THR n 
1 161 ASN n 
1 162 LEU n 
# 
_entity_src_gen.entity_id                          1 
_entity_src_gen.pdbx_src_id                        1 
_entity_src_gen.pdbx_alt_source_flag               sample 
_entity_src_gen.pdbx_seq_type                      ? 
_entity_src_gen.pdbx_beg_seq_num                   ? 
_entity_src_gen.pdbx_end_seq_num                   ? 
_entity_src_gen.gene_src_common_name               ? 
_entity_src_gen.gene_src_genus                     Alpharetrovirus 
_entity_src_gen.pdbx_gene_src_gene                 ? 
_entity_src_gen.gene_src_species                   ? 
_entity_src_gen.gene_src_strain                    'ROUS SARCOMA VIRUS, SCHMIDT-RUPPIN B' 
_entity_src_gen.gene_src_tissue                    ? 
_entity_src_gen.gene_src_tissue_fraction           ? 
_entity_src_gen.gene_src_details                   ? 
_entity_src_gen.pdbx_gene_src_fragment             ? 
_entity_src_gen.pdbx_gene_src_scientific_name      'Avian sarcoma virus' 
_entity_src_gen.pdbx_gene_src_ncbi_taxonomy_id     11876 
_entity_src_gen.pdbx_gene_src_variant              ? 
_entity_src_gen.pdbx_gene_src_cell_line            ? 
_entity_src_gen.pdbx_gene_src_atcc                 ? 
_entity_src_gen.pdbx_gene_src_organ                ? 
_entity_src_gen.pdbx_gene_src_organelle            ? 
_entity_src_gen.pdbx_gene_src_cell                 ? 
_entity_src_gen.pdbx_gene_src_cellular_location    ? 
_entity_src_gen.host_org_common_name               ? 
_entity_src_gen.pdbx_host_org_scientific_name      'Escherichia coli' 
_entity_src_gen.pdbx_host_org_ncbi_taxonomy_id     562 
_entity_src_gen.host_org_genus                     Escherichia 
_entity_src_gen.pdbx_host_org_gene                 ? 
_entity_src_gen.pdbx_host_org_organ                ? 
_entity_src_gen.host_org_species                   ? 
_entity_src_gen.pdbx_host_org_tissue               ? 
_entity_src_gen.pdbx_host_org_tissue_fraction      ? 
_entity_src_gen.pdbx_host_org_strain               ? 
_entity_src_gen.pdbx_host_org_variant              ? 
_entity_src_gen.pdbx_host_org_cell_line            ? 
_entity_src_gen.pdbx_host_org_atcc                 ? 
_entity_src_gen.pdbx_host_org_culture_collection   ? 
_entity_src_gen.pdbx_host_org_cell                 ? 
_entity_src_gen.pdbx_host_org_organelle            ? 
_entity_src_gen.pdbx_host_org_cellular_location    ? 
_entity_src_gen.pdbx_host_org_vector_type          ? 
_entity_src_gen.pdbx_host_org_vector               ? 
_entity_src_gen.host_org_details                   ? 
_entity_src_gen.expression_system_id               ? 
_entity_src_gen.plasmid_name                       'PRC23IN(52-207)' 
_entity_src_gen.plasmid_details                    ? 
_entity_src_gen.pdbx_description                   ? 
# 
loop_
_chem_comp.id 
_chem_comp.type 
_chem_comp.mon_nstd_flag 
_chem_comp.name 
_chem_comp.pdbx_synonyms 
_chem_comp.formula 
_chem_comp.formula_weight 
ALA 'L-peptide linking' y ALANINE         ?                               'C3 H7 N O2'     89.093  
ARG 'L-peptide linking' y ARGININE        ?                               'C6 H15 N4 O2 1' 175.209 
ASN 'L-peptide linking' y ASPARAGINE      ?                               'C4 H8 N2 O3'    132.118 
ASP 'L-peptide linking' y 'ASPARTIC ACID' ?                               'C4 H7 N O4'     133.103 
CIT non-polymer         . 'CITRIC ACID'   ?                               'C6 H8 O7'       192.124 
CYS 'L-peptide linking' y CYSTEINE        ?                               'C3 H7 N O2 S'   121.158 
GLN 'L-peptide linking' y GLUTAMINE       ?                               'C5 H10 N2 O3'   146.144 
GLU 'L-peptide linking' y 'GLUTAMIC ACID' ?                               'C5 H9 N O4'     147.129 
GLY 'peptide linking'   y GLYCINE         ?                               'C2 H5 N O2'     75.067  
GOL non-polymer         . GLYCEROL        'GLYCERIN; PROPANE-1,2,3-TRIOL' 'C3 H8 O3'       92.094  
HIS 'L-peptide linking' y HISTIDINE       ?                               'C6 H10 N3 O2 1' 156.162 
HOH non-polymer         . WATER           ?                               'H2 O'           18.015  
ILE 'L-peptide linking' y ISOLEUCINE      ?                               'C6 H13 N O2'    131.173 
LEU 'L-peptide linking' y LEUCINE         ?                               'C6 H13 N O2'    131.173 
LYS 'L-peptide linking' y LYSINE          ?                               'C6 H15 N2 O2 1' 147.195 
MET 'L-peptide linking' y METHIONINE      ?                               'C5 H11 N O2 S'  149.211 
PHE 'L-peptide linking' y PHENYLALANINE   ?                               'C9 H11 N O2'    165.189 
PRO 'L-peptide linking' y PROLINE         ?                               'C5 H9 N O2'     115.130 
SER 'L-peptide linking' y SERINE          ?                               'C3 H7 N O3'     105.093 
THR 'L-peptide linking' y THREONINE       ?                               'C4 H9 N O3'     119.119 
TRP 'L-peptide linking' y TRYPTOPHAN      ?                               'C11 H12 N2 O2'  204.225 
TYR 'L-peptide linking' y TYROSINE        ?                               'C9 H11 N O3'    181.189 
VAL 'L-peptide linking' y VALINE          ?                               'C5 H11 N O2'    117.146 
# 
loop_
_pdbx_poly_seq_scheme.asym_id 
_pdbx_poly_seq_scheme.entity_id 
_pdbx_poly_seq_scheme.seq_id 
_pdbx_poly_seq_scheme.mon_id 
_pdbx_poly_seq_scheme.ndb_seq_num 
_pdbx_poly_seq_scheme.pdb_seq_num 
_pdbx_poly_seq_scheme.auth_seq_num 
_pdbx_poly_seq_scheme.pdb_mon_id 
_pdbx_poly_seq_scheme.auth_mon_id 
_pdbx_poly_seq_scheme.pdb_strand_id 
_pdbx_poly_seq_scheme.pdb_ins_code 
_pdbx_poly_seq_scheme.hetero 
A 1 1   PRO 1   48  ?   ?   ?   A . n 
A 1 2   LEU 2   49  ?   ?   ?   A . n 
A 1 3   ARG 3   50  ?   ?   ?   A . n 
A 1 4   GLU 4   51  ?   ?   ?   A . n 
A 1 5   GLY 5   52  ?   ?   ?   A . n 
A 1 6   ARG 6   53  ?   ?   ?   A . n 
A 1 7   GLY 7   54  ?   ?   ?   A . n 
A 1 8   LEU 8   55  ?   ?   ?   A . n 
A 1 9   GLY 9   56  56  GLY GLY A . n 
A 1 10  PRO 10  57  57  PRO PRO A . n 
A 1 11  LEU 11  58  58  LEU LEU A . n 
A 1 12  GLN 12  59  59  GLN GLN A . n 
A 1 13  ILE 13  60  60  ILE ILE A . n 
A 1 14  TRP 14  61  61  TRP TRP A . n 
A 1 15  GLN 15  62  62  GLN GLN A . n 
A 1 16  THR 16  63  63  THR THR A . n 
A 1 17  ASP 17  64  64  ASP ASP A . n 
A 1 18  PHE 18  65  65  PHE PHE A . n 
A 1 19  THR 19  66  66  THR THR A . n 
A 1 20  LEU 20  67  67  LEU LEU A . n 
A 1 21  GLU 21  68  68  GLU GLU A . n 
A 1 22  PRO 22  69  69  PRO PRO A . n 
A 1 23  ARG 23  70  70  ARG ARG A . n 
A 1 24  MET 24  71  71  MET MET A . n 
A 1 25  ALA 25  72  72  ALA ALA A . n 
A 1 26  PRO 26  73  73  PRO PRO A . n 
A 1 27  ARG 27  74  74  ARG ARG A . n 
A 1 28  SER 28  75  75  SER SER A . n 
A 1 29  TRP 29  76  76  TRP TRP A . n 
A 1 30  LEU 30  77  77  LEU LEU A . n 
A 1 31  ALA 31  78  78  ALA ALA A . n 
A 1 32  VAL 32  79  79  VAL VAL A . n 
A 1 33  THR 33  80  80  THR THR A . n 
A 1 34  VAL 34  81  81  VAL VAL A . n 
A 1 35  ASP 35  82  82  ASP ASP A . n 
A 1 36  THR 36  83  83  THR THR A . n 
A 1 37  ALA 37  84  84  ALA ALA A . n 
A 1 38  SER 38  85  85  SER SER A . n 
A 1 39  SER 39  86  86  SER SER A . n 
A 1 40  ALA 40  87  87  ALA ALA A . n 
A 1 41  ILE 41  88  88  ILE ILE A . n 
A 1 42  VAL 42  89  89  VAL VAL A . n 
A 1 43  VAL 43  90  90  VAL VAL A . n 
A 1 44  THR 44  91  91  THR THR A . n 
A 1 45  GLN 45  92  92  GLN GLN A . n 
A 1 46  HIS 46  93  93  HIS HIS A . n 
A 1 47  GLY 47  94  94  GLY GLY A . n 
A 1 48  ARG 48  95  95  ARG ARG A . n 
A 1 49  VAL 49  96  96  VAL VAL A . n 
A 1 50  THR 50  97  97  THR THR A . n 
A 1 51  SER 51  98  98  SER SER A . n 
A 1 52  VAL 52  99  99  VAL VAL A . n 
A 1 53  ALA 53  100 100 ALA ALA A . n 
A 1 54  ALA 54  101 101 ALA ALA A . n 
A 1 55  GLN 55  102 102 GLN GLN A . n 
A 1 56  HIS 56  103 103 HIS HIS A . n 
A 1 57  HIS 57  104 104 HIS HIS A . n 
A 1 58  TRP 58  105 105 TRP TRP A . n 
A 1 59  ALA 59  106 106 ALA ALA A . n 
A 1 60  THR 60  107 107 THR THR A . n 
A 1 61  ALA 61  108 108 ALA ALA A . n 
A 1 62  ILE 62  109 109 ILE ILE A . n 
A 1 63  ALA 63  110 110 ALA ALA A . n 
A 1 64  VAL 64  111 111 VAL VAL A . n 
A 1 65  LEU 65  112 112 LEU LEU A . n 
A 1 66  GLY 66  113 113 GLY GLY A . n 
A 1 67  ARG 67  114 114 ARG ARG A . n 
A 1 68  PRO 68  115 115 PRO PRO A . n 
A 1 69  LYS 69  116 116 LYS LYS A . n 
A 1 70  ALA 70  117 117 ALA ALA A . n 
A 1 71  ILE 71  118 118 ILE ILE A . n 
A 1 72  LYS 72  119 119 LYS LYS A . n 
A 1 73  THR 73  120 120 THR THR A . n 
A 1 74  ASP 74  121 121 ASP ASP A . n 
A 1 75  ASN 75  122 122 ASN ASN A . n 
A 1 76  GLY 76  123 123 GLY GLY A . n 
A 1 77  SER 77  124 124 SER SER A . n 
A 1 78  CYS 78  125 125 CYS CYS A . n 
A 1 79  PHE 79  126 126 PHE PHE A . n 
A 1 80  THR 80  127 127 THR THR A . n 
A 1 81  SER 81  128 128 SER SER A . n 
A 1 82  LYS 82  129 129 LYS LYS A . n 
A 1 83  SER 83  130 130 SER SER A . n 
A 1 84  THR 84  131 131 THR THR A . n 
A 1 85  ARG 85  132 132 ARG ARG A . n 
A 1 86  GLU 86  133 133 GLU GLU A . n 
A 1 87  TRP 87  134 134 TRP TRP A . n 
A 1 88  LEU 88  135 135 LEU LEU A . n 
A 1 89  ALA 89  136 136 ALA ALA A . n 
A 1 90  ARG 90  137 137 ARG ARG A . n 
A 1 91  TRP 91  138 138 TRP TRP A . n 
A 1 92  GLY 92  139 139 GLY GLY A . n 
A 1 93  ILE 93  140 140 ILE ILE A . n 
A 1 94  ALA 94  141 141 ALA ALA A . n 
A 1 95  HIS 95  142 142 HIS HIS A . n 
A 1 96  THR 96  143 143 THR THR A . n 
A 1 97  THR 97  144 144 THR THR A . n 
A 1 98  GLY 98  145 145 GLY GLY A . n 
A 1 99  ILE 99  146 146 ILE ILE A . n 
A 1 100 PRO 100 147 147 PRO PRO A . n 
A 1 101 GLY 101 148 148 GLY GLY A . n 
A 1 102 ASN 102 149 149 ASN ASN A . n 
A 1 103 SER 103 150 150 SER SER A . n 
A 1 104 GLN 104 151 151 GLN GLN A . n 
A 1 105 GLY 105 152 152 GLY GLY A . n 
A 1 106 GLN 106 153 153 GLN GLN A . n 
A 1 107 ALA 107 154 154 ALA ALA A . n 
A 1 108 MET 108 155 155 MET MET A . n 
A 1 109 VAL 109 156 156 VAL VAL A . n 
A 1 110 GLU 110 157 157 GLU GLU A . n 
A 1 111 ARG 111 158 158 ARG ARG A . n 
A 1 112 ALA 112 159 159 ALA ALA A . n 
A 1 113 ASN 113 160 160 ASN ASN A . n 
A 1 114 ARG 114 161 161 ARG ARG A . n 
A 1 115 LEU 115 162 162 LEU LEU A . n 
A 1 116 LEU 116 163 163 LEU LEU A . n 
A 1 117 LYS 117 164 164 LYS LYS A . n 
A 1 118 ASP 118 165 165 ASP ASP A . n 
A 1 119 LYS 119 166 166 LYS LYS A . n 
A 1 120 ILE 120 167 167 ILE ILE A . n 
A 1 121 ARG 121 168 168 ARG ARG A . n 
A 1 122 VAL 122 169 169 VAL VAL A . n 
A 1 123 LEU 123 170 170 LEU LEU A . n 
A 1 124 ALA 124 171 171 ALA ALA A . n 
A 1 125 GLU 125 172 172 GLU GLU A . n 
A 1 126 GLY 126 173 173 GLY GLY A . n 
A 1 127 ASP 127 174 174 ASP ASP A . n 
A 1 128 GLY 128 175 175 GLY GLY A . n 
A 1 129 PHE 129 176 176 PHE PHE A . n 
A 1 130 MET 130 177 177 MET MET A . n 
A 1 131 LYS 131 178 178 LYS LYS A . n 
A 1 132 ARG 132 179 179 ARG ARG A . n 
A 1 133 ILE 133 180 180 ILE ILE A . n 
A 1 134 PRO 134 181 181 PRO PRO A . n 
A 1 135 THR 135 182 182 THR THR A . n 
A 1 136 SER 136 183 183 SER SER A . n 
A 1 137 LYS 137 184 184 LYS LYS A . n 
A 1 138 GLN 138 185 185 GLN GLN A . n 
A 1 139 GLY 139 186 186 GLY GLY A . n 
A 1 140 GLU 140 187 187 GLU GLU A . n 
A 1 141 LEU 141 188 188 LEU LEU A . n 
A 1 142 LEU 142 189 189 LEU LEU A . n 
A 1 143 ALA 143 190 190 ALA ALA A . n 
A 1 144 LYS 144 191 191 LYS LYS A . n 
A 1 145 ALA 145 192 192 ALA ALA A . n 
A 1 146 MET 146 193 193 MET MET A . n 
A 1 147 TYR 147 194 194 TYR TYR A . n 
A 1 148 ALA 148 195 195 ALA ALA A . n 
A 1 149 LEU 149 196 196 LEU LEU A . n 
A 1 150 ASN 150 197 197 ASN ASN A . n 
A 1 151 HIS 151 198 198 HIS HIS A . n 
A 1 152 PHE 152 199 ?   ?   ?   A . n 
A 1 153 GLU 153 200 ?   ?   ?   A . n 
A 1 154 ARG 154 201 ?   ?   ?   A . n 
A 1 155 GLY 155 202 ?   ?   ?   A . n 
A 1 156 GLU 156 203 ?   ?   ?   A . n 
A 1 157 ASN 157 204 ?   ?   ?   A . n 
A 1 158 THR 158 205 ?   ?   ?   A . n 
A 1 159 LYS 159 206 ?   ?   ?   A . n 
A 1 160 THR 160 207 ?   ?   ?   A . n 
A 1 161 ASN 161 208 ?   ?   ?   A . n 
A 1 162 LEU 162 209 ?   ?   ?   A . n 
# 
loop_
_pdbx_nonpoly_scheme.asym_id 
_pdbx_nonpoly_scheme.entity_id 
_pdbx_nonpoly_scheme.mon_id 
_pdbx_nonpoly_scheme.ndb_seq_num 
_pdbx_nonpoly_scheme.pdb_seq_num 
_pdbx_nonpoly_scheme.auth_seq_num 
_pdbx_nonpoly_scheme.pdb_mon_id 
_pdbx_nonpoly_scheme.auth_mon_id 
_pdbx_nonpoly_scheme.pdb_strand_id 
_pdbx_nonpoly_scheme.pdb_ins_code 
B 2 CIT 1   300 300 CIT CIT A . 
C 3 GOL 1   299 299 GOL GOL A . 
D 4 HOH 1   401 401 HOH HOH A . 
D 4 HOH 2   402 402 HOH HOH A . 
D 4 HOH 3   403 403 HOH HOH A . 
D 4 HOH 4   404 404 HOH HOH A . 
D 4 HOH 5   405 405 HOH HOH A . 
D 4 HOH 6   406 406 HOH HOH A . 
D 4 HOH 7   407 407 HOH HOH A . 
D 4 HOH 8   408 408 HOH HOH A . 
D 4 HOH 9   409 409 HOH HOH A . 
D 4 HOH 10  410 410 HOH HOH A . 
D 4 HOH 11  411 411 HOH HOH A . 
D 4 HOH 12  412 412 HOH HOH A . 
D 4 HOH 13  413 413 HOH HOH A . 
D 4 HOH 14  414 414 HOH HOH A . 
D 4 HOH 15  415 415 HOH HOH A . 
D 4 HOH 16  416 416 HOH HOH A . 
D 4 HOH 17  417 417 HOH HOH A . 
D 4 HOH 18  418 418 HOH HOH A . 
D 4 HOH 19  419 419 HOH HOH A . 
D 4 HOH 20  420 420 HOH HOH A . 
D 4 HOH 21  421 421 HOH HOH A . 
D 4 HOH 22  422 422 HOH HOH A . 
D 4 HOH 23  423 423 HOH HOH A . 
D 4 HOH 24  424 424 HOH HOH A . 
D 4 HOH 25  425 425 HOH HOH A . 
D 4 HOH 26  426 426 HOH HOH A . 
D 4 HOH 27  427 427 HOH HOH A . 
D 4 HOH 28  428 428 HOH HOH A . 
D 4 HOH 29  429 429 HOH HOH A . 
D 4 HOH 30  430 430 HOH HOH A . 
D 4 HOH 31  431 431 HOH HOH A . 
D 4 HOH 32  432 432 HOH HOH A . 
D 4 HOH 33  433 433 HOH HOH A . 
D 4 HOH 34  434 434 HOH HOH A . 
D 4 HOH 35  435 435 HOH HOH A . 
D 4 HOH 36  436 436 HOH HOH A . 
D 4 HOH 37  437 437 HOH HOH A . 
D 4 HOH 38  438 438 HOH HOH A . 
D 4 HOH 39  439 439 HOH HOH A . 
D 4 HOH 40  440 440 HOH HOH A . 
D 4 HOH 41  441 441 HOH HOH A . 
D 4 HOH 42  442 442 HOH HOH A . 
D 4 HOH 43  443 443 HOH HOH A . 
D 4 HOH 44  444 444 HOH HOH A . 
D 4 HOH 45  445 445 HOH HOH A . 
D 4 HOH 46  446 446 HOH HOH A . 
D 4 HOH 47  447 447 HOH HOH A . 
D 4 HOH 48  448 448 HOH HOH A . 
D 4 HOH 49  449 449 HOH HOH A . 
D 4 HOH 50  450 450 HOH HOH A . 
D 4 HOH 51  451 451 HOH HOH A . 
D 4 HOH 52  452 452 HOH HOH A . 
D 4 HOH 53  453 453 HOH HOH A . 
D 4 HOH 54  454 454 HOH HOH A . 
D 4 HOH 55  455 455 HOH HOH A . 
D 4 HOH 56  456 456 HOH HOH A . 
D 4 HOH 57  457 457 HOH HOH A . 
D 4 HOH 58  458 458 HOH HOH A . 
D 4 HOH 59  459 459 HOH HOH A . 
D 4 HOH 60  460 460 HOH HOH A . 
D 4 HOH 61  461 461 HOH HOH A . 
D 4 HOH 62  462 462 HOH HOH A . 
D 4 HOH 63  463 463 HOH HOH A . 
D 4 HOH 64  464 464 HOH HOH A . 
D 4 HOH 65  465 465 HOH HOH A . 
D 4 HOH 66  466 466 HOH HOH A . 
D 4 HOH 67  467 467 HOH HOH A . 
D 4 HOH 68  468 468 HOH HOH A . 
D 4 HOH 69  469 469 HOH HOH A . 
D 4 HOH 70  470 470 HOH HOH A . 
D 4 HOH 71  471 471 HOH HOH A . 
D 4 HOH 72  472 472 HOH HOH A . 
D 4 HOH 73  473 473 HOH HOH A . 
D 4 HOH 74  474 474 HOH HOH A . 
D 4 HOH 75  475 475 HOH HOH A . 
D 4 HOH 76  476 476 HOH HOH A . 
D 4 HOH 77  477 477 HOH HOH A . 
D 4 HOH 78  478 478 HOH HOH A . 
D 4 HOH 79  479 479 HOH HOH A . 
D 4 HOH 80  480 480 HOH HOH A . 
D 4 HOH 81  481 481 HOH HOH A . 
D 4 HOH 82  482 482 HOH HOH A . 
D 4 HOH 83  483 483 HOH HOH A . 
D 4 HOH 84  487 487 HOH HOH A . 
D 4 HOH 85  489 489 HOH HOH A . 
D 4 HOH 86  490 490 HOH HOH A . 
D 4 HOH 87  493 493 HOH HOH A . 
D 4 HOH 88  497 497 HOH HOH A . 
D 4 HOH 89  499 499 HOH HOH A . 
D 4 HOH 90  501 501 HOH HOH A . 
D 4 HOH 91  502 502 HOH HOH A . 
D 4 HOH 92  504 504 HOH HOH A . 
D 4 HOH 93  505 505 HOH HOH A . 
D 4 HOH 94  506 506 HOH HOH A . 
D 4 HOH 95  508 508 HOH HOH A . 
D 4 HOH 96  510 510 HOH HOH A . 
D 4 HOH 97  520 520 HOH HOH A . 
D 4 HOH 98  531 531 HOH HOH A . 
D 4 HOH 99  532 532 HOH HOH A . 
D 4 HOH 100 533 533 HOH HOH A . 
D 4 HOH 101 538 538 HOH HOH A . 
D 4 HOH 102 546 546 HOH HOH A . 
D 4 HOH 103 601 601 HOH HOH A . 
D 4 HOH 104 602 602 HOH HOH A . 
D 4 HOH 105 603 603 HOH HOH A . 
D 4 HOH 106 604 604 HOH HOH A . 
D 4 HOH 107 605 605 HOH HOH A . 
D 4 HOH 108 606 606 HOH HOH A . 
D 4 HOH 109 607 607 HOH HOH A . 
D 4 HOH 110 608 608 HOH HOH A . 
D 4 HOH 111 609 609 HOH HOH A . 
D 4 HOH 112 610 610 HOH HOH A . 
D 4 HOH 113 611 611 HOH HOH A . 
D 4 HOH 114 612 612 HOH HOH A . 
D 4 HOH 115 613 613 HOH HOH A . 
D 4 HOH 116 614 614 HOH HOH A . 
D 4 HOH 117 615 615 HOH HOH A . 
D 4 HOH 118 616 616 HOH HOH A . 
D 4 HOH 119 617 617 HOH HOH A . 
D 4 HOH 120 618 618 HOH HOH A . 
D 4 HOH 121 619 619 HOH HOH A . 
D 4 HOH 122 620 620 HOH HOH A . 
D 4 HOH 123 621 621 HOH HOH A . 
D 4 HOH 124 622 622 HOH HOH A . 
D 4 HOH 125 623 623 HOH HOH A . 
D 4 HOH 126 624 624 HOH HOH A . 
D 4 HOH 127 625 625 HOH HOH A . 
D 4 HOH 128 626 626 HOH HOH A . 
D 4 HOH 129 627 627 HOH HOH A . 
D 4 HOH 130 628 628 HOH HOH A . 
D 4 HOH 131 629 629 HOH HOH A . 
D 4 HOH 132 630 630 HOH HOH A . 
D 4 HOH 133 631 631 HOH HOH A . 
D 4 HOH 134 632 632 HOH HOH A . 
D 4 HOH 135 633 633 HOH HOH A . 
D 4 HOH 136 634 634 HOH HOH A . 
D 4 HOH 137 635 635 HOH HOH A . 
D 4 HOH 138 636 636 HOH HOH A . 
D 4 HOH 139 637 637 HOH HOH A . 
D 4 HOH 140 638 638 HOH HOH A . 
D 4 HOH 141 639 639 HOH HOH A . 
D 4 HOH 142 640 640 HOH HOH A . 
D 4 HOH 143 641 641 HOH HOH A . 
D 4 HOH 144 642 642 HOH HOH A . 
D 4 HOH 145 643 643 HOH HOH A . 
D 4 HOH 146 644 644 HOH HOH A . 
D 4 HOH 147 645 645 HOH HOH A . 
D 4 HOH 148 646 646 HOH HOH A . 
D 4 HOH 149 647 647 HOH HOH A . 
D 4 HOH 150 648 648 HOH HOH A . 
D 4 HOH 151 649 649 HOH HOH A . 
D 4 HOH 152 650 650 HOH HOH A . 
D 4 HOH 153 651 651 HOH HOH A . 
D 4 HOH 154 652 652 HOH HOH A . 
D 4 HOH 155 653 653 HOH HOH A . 
D 4 HOH 156 654 654 HOH HOH A . 
D 4 HOH 157 655 655 HOH HOH A . 
D 4 HOH 158 656 656 HOH HOH A . 
D 4 HOH 159 657 657 HOH HOH A . 
D 4 HOH 160 658 658 HOH HOH A . 
D 4 HOH 161 659 659 HOH HOH A . 
D 4 HOH 162 660 660 HOH HOH A . 
D 4 HOH 163 661 661 HOH HOH A . 
D 4 HOH 164 662 662 HOH HOH A . 
D 4 HOH 165 663 663 HOH HOH A . 
D 4 HOH 166 664 664 HOH HOH A . 
D 4 HOH 167 665 665 HOH HOH A . 
D 4 HOH 168 666 666 HOH HOH A . 
D 4 HOH 169 667 667 HOH HOH A . 
D 4 HOH 170 668 668 HOH HOH A . 
D 4 HOH 171 669 669 HOH HOH A . 
D 4 HOH 172 670 670 HOH HOH A . 
D 4 HOH 173 671 671 HOH HOH A . 
D 4 HOH 174 672 672 HOH HOH A . 
D 4 HOH 175 673 673 HOH HOH A . 
D 4 HOH 176 674 674 HOH HOH A . 
D 4 HOH 177 675 675 HOH HOH A . 
D 4 HOH 178 676 676 HOH HOH A . 
D 4 HOH 179 677 677 HOH HOH A . 
D 4 HOH 180 678 678 HOH HOH A . 
D 4 HOH 181 679 679 HOH HOH A . 
D 4 HOH 182 680 680 HOH HOH A . 
D 4 HOH 183 681 681 HOH HOH A . 
D 4 HOH 184 682 682 HOH HOH A . 
D 4 HOH 185 683 683 HOH HOH A . 
D 4 HOH 186 684 684 HOH HOH A . 
D 4 HOH 187 685 685 HOH HOH A . 
D 4 HOH 188 686 686 HOH HOH A . 
D 4 HOH 189 687 687 HOH HOH A . 
D 4 HOH 190 688 688 HOH HOH A . 
D 4 HOH 191 689 689 HOH HOH A . 
D 4 HOH 192 690 690 HOH HOH A . 
D 4 HOH 193 691 691 HOH HOH A . 
D 4 HOH 194 692 692 HOH HOH A . 
D 4 HOH 195 693 693 HOH HOH A . 
D 4 HOH 196 694 694 HOH HOH A . 
D 4 HOH 197 695 695 HOH HOH A . 
D 4 HOH 198 696 696 HOH HOH A . 
D 4 HOH 199 697 697 HOH HOH A . 
D 4 HOH 200 698 698 HOH HOH A . 
D 4 HOH 201 699 699 HOH HOH A . 
D 4 HOH 202 700 700 HOH HOH A . 
D 4 HOH 203 701 701 HOH HOH A . 
# 
loop_
_pdbx_unobs_or_zero_occ_atoms.id 
_pdbx_unobs_or_zero_occ_atoms.PDB_model_num 
_pdbx_unobs_or_zero_occ_atoms.polymer_flag 
_pdbx_unobs_or_zero_occ_atoms.occupancy_flag 
_pdbx_unobs_or_zero_occ_atoms.auth_asym_id 
_pdbx_unobs_or_zero_occ_atoms.auth_comp_id 
_pdbx_unobs_or_zero_occ_atoms.auth_seq_id 
_pdbx_unobs_or_zero_occ_atoms.PDB_ins_code 
_pdbx_unobs_or_zero_occ_atoms.auth_atom_id 
_pdbx_unobs_or_zero_occ_atoms.label_alt_id 
_pdbx_unobs_or_zero_occ_atoms.label_asym_id 
_pdbx_unobs_or_zero_occ_atoms.label_comp_id 
_pdbx_unobs_or_zero_occ_atoms.label_seq_id 
_pdbx_unobs_or_zero_occ_atoms.label_atom_id 
1  1 Y 0 A ARG 95  ? CG  ? A ARG 48 CG  
2  1 Y 0 A ARG 95  ? CD  ? A ARG 48 CD  
3  1 Y 0 A ARG 95  ? NE  ? A ARG 48 NE  
4  1 Y 0 A ARG 95  ? CZ  ? A ARG 48 CZ  
5  1 Y 0 A ARG 95  ? NH1 ? A ARG 48 NH1 
6  1 Y 0 A ARG 95  ? NH2 ? A ARG 48 NH2 
7  1 Y 0 A LYS 129 ? CG  ? A LYS 82 CG  
8  1 Y 0 A LYS 129 ? CD  ? A LYS 82 CD  
9  1 Y 0 A LYS 129 ? CE  ? A LYS 82 CE  
10 1 Y 0 A LYS 129 ? NZ  ? A LYS 82 NZ  
11 1 Y 0 A ARG 132 ? NE  ? A ARG 85 NE  
12 1 Y 0 A ARG 132 ? CZ  ? A ARG 85 CZ  
13 1 Y 0 A ARG 132 ? NH1 ? A ARG 85 NH1 
14 1 Y 0 A ARG 132 ? NH2 ? A ARG 85 NH2 
# 
loop_
_software.name 
_software.classification 
_software.version 
_software.citation_id 
_software.pdbx_ordinal 
X-PLOR    'model building' . ? 1 
SHELXL-97 refinement       . ? 2 
DENZO     'data reduction' . ? 3 
SCALEPACK 'data scaling'   . ? 4 
X-PLOR    phasing          . ? 5 
# 
_cell.entry_id           1CXU 
_cell.length_a           66.177 
_cell.length_b           66.177 
_cell.length_c           78.730 
_cell.angle_alpha        90.00 
_cell.angle_beta         90.00 
_cell.angle_gamma        90.00 
_cell.Z_PDB              8 
_cell.pdbx_unique_axis   ? 
# 
_symmetry.entry_id                         1CXU 
_symmetry.space_group_name_H-M             'P 43 21 2' 
_symmetry.pdbx_full_space_group_name_H-M   ? 
_symmetry.cell_setting                     ? 
_symmetry.Int_Tables_number                96 
# 
_exptl.entry_id          1CXU 
_exptl.method            'X-RAY DIFFRACTION' 
_exptl.crystals_number   1 
# 
_exptl_crystal.id                    1 
_exptl_crystal.density_meas          ? 
_exptl_crystal.density_Matthews      2 
_exptl_crystal.density_percent_sol   49.02 
_exptl_crystal.description           ? 
# 
_exptl_crystal_grow.crystal_id      1 
_exptl_crystal_grow.method          'VAPOR DIFFUSION, HANGING DROP' 
_exptl_crystal_grow.temp            277 
_exptl_crystal_grow.temp_details    ? 
_exptl_crystal_grow.pH              6.2 
_exptl_crystal_grow.pdbx_details    
'20% PEG 4000, 10% ISOPROPANOL, 100 MM CITRATE, PH 6.2, VAPOR DIFFUSION, HANGING DROP, temperature 277K' 
_exptl_crystal_grow.pdbx_pH_range   . 
# 
_diffrn.id                     1 
_diffrn.ambient_temp           100 
_diffrn.ambient_temp_details   ? 
_diffrn.crystal_id             1 
# 
_diffrn_detector.diffrn_id              1 
_diffrn_detector.detector               'IMAGE PLATE' 
_diffrn_detector.type                   MARRESEARCH 
_diffrn_detector.pdbx_collection_date   1998-01-31 
_diffrn_detector.details                ? 
# 
_diffrn_radiation.diffrn_id                        1 
_diffrn_radiation.wavelength_id                    1 
_diffrn_radiation.pdbx_monochromatic_or_laue_m_l   M 
_diffrn_radiation.monochromator                    ? 
_diffrn_radiation.pdbx_diffrn_protocol             'SINGLE WAVELENGTH' 
_diffrn_radiation.pdbx_scattering_type             x-ray 
# 
_diffrn_radiation_wavelength.id           1 
_diffrn_radiation_wavelength.wavelength   0.98 
_diffrn_radiation_wavelength.wt           1.0 
# 
_diffrn_source.diffrn_id                   1 
_diffrn_source.source                      SYNCHROTRON 
_diffrn_source.type                        'NSLS BEAMLINE X9B' 
_diffrn_source.pdbx_synchrotron_site       NSLS 
_diffrn_source.pdbx_synchrotron_beamline   X9B 
_diffrn_source.pdbx_wavelength             0.98 
_diffrn_source.pdbx_wavelength_list        ? 
# 
_reflns.entry_id                     1CXU 
_reflns.observed_criterion_sigma_I   ? 
_reflns.observed_criterion_sigma_F   -3 
_reflns.d_resolution_low             13.0 
_reflns.d_resolution_high            1.42 
_reflns.number_obs                   34287 
_reflns.number_all                   34367 
_reflns.percent_possible_obs         99.0 
_reflns.pdbx_Rmerge_I_obs            0.046 
_reflns.pdbx_Rsym_value              ? 
_reflns.pdbx_netI_over_sigmaI        15.7 
_reflns.B_iso_Wilson_estimate        19.9 
_reflns.pdbx_redundancy              5.55 
_reflns.R_free_details               ? 
_reflns.limit_h_max                  ? 
_reflns.limit_h_min                  ? 
_reflns.limit_k_max                  ? 
_reflns.limit_k_min                  ? 
_reflns.limit_l_max                  ? 
_reflns.limit_l_min                  ? 
_reflns.observed_criterion_F_max     ? 
_reflns.observed_criterion_F_min     ? 
_reflns.pdbx_ordinal                 1 
_reflns.pdbx_diffrn_id               1 
# 
_reflns_shell.d_res_high             1.42 
_reflns_shell.d_res_low              1.47 
_reflns_shell.percent_possible_all   98.9 
_reflns_shell.Rmerge_I_obs           0.050 
_reflns_shell.pdbx_Rsym_value        ? 
_reflns_shell.meanI_over_sigI_obs    ? 
_reflns_shell.pdbx_redundancy        4.3 
_reflns_shell.percent_possible_obs   ? 
_reflns_shell.number_unique_all      ? 
_reflns_shell.pdbx_ordinal           1 
_reflns_shell.pdbx_diffrn_id         1 
# 
_refine.entry_id                                 1CXU 
_refine.ls_number_reflns_obs                     34287 
_refine.ls_number_reflns_all                     34287 
_refine.pdbx_ls_sigma_I                          ? 
_refine.pdbx_ls_sigma_F                          0.0 
_refine.pdbx_data_cutoff_high_absF               ? 
_refine.pdbx_data_cutoff_low_absF                ? 
_refine.pdbx_data_cutoff_high_rms_absF           ? 
_refine.ls_d_res_low                             10.00 
_refine.ls_d_res_high                            1.42 
_refine.ls_percent_reflns_obs                    99.1 
_refine.ls_R_factor_obs                          0.187 
_refine.ls_R_factor_all                          0.187 
_refine.ls_R_factor_R_work                       0.187 
_refine.ls_R_factor_R_free                       0.2214 
_refine.ls_R_factor_R_free_error                 ? 
_refine.ls_R_factor_R_free_error_details         ? 
_refine.ls_percent_reflns_R_free                 ? 
_refine.ls_number_reflns_R_free                  1142 
_refine.ls_number_parameters                     536 
_refine.ls_number_restraints                     467 
_refine.occupancy_min                            ? 
_refine.occupancy_max                            ? 
_refine.B_iso_mean                               ? 
_refine.aniso_B[1][1]                            ? 
_refine.aniso_B[2][2]                            ? 
_refine.aniso_B[3][3]                            ? 
_refine.aniso_B[1][2]                            ? 
_refine.aniso_B[1][3]                            ? 
_refine.aniso_B[2][3]                            ? 
_refine.solvent_model_details                    ? 
_refine.solvent_model_param_ksol                 ? 
_refine.solvent_model_param_bsol                 ? 
_refine.pdbx_ls_cross_valid_method               ? 
_refine.details                                  ? 
_refine.pdbx_starting_model                      ? 
_refine.pdbx_method_to_determine_struct          ? 
_refine.pdbx_isotropic_thermal_model             ? 
_refine.pdbx_stereochemistry_target_values       'ENGH AND HUBER' 
_refine.pdbx_stereochem_target_val_spec_case     ? 
_refine.pdbx_R_Free_selection_details            RANDOM 
_refine.pdbx_overall_ESU_R                       ? 
_refine.pdbx_overall_ESU_R_Free                  ? 
_refine.overall_SU_ML                            ? 
_refine.overall_SU_B                             ? 
_refine.ls_redundancy_reflns_obs                 ? 
_refine.B_iso_min                                ? 
_refine.B_iso_max                                ? 
_refine.pdbx_refine_id                           'X-RAY DIFFRACTION' 
_refine.pdbx_diffrn_id                           1 
_refine.pdbx_TLS_residual_ADP_flag               ? 
_refine.correlation_coeff_Fo_to_Fc               ? 
_refine.correlation_coeff_Fo_to_Fc_free          ? 
_refine.pdbx_solvent_vdw_probe_radii             ? 
_refine.pdbx_solvent_ion_probe_radii             ? 
_refine.pdbx_solvent_shrinkage_radii             ? 
_refine.pdbx_overall_phase_error                 ? 
_refine.overall_SU_R_Cruickshank_DPI             ? 
_refine.pdbx_overall_SU_R_free_Cruickshank_DPI   ? 
_refine.pdbx_overall_SU_R_Blow_DPI               ? 
_refine.pdbx_overall_SU_R_free_Blow_DPI          ? 
# 
_refine_analyze.entry_id                        1CXU 
_refine_analyze.Luzzati_coordinate_error_obs    ? 
_refine_analyze.Luzzati_sigma_a_obs             ? 
_refine_analyze.Luzzati_d_res_low_obs           ? 
_refine_analyze.Luzzati_coordinate_error_free   ? 
_refine_analyze.Luzzati_sigma_a_free            ? 
_refine_analyze.Luzzati_d_res_low_free          ? 
_refine_analyze.number_disordered_residues      ? 
_refine_analyze.occupancy_sum_hydrogen          0. 
_refine_analyze.occupancy_sum_non_hydrogen      1308. 
_refine_analyze.pdbx_Luzzati_d_res_high_obs     ? 
_refine_analyze.pdbx_refine_id                  'X-RAY DIFFRACTION' 
# 
_refine_hist.pdbx_refine_id                   'X-RAY DIFFRACTION' 
_refine_hist.cycle_id                         LAST 
_refine_hist.pdbx_number_atoms_protein        1101 
_refine_hist.pdbx_number_atoms_nucleic_acid   0 
_refine_hist.pdbx_number_atoms_ligand         19 
_refine_hist.number_atoms_solvent             203 
_refine_hist.number_atoms_total               1323 
_refine_hist.d_res_high                       1.42 
_refine_hist.d_res_low                        10.00 
# 
loop_
_refine_ls_restr.type 
_refine_ls_restr.dev_ideal 
_refine_ls_restr.dev_ideal_target 
_refine_ls_restr.weight 
_refine_ls_restr.number 
_refine_ls_restr.pdbx_refine_id 
_refine_ls_restr.pdbx_restraint_function 
s_bond_d               0.01  ? ? ? 'X-RAY DIFFRACTION' ? 
s_angle_d              0.02  ? ? ? 'X-RAY DIFFRACTION' ? 
s_similar_dist         0.00  ? ? ? 'X-RAY DIFFRACTION' ? 
s_from_restr_planes    0.025 ? ? ? 'X-RAY DIFFRACTION' ? 
s_zero_chiral_vol      0.06  ? ? ? 'X-RAY DIFFRACTION' ? 
s_non_zero_chiral_vol  0.06  ? ? ? 'X-RAY DIFFRACTION' ? 
s_anti_bump_dis_restr  0.01  ? ? ? 'X-RAY DIFFRACTION' ? 
s_rigid_bond_adp_cmpnt 0.00  ? ? ? 'X-RAY DIFFRACTION' ? 
s_similar_adp_cmpnt    0.05  ? ? ? 'X-RAY DIFFRACTION' ? 
s_approx_iso_adps      0.00  ? ? ? 'X-RAY DIFFRACTION' ? 
# 
_pdbx_refine.entry_id                                    1CXU 
_pdbx_refine.R_factor_all_no_cutoff                      0.187 
_pdbx_refine.R_factor_obs_no_cutoff                      ? 
_pdbx_refine.free_R_factor_no_cutoff                     ? 
_pdbx_refine.free_R_val_test_set_size_perc_no_cutoff     0. 
_pdbx_refine.free_R_val_test_set_ct_no_cutoff            ? 
_pdbx_refine.R_factor_all_4sig_cutoff                    0.183 
_pdbx_refine.R_factor_obs_4sig_cutoff                    ? 
_pdbx_refine.free_R_factor_4sig_cutoff                   ? 
_pdbx_refine.free_R_val_test_set_size_perc_4sig_cutoff   0. 
_pdbx_refine.free_R_val_test_set_ct_4sig_cutoff          ? 
_pdbx_refine.number_reflns_obs_4sig_cutoff               3166 
_pdbx_refine.number_reflns_obs_no_cutoff                 ? 
_pdbx_refine.pdbx_refine_id                              'X-RAY DIFFRACTION' 
_pdbx_refine.free_R_error_no_cutoff                      ? 
# 
_struct.entry_id                  1CXU 
_struct.title                     '1.42A RESOLUTION ASV INTEGRASE CORE DOMAIN FROM CITRATE' 
_struct.pdbx_model_details        ? 
_struct.pdbx_CASP_flag            ? 
_struct.pdbx_model_type_details   ? 
# 
_struct_keywords.entry_id        1CXU 
_struct_keywords.pdbx_keywords   TRANSFERASE 
_struct_keywords.text            'MIXED BETA-SHEET SURROUNDED BY ALPHA-HELICES, TRANSFERASE' 
# 
loop_
_struct_asym.id 
_struct_asym.pdbx_blank_PDB_chainid_flag 
_struct_asym.pdbx_modified 
_struct_asym.entity_id 
_struct_asym.details 
A N N 1 ? 
B N N 2 ? 
C N N 3 ? 
D N N 4 ? 
# 
_struct_ref.id                         1 
_struct_ref.db_name                    UNP 
_struct_ref.db_code                    POL_RSVP 
_struct_ref.entity_id                  1 
_struct_ref.pdbx_db_accession          P03354 
_struct_ref.pdbx_align_begin           ? 
_struct_ref.pdbx_seq_one_letter_code   ? 
_struct_ref.pdbx_db_isoform            ? 
# 
_struct_ref_seq.align_id                      1 
_struct_ref_seq.ref_id                        1 
_struct_ref_seq.pdbx_PDB_id_code              1CXU 
_struct_ref_seq.pdbx_strand_id                A 
_struct_ref_seq.seq_align_beg                 5 
_struct_ref_seq.pdbx_seq_align_beg_ins_code   ? 
_struct_ref_seq.seq_align_end                 160 
_struct_ref_seq.pdbx_seq_align_end_ins_code   ? 
_struct_ref_seq.pdbx_db_accession             P03354 
_struct_ref_seq.db_align_beg                  624 
_struct_ref_seq.pdbx_db_align_beg_ins_code    ? 
_struct_ref_seq.db_align_end                  779 
_struct_ref_seq.pdbx_db_align_end_ins_code    ? 
_struct_ref_seq.pdbx_auth_seq_align_beg       52 
_struct_ref_seq.pdbx_auth_seq_align_end       207 
# 
loop_
_struct_ref_seq_dif.align_id 
_struct_ref_seq_dif.pdbx_pdb_id_code 
_struct_ref_seq_dif.mon_id 
_struct_ref_seq_dif.pdbx_pdb_strand_id 
_struct_ref_seq_dif.seq_num 
_struct_ref_seq_dif.pdbx_pdb_ins_code 
_struct_ref_seq_dif.pdbx_seq_db_name 
_struct_ref_seq_dif.pdbx_seq_db_accession_code 
_struct_ref_seq_dif.db_mon_id 
_struct_ref_seq_dif.pdbx_seq_db_seq_num 
_struct_ref_seq_dif.details 
_struct_ref_seq_dif.pdbx_auth_seq_num 
_struct_ref_seq_dif.pdbx_ordinal 
1 1CXU PRO A 1   ? UNP P03354 ?   ?   insertion        48  1 
1 1CXU LEU A 2   ? UNP P03354 ?   ?   insertion        49  2 
1 1CXU ARG A 3   ? UNP P03354 ?   ?   insertion        50  3 
1 1CXU GLU A 4   ? UNP P03354 ?   ?   insertion        51  4 
1 1CXU GLY A 5   ? UNP P03354 PRO 624 conflict         52  5 
1 1CXU ALA A 54  ? UNP P03354 VAL 673 'SEE REMARK 999' 101 6 
1 1CXU LYS A 119 ? UNP P03354 ARG 738 'SEE REMARK 999' 166 7 
1 1CXU ASN A 161 ? UNP P03354 ?   ?   insertion        208 8 
1 1CXU LEU A 162 ? UNP P03354 ?   ?   insertion        209 9 
# 
_pdbx_struct_assembly.id                   1 
_pdbx_struct_assembly.details              author_defined_assembly 
_pdbx_struct_assembly.method_details       ? 
_pdbx_struct_assembly.oligomeric_details   dimeric 
_pdbx_struct_assembly.oligomeric_count     2 
# 
_pdbx_struct_assembly_gen.assembly_id       1 
_pdbx_struct_assembly_gen.oper_expression   1,2 
_pdbx_struct_assembly_gen.asym_id_list      A,B,C,D 
# 
loop_
_pdbx_struct_oper_list.id 
_pdbx_struct_oper_list.type 
_pdbx_struct_oper_list.name 
_pdbx_struct_oper_list.symmetry_operation 
_pdbx_struct_oper_list.matrix[1][1] 
_pdbx_struct_oper_list.matrix[1][2] 
_pdbx_struct_oper_list.matrix[1][3] 
_pdbx_struct_oper_list.vector[1] 
_pdbx_struct_oper_list.matrix[2][1] 
_pdbx_struct_oper_list.matrix[2][2] 
_pdbx_struct_oper_list.matrix[2][3] 
_pdbx_struct_oper_list.vector[2] 
_pdbx_struct_oper_list.matrix[3][1] 
_pdbx_struct_oper_list.matrix[3][2] 
_pdbx_struct_oper_list.matrix[3][3] 
_pdbx_struct_oper_list.vector[3] 
1 'identity operation'         1_555 x,y,z    1.0000000000 0.0000000000  0.0000000000  0.0000000000   0.0000000000  1.0000000000  0.0000000000 0.0000000000   0.0000000000  0.0000000000 1.0000000000  0.0000000000  
2 'crystal symmetry operation' 7_556 y,x,-z+1 0.2426394675 -0.9583712970 -0.1505009830 -14.2675159216 -0.9583712970 -0.2608672371 0.1160721401 -17.3665838980 -0.1505009830 0.1160721401 -0.9817722304 -7.2141911012 
# 
_struct_biol.id   1 
# 
loop_
_struct_conf.conf_type_id 
_struct_conf.id 
_struct_conf.pdbx_PDB_helix_id 
_struct_conf.beg_label_comp_id 
_struct_conf.beg_label_asym_id 
_struct_conf.beg_label_seq_id 
_struct_conf.pdbx_beg_PDB_ins_code 
_struct_conf.end_label_comp_id 
_struct_conf.end_label_asym_id 
_struct_conf.end_label_seq_id 
_struct_conf.pdbx_end_PDB_ins_code 
_struct_conf.beg_auth_comp_id 
_struct_conf.beg_auth_asym_id 
_struct_conf.beg_auth_seq_id 
_struct_conf.end_auth_comp_id 
_struct_conf.end_auth_asym_id 
_struct_conf.end_auth_seq_id 
_struct_conf.pdbx_PDB_helix_class 
_struct_conf.details 
_struct_conf.pdbx_PDB_helix_length 
HELX_P HELX_P1 1 PRO A 22  ? MET A 24  ? PRO A 69  MET A 71  5 ? 3  
HELX_P HELX_P2 2 SER A 51  ? LEU A 65  ? SER A 98  LEU A 112 1 ? 15 
HELX_P HELX_P3 3 SER A 77  ? THR A 80  ? SER A 124 THR A 127 1 ? 4  
HELX_P HELX_P4 4 LYS A 82  ? TRP A 91  ? LYS A 129 TRP A 138 1 ? 10 
HELX_P HELX_P5 5 ALA A 107 ? ASP A 127 ? ALA A 154 ASP A 174 1 ? 21 
HELX_P HELX_P6 6 THR A 135 ? ASN A 150 ? THR A 182 ASN A 197 1 ? 16 
# 
_struct_conf_type.id          HELX_P 
_struct_conf_type.criteria    ? 
_struct_conf_type.reference   ? 
# 
_struct_mon_prot_cis.pdbx_id                1 
_struct_mon_prot_cis.label_comp_id          ALA 
_struct_mon_prot_cis.label_seq_id           25 
_struct_mon_prot_cis.label_asym_id          A 
_struct_mon_prot_cis.label_alt_id           . 
_struct_mon_prot_cis.pdbx_PDB_ins_code      ? 
_struct_mon_prot_cis.auth_comp_id           ALA 
_struct_mon_prot_cis.auth_seq_id            72 
_struct_mon_prot_cis.auth_asym_id           A 
_struct_mon_prot_cis.pdbx_label_comp_id_2   PRO 
_struct_mon_prot_cis.pdbx_label_seq_id_2    26 
_struct_mon_prot_cis.pdbx_label_asym_id_2   A 
_struct_mon_prot_cis.pdbx_PDB_ins_code_2    ? 
_struct_mon_prot_cis.pdbx_auth_comp_id_2    PRO 
_struct_mon_prot_cis.pdbx_auth_seq_id_2     73 
_struct_mon_prot_cis.pdbx_auth_asym_id_2    A 
_struct_mon_prot_cis.pdbx_PDB_model_num     1 
_struct_mon_prot_cis.pdbx_omega_angle       3.50 
# 
_struct_sheet.id               A 
_struct_sheet.type             ? 
_struct_sheet.number_strands   5 
_struct_sheet.details          ? 
# 
loop_
_struct_sheet_order.sheet_id 
_struct_sheet_order.range_id_1 
_struct_sheet_order.range_id_2 
_struct_sheet_order.offset 
_struct_sheet_order.sense 
A 1 2 ? anti-parallel 
A 2 3 ? anti-parallel 
A 3 4 ? parallel      
A 4 5 ? parallel      
# 
loop_
_struct_sheet_range.sheet_id 
_struct_sheet_range.id 
_struct_sheet_range.beg_label_comp_id 
_struct_sheet_range.beg_label_asym_id 
_struct_sheet_range.beg_label_seq_id 
_struct_sheet_range.pdbx_beg_PDB_ins_code 
_struct_sheet_range.end_label_comp_id 
_struct_sheet_range.end_label_asym_id 
_struct_sheet_range.end_label_seq_id 
_struct_sheet_range.pdbx_end_PDB_ins_code 
_struct_sheet_range.beg_auth_comp_id 
_struct_sheet_range.beg_auth_asym_id 
_struct_sheet_range.beg_auth_seq_id 
_struct_sheet_range.end_auth_comp_id 
_struct_sheet_range.end_auth_asym_id 
_struct_sheet_range.end_auth_seq_id 
A 1 ILE A 41 ? HIS A 46 ? ILE A 88  HIS A 93  
A 2 TRP A 29 ? ASP A 35 ? TRP A 76  ASP A 82  
A 3 ILE A 13 ? LEU A 20 ? ILE A 60  LEU A 67  
A 4 ALA A 70 ? LYS A 72 ? ALA A 117 LYS A 119 
A 5 ALA A 94 ? THR A 96 ? ALA A 141 THR A 143 
# 
loop_
_pdbx_struct_sheet_hbond.sheet_id 
_pdbx_struct_sheet_hbond.range_id_1 
_pdbx_struct_sheet_hbond.range_id_2 
_pdbx_struct_sheet_hbond.range_1_label_atom_id 
_pdbx_struct_sheet_hbond.range_1_label_comp_id 
_pdbx_struct_sheet_hbond.range_1_label_asym_id 
_pdbx_struct_sheet_hbond.range_1_label_seq_id 
_pdbx_struct_sheet_hbond.range_1_PDB_ins_code 
_pdbx_struct_sheet_hbond.range_1_auth_atom_id 
_pdbx_struct_sheet_hbond.range_1_auth_comp_id 
_pdbx_struct_sheet_hbond.range_1_auth_asym_id 
_pdbx_struct_sheet_hbond.range_1_auth_seq_id 
_pdbx_struct_sheet_hbond.range_2_label_atom_id 
_pdbx_struct_sheet_hbond.range_2_label_comp_id 
_pdbx_struct_sheet_hbond.range_2_label_asym_id 
_pdbx_struct_sheet_hbond.range_2_label_seq_id 
_pdbx_struct_sheet_hbond.range_2_PDB_ins_code 
_pdbx_struct_sheet_hbond.range_2_auth_atom_id 
_pdbx_struct_sheet_hbond.range_2_auth_comp_id 
_pdbx_struct_sheet_hbond.range_2_auth_asym_id 
_pdbx_struct_sheet_hbond.range_2_auth_seq_id 
A 1 2 O VAL A 42 ? O VAL A 89  N THR A 33 ? N THR A 80  
A 2 3 O LEU A 30 ? O LEU A 77  N THR A 19 ? N THR A 66  
A 3 4 O TRP A 14 ? O TRP A 61  N ALA A 70 ? N ALA A 117 
A 4 5 O ILE A 71 ? O ILE A 118 N ALA A 94 ? N ALA A 141 
# 
loop_
_struct_site.id 
_struct_site.pdbx_evidence_code 
_struct_site.pdbx_auth_asym_id 
_struct_site.pdbx_auth_comp_id 
_struct_site.pdbx_auth_seq_id 
_struct_site.pdbx_auth_ins_code 
_struct_site.pdbx_num_residues 
_struct_site.details 
ACT Author   ? ?   ?   ? 3  ?                                    
AC1 Software A CIT 300 ? 12 'BINDING SITE FOR RESIDUE CIT A 300' 
AC2 Software A GOL 299 ? 6  'BINDING SITE FOR RESIDUE GOL A 299' 
# 
loop_
_struct_site_gen.id 
_struct_site_gen.site_id 
_struct_site_gen.pdbx_num_res 
_struct_site_gen.label_comp_id 
_struct_site_gen.label_asym_id 
_struct_site_gen.label_seq_id 
_struct_site_gen.pdbx_auth_ins_code 
_struct_site_gen.auth_comp_id 
_struct_site_gen.auth_asym_id 
_struct_site_gen.auth_seq_id 
_struct_site_gen.label_atom_id 
_struct_site_gen.label_alt_id 
_struct_site_gen.symmetry 
_struct_site_gen.details 
1  ACT 3  ASP A 17  ? ASP A 64  . ? 1_555 ? 
2  ACT 3  ASP A 74  ? ASP A 121 . ? 1_555 ? 
3  ACT 3  GLU A 110 ? GLU A 157 . ? 1_555 ? 
4  AC1 12 ARG A 85  ? ARG A 132 . ? 6_566 ? 
5  AC1 12 ARG A 132 ? ARG A 179 . ? 1_555 ? 
6  AC1 12 PRO A 134 ? PRO A 181 . ? 1_555 ? 
7  AC1 12 THR A 135 ? THR A 182 . ? 1_555 ? 
8  AC1 12 SER A 136 ? SER A 183 . ? 1_555 ? 
9  AC1 12 HOH D .   ? HOH A 602 . ? 6_566 ? 
10 AC1 12 HOH D .   ? HOH A 607 . ? 1_555 ? 
11 AC1 12 HOH D .   ? HOH A 608 . ? 6_566 ? 
12 AC1 12 HOH D .   ? HOH A 629 . ? 6_566 ? 
13 AC1 12 HOH D .   ? HOH A 641 . ? 1_555 ? 
14 AC1 12 HOH D .   ? HOH A 644 . ? 1_555 ? 
15 AC1 12 HOH D .   ? HOH A 688 . ? 1_555 ? 
16 AC2 6  VAL A 43  ? VAL A 90  . ? 1_555 ? 
17 AC2 6  THR A 44  ? THR A 91  . ? 1_555 ? 
18 AC2 6  THR A 60  ? THR A 107 . ? 7_556 ? 
19 AC2 6  MET A 146 ? MET A 193 . ? 1_555 ? 
20 AC2 6  HOH D .   ? HOH A 445 . ? 1_555 ? 
21 AC2 6  HOH D .   ? HOH A 466 . ? 1_555 ? 
# 
loop_
_pdbx_validate_close_contact.id 
_pdbx_validate_close_contact.PDB_model_num 
_pdbx_validate_close_contact.auth_atom_id_1 
_pdbx_validate_close_contact.auth_asym_id_1 
_pdbx_validate_close_contact.auth_comp_id_1 
_pdbx_validate_close_contact.auth_seq_id_1 
_pdbx_validate_close_contact.PDB_ins_code_1 
_pdbx_validate_close_contact.label_alt_id_1 
_pdbx_validate_close_contact.auth_atom_id_2 
_pdbx_validate_close_contact.auth_asym_id_2 
_pdbx_validate_close_contact.auth_comp_id_2 
_pdbx_validate_close_contact.auth_seq_id_2 
_pdbx_validate_close_contact.PDB_ins_code_2 
_pdbx_validate_close_contact.label_alt_id_2 
_pdbx_validate_close_contact.dist 
1  1 OG  A SER 124 ? ? O A HOH 663 ? ? 1.59 
2  1 NE  A ARG 132 ? ? O A HOH 487 ? ? 1.65 
3  1 NE2 A GLN 102 ? ? O A HOH 410 ? ? 1.72 
4  1 O   A ARG 137 ? ? O A HOH 621 ? ? 1.74 
5  1 O   A SER 130 ? ? O A HOH 427 ? ? 1.82 
6  1 O   A ASN 122 ? ? O A HOH 657 ? ? 1.84 
7  1 OE1 A GLN 153 ? ? O A HOH 411 ? ? 1.87 
8  1 OD2 A ASP 121 ? ? O A HOH 489 ? ? 2.04 
9  1 NE  A ARG 132 ? ? O A HOH 468 ? ? 2.05 
10 1 OG  A SER 130 ? ? O A HOH 456 ? ? 2.06 
11 1 ND1 A HIS 142 ? ? O A HOH 490 ? ? 2.08 
12 1 OG1 A THR 127 ? ? O A HOH 647 ? ? 2.10 
13 1 CG  A GLU 133 ? ? O A HOH 422 ? ? 2.11 
14 1 OE1 A GLN 151 ? ? O A HOH 656 ? ? 2.11 
15 1 OG1 A THR 97  ? ? O A HOH 448 ? ? 2.13 
16 1 O   A PHE 126 ? ? O A HOH 620 ? ? 2.17 
17 1 OG  A SER 183 ? ? O A HOH 458 ? ? 2.19 
# 
loop_
_pdbx_validate_symm_contact.id 
_pdbx_validate_symm_contact.PDB_model_num 
_pdbx_validate_symm_contact.auth_atom_id_1 
_pdbx_validate_symm_contact.auth_asym_id_1 
_pdbx_validate_symm_contact.auth_comp_id_1 
_pdbx_validate_symm_contact.auth_seq_id_1 
_pdbx_validate_symm_contact.PDB_ins_code_1 
_pdbx_validate_symm_contact.label_alt_id_1 
_pdbx_validate_symm_contact.site_symmetry_1 
_pdbx_validate_symm_contact.auth_atom_id_2 
_pdbx_validate_symm_contact.auth_asym_id_2 
_pdbx_validate_symm_contact.auth_comp_id_2 
_pdbx_validate_symm_contact.auth_seq_id_2 
_pdbx_validate_symm_contact.PDB_ins_code_2 
_pdbx_validate_symm_contact.label_alt_id_2 
_pdbx_validate_symm_contact.site_symmetry_2 
_pdbx_validate_symm_contact.dist 
1 1 O A HOH 442 ? ? 1_555 O A HOH 651 ? ? 3_644 1.67 
2 1 O A HOH 425 ? ? 1_555 O A HOH 634 ? ? 4_565 1.74 
3 1 O A HOH 480 ? ? 1_555 O A HOH 601 ? ? 3_644 1.81 
4 1 O A HOH 625 ? ? 1_555 O A HOH 651 ? ? 3_644 2.16 
# 
loop_
_pdbx_validate_rmsd_angle.id 
_pdbx_validate_rmsd_angle.PDB_model_num 
_pdbx_validate_rmsd_angle.auth_atom_id_1 
_pdbx_validate_rmsd_angle.auth_asym_id_1 
_pdbx_validate_rmsd_angle.auth_comp_id_1 
_pdbx_validate_rmsd_angle.auth_seq_id_1 
_pdbx_validate_rmsd_angle.PDB_ins_code_1 
_pdbx_validate_rmsd_angle.label_alt_id_1 
_pdbx_validate_rmsd_angle.auth_atom_id_2 
_pdbx_validate_rmsd_angle.auth_asym_id_2 
_pdbx_validate_rmsd_angle.auth_comp_id_2 
_pdbx_validate_rmsd_angle.auth_seq_id_2 
_pdbx_validate_rmsd_angle.PDB_ins_code_2 
_pdbx_validate_rmsd_angle.label_alt_id_2 
_pdbx_validate_rmsd_angle.auth_atom_id_3 
_pdbx_validate_rmsd_angle.auth_asym_id_3 
_pdbx_validate_rmsd_angle.auth_comp_id_3 
_pdbx_validate_rmsd_angle.auth_seq_id_3 
_pdbx_validate_rmsd_angle.PDB_ins_code_3 
_pdbx_validate_rmsd_angle.label_alt_id_3 
_pdbx_validate_rmsd_angle.angle_value 
_pdbx_validate_rmsd_angle.angle_target_value 
_pdbx_validate_rmsd_angle.angle_deviation 
_pdbx_validate_rmsd_angle.angle_standard_deviation 
_pdbx_validate_rmsd_angle.linker_flag 
1 1 CB A ASP 64  ? ? CG A ASP 64  ? ? OD1 A ASP 64  ? ? 124.37 118.30 6.07 0.90 N 
2 1 NE A ARG 179 ? ? CZ A ARG 179 ? ? NH1 A ARG 179 ? ? 124.04 120.30 3.74 0.50 N 
# 
loop_
_pdbx_validate_torsion.id 
_pdbx_validate_torsion.PDB_model_num 
_pdbx_validate_torsion.auth_comp_id 
_pdbx_validate_torsion.auth_asym_id 
_pdbx_validate_torsion.auth_seq_id 
_pdbx_validate_torsion.PDB_ins_code 
_pdbx_validate_torsion.label_alt_id 
_pdbx_validate_torsion.phi 
_pdbx_validate_torsion.psi 
1 1 GLN A 153 ? ? -142.23 -10.23  
2 1 LYS A 178 ? ? -134.98 -119.90 
# 
_pdbx_entry_details.entry_id                 1CXU 
_pdbx_entry_details.compound_details         ? 
_pdbx_entry_details.source_details           ? 
_pdbx_entry_details.nonpolymer_details       ? 
_pdbx_entry_details.sequence_details         
;THE APPARENT DISCREPANCY BETWEEN THE SEQUENCE PRESENTED
HERE AND THE "POL_RSVP" SEQUENCE IS A RESULT OF VIRAL
STRAIN VARIATION. THE STRAIN USED FOR THIS WORK, "ROUS 
SARCOMA VIRUS SCHMIDT-RUPPIN B", COMPARED TO "POL-RSVP"
SEQUENCE DIFFERS AT TWO POSITIONS WITH THE CONSERVATIVE 
AMINO ACID RESIDUE DIFFERENCES NOTED (VAL->ALA 101 & 
ARG->LYS 166).
;
_pdbx_entry_details.has_ligand_of_interest   ? 
# 
loop_
_pdbx_unobs_or_zero_occ_residues.id 
_pdbx_unobs_or_zero_occ_residues.PDB_model_num 
_pdbx_unobs_or_zero_occ_residues.polymer_flag 
_pdbx_unobs_or_zero_occ_residues.occupancy_flag 
_pdbx_unobs_or_zero_occ_residues.auth_asym_id 
_pdbx_unobs_or_zero_occ_residues.auth_comp_id 
_pdbx_unobs_or_zero_occ_residues.auth_seq_id 
_pdbx_unobs_or_zero_occ_residues.PDB_ins_code 
_pdbx_unobs_or_zero_occ_residues.label_asym_id 
_pdbx_unobs_or_zero_occ_residues.label_comp_id 
_pdbx_unobs_or_zero_occ_residues.label_seq_id 
1  1 Y 1 A PRO 48  ? A PRO 1   
2  1 Y 1 A LEU 49  ? A LEU 2   
3  1 Y 1 A ARG 50  ? A ARG 3   
4  1 Y 1 A GLU 51  ? A GLU 4   
5  1 Y 1 A GLY 52  ? A GLY 5   
6  1 Y 1 A ARG 53  ? A ARG 6   
7  1 Y 1 A GLY 54  ? A GLY 7   
8  1 Y 1 A LEU 55  ? A LEU 8   
9  1 Y 1 A PHE 199 ? A PHE 152 
10 1 Y 1 A GLU 200 ? A GLU 153 
11 1 Y 1 A ARG 201 ? A ARG 154 
12 1 Y 1 A GLY 202 ? A GLY 155 
13 1 Y 1 A GLU 203 ? A GLU 156 
14 1 Y 1 A ASN 204 ? A ASN 157 
15 1 Y 1 A THR 205 ? A THR 158 
16 1 Y 1 A LYS 206 ? A LYS 159 
17 1 Y 1 A THR 207 ? A THR 160 
18 1 Y 1 A ASN 208 ? A ASN 161 
19 1 Y 1 A LEU 209 ? A LEU 162 
# 
loop_
_chem_comp_atom.comp_id 
_chem_comp_atom.atom_id 
_chem_comp_atom.type_symbol 
_chem_comp_atom.pdbx_aromatic_flag 
_chem_comp_atom.pdbx_stereo_config 
_chem_comp_atom.pdbx_ordinal 
ALA N    N N N 1   
ALA CA   C N S 2   
ALA C    C N N 3   
ALA O    O N N 4   
ALA CB   C N N 5   
ALA OXT  O N N 6   
ALA H    H N N 7   
ALA H2   H N N 8   
ALA HA   H N N 9   
ALA HB1  H N N 10  
ALA HB2  H N N 11  
ALA HB3  H N N 12  
ALA HXT  H N N 13  
ARG N    N N N 14  
ARG CA   C N S 15  
ARG C    C N N 16  
ARG O    O N N 17  
ARG CB   C N N 18  
ARG CG   C N N 19  
ARG CD   C N N 20  
ARG NE   N N N 21  
ARG CZ   C N N 22  
ARG NH1  N N N 23  
ARG NH2  N N N 24  
ARG OXT  O N N 25  
ARG H    H N N 26  
ARG H2   H N N 27  
ARG HA   H N N 28  
ARG HB2  H N N 29  
ARG HB3  H N N 30  
ARG HG2  H N N 31  
ARG HG3  H N N 32  
ARG HD2  H N N 33  
ARG HD3  H N N 34  
ARG HE   H N N 35  
ARG HH11 H N N 36  
ARG HH12 H N N 37  
ARG HH21 H N N 38  
ARG HH22 H N N 39  
ARG HXT  H N N 40  
ASN N    N N N 41  
ASN CA   C N S 42  
ASN C    C N N 43  
ASN O    O N N 44  
ASN CB   C N N 45  
ASN CG   C N N 46  
ASN OD1  O N N 47  
ASN ND2  N N N 48  
ASN OXT  O N N 49  
ASN H    H N N 50  
ASN H2   H N N 51  
ASN HA   H N N 52  
ASN HB2  H N N 53  
ASN HB3  H N N 54  
ASN HD21 H N N 55  
ASN HD22 H N N 56  
ASN HXT  H N N 57  
ASP N    N N N 58  
ASP CA   C N S 59  
ASP C    C N N 60  
ASP O    O N N 61  
ASP CB   C N N 62  
ASP CG   C N N 63  
ASP OD1  O N N 64  
ASP OD2  O N N 65  
ASP OXT  O N N 66  
ASP H    H N N 67  
ASP H2   H N N 68  
ASP HA   H N N 69  
ASP HB2  H N N 70  
ASP HB3  H N N 71  
ASP HD2  H N N 72  
ASP HXT  H N N 73  
CIT C1   C N N 74  
CIT O1   O N N 75  
CIT O2   O N N 76  
CIT C2   C N N 77  
CIT C3   C N N 78  
CIT O7   O N N 79  
CIT C4   C N N 80  
CIT C5   C N N 81  
CIT O3   O N N 82  
CIT O4   O N N 83  
CIT C6   C N N 84  
CIT O5   O N N 85  
CIT O6   O N N 86  
CIT HO2  H N N 87  
CIT H21  H N N 88  
CIT H22  H N N 89  
CIT HO7  H N N 90  
CIT H41  H N N 91  
CIT H42  H N N 92  
CIT HO4  H N N 93  
CIT HO6  H N N 94  
CYS N    N N N 95  
CYS CA   C N R 96  
CYS C    C N N 97  
CYS O    O N N 98  
CYS CB   C N N 99  
CYS SG   S N N 100 
CYS OXT  O N N 101 
CYS H    H N N 102 
CYS H2   H N N 103 
CYS HA   H N N 104 
CYS HB2  H N N 105 
CYS HB3  H N N 106 
CYS HG   H N N 107 
CYS HXT  H N N 108 
GLN N    N N N 109 
GLN CA   C N S 110 
GLN C    C N N 111 
GLN O    O N N 112 
GLN CB   C N N 113 
GLN CG   C N N 114 
GLN CD   C N N 115 
GLN OE1  O N N 116 
GLN NE2  N N N 117 
GLN OXT  O N N 118 
GLN H    H N N 119 
GLN H2   H N N 120 
GLN HA   H N N 121 
GLN HB2  H N N 122 
GLN HB3  H N N 123 
GLN HG2  H N N 124 
GLN HG3  H N N 125 
GLN HE21 H N N 126 
GLN HE22 H N N 127 
GLN HXT  H N N 128 
GLU N    N N N 129 
GLU CA   C N S 130 
GLU C    C N N 131 
GLU O    O N N 132 
GLU CB   C N N 133 
GLU CG   C N N 134 
GLU CD   C N N 135 
GLU OE1  O N N 136 
GLU OE2  O N N 137 
GLU OXT  O N N 138 
GLU H    H N N 139 
GLU H2   H N N 140 
GLU HA   H N N 141 
GLU HB2  H N N 142 
GLU HB3  H N N 143 
GLU HG2  H N N 144 
GLU HG3  H N N 145 
GLU HE2  H N N 146 
GLU HXT  H N N 147 
GLY N    N N N 148 
GLY CA   C N N 149 
GLY C    C N N 150 
GLY O    O N N 151 
GLY OXT  O N N 152 
GLY H    H N N 153 
GLY H2   H N N 154 
GLY HA2  H N N 155 
GLY HA3  H N N 156 
GLY HXT  H N N 157 
GOL C1   C N N 158 
GOL O1   O N N 159 
GOL C2   C N N 160 
GOL O2   O N N 161 
GOL C3   C N N 162 
GOL O3   O N N 163 
GOL H11  H N N 164 
GOL H12  H N N 165 
GOL HO1  H N N 166 
GOL H2   H N N 167 
GOL HO2  H N N 168 
GOL H31  H N N 169 
GOL H32  H N N 170 
GOL HO3  H N N 171 
HIS N    N N N 172 
HIS CA   C N S 173 
HIS C    C N N 174 
HIS O    O N N 175 
HIS CB   C N N 176 
HIS CG   C Y N 177 
HIS ND1  N Y N 178 
HIS CD2  C Y N 179 
HIS CE1  C Y N 180 
HIS NE2  N Y N 181 
HIS OXT  O N N 182 
HIS H    H N N 183 
HIS H2   H N N 184 
HIS HA   H N N 185 
HIS HB2  H N N 186 
HIS HB3  H N N 187 
HIS HD1  H N N 188 
HIS HD2  H N N 189 
HIS HE1  H N N 190 
HIS HE2  H N N 191 
HIS HXT  H N N 192 
HOH O    O N N 193 
HOH H1   H N N 194 
HOH H2   H N N 195 
ILE N    N N N 196 
ILE CA   C N S 197 
ILE C    C N N 198 
ILE O    O N N 199 
ILE CB   C N S 200 
ILE CG1  C N N 201 
ILE CG2  C N N 202 
ILE CD1  C N N 203 
ILE OXT  O N N 204 
ILE H    H N N 205 
ILE H2   H N N 206 
ILE HA   H N N 207 
ILE HB   H N N 208 
ILE HG12 H N N 209 
ILE HG13 H N N 210 
ILE HG21 H N N 211 
ILE HG22 H N N 212 
ILE HG23 H N N 213 
ILE HD11 H N N 214 
ILE HD12 H N N 215 
ILE HD13 H N N 216 
ILE HXT  H N N 217 
LEU N    N N N 218 
LEU CA   C N S 219 
LEU C    C N N 220 
LEU O    O N N 221 
LEU CB   C N N 222 
LEU CG   C N N 223 
LEU CD1  C N N 224 
LEU CD2  C N N 225 
LEU OXT  O N N 226 
LEU H    H N N 227 
LEU H2   H N N 228 
LEU HA   H N N 229 
LEU HB2  H N N 230 
LEU HB3  H N N 231 
LEU HG   H N N 232 
LEU HD11 H N N 233 
LEU HD12 H N N 234 
LEU HD13 H N N 235 
LEU HD21 H N N 236 
LEU HD22 H N N 237 
LEU HD23 H N N 238 
LEU HXT  H N N 239 
LYS N    N N N 240 
LYS CA   C N S 241 
LYS C    C N N 242 
LYS O    O N N 243 
LYS CB   C N N 244 
LYS CG   C N N 245 
LYS CD   C N N 246 
LYS CE   C N N 247 
LYS NZ   N N N 248 
LYS OXT  O N N 249 
LYS H    H N N 250 
LYS H2   H N N 251 
LYS HA   H N N 252 
LYS HB2  H N N 253 
LYS HB3  H N N 254 
LYS HG2  H N N 255 
LYS HG3  H N N 256 
LYS HD2  H N N 257 
LYS HD3  H N N 258 
LYS HE2  H N N 259 
LYS HE3  H N N 260 
LYS HZ1  H N N 261 
LYS HZ2  H N N 262 
LYS HZ3  H N N 263 
LYS HXT  H N N 264 
MET N    N N N 265 
MET CA   C N S 266 
MET C    C N N 267 
MET O    O N N 268 
MET CB   C N N 269 
MET CG   C N N 270 
MET SD   S N N 271 
MET CE   C N N 272 
MET OXT  O N N 273 
MET H    H N N 274 
MET H2   H N N 275 
MET HA   H N N 276 
MET HB2  H N N 277 
MET HB3  H N N 278 
MET HG2  H N N 279 
MET HG3  H N N 280 
MET HE1  H N N 281 
MET HE2  H N N 282 
MET HE3  H N N 283 
MET HXT  H N N 284 
PHE N    N N N 285 
PHE CA   C N S 286 
PHE C    C N N 287 
PHE O    O N N 288 
PHE CB   C N N 289 
PHE CG   C Y N 290 
PHE CD1  C Y N 291 
PHE CD2  C Y N 292 
PHE CE1  C Y N 293 
PHE CE2  C Y N 294 
PHE CZ   C Y N 295 
PHE OXT  O N N 296 
PHE H    H N N 297 
PHE H2   H N N 298 
PHE HA   H N N 299 
PHE HB2  H N N 300 
PHE HB3  H N N 301 
PHE HD1  H N N 302 
PHE HD2  H N N 303 
PHE HE1  H N N 304 
PHE HE2  H N N 305 
PHE HZ   H N N 306 
PHE HXT  H N N 307 
PRO N    N N N 308 
PRO CA   C N S 309 
PRO C    C N N 310 
PRO O    O N N 311 
PRO CB   C N N 312 
PRO CG   C N N 313 
PRO CD   C N N 314 
PRO OXT  O N N 315 
PRO H    H N N 316 
PRO HA   H N N 317 
PRO HB2  H N N 318 
PRO HB3  H N N 319 
PRO HG2  H N N 320 
PRO HG3  H N N 321 
PRO HD2  H N N 322 
PRO HD3  H N N 323 
PRO HXT  H N N 324 
SER N    N N N 325 
SER CA   C N S 326 
SER C    C N N 327 
SER O    O N N 328 
SER CB   C N N 329 
SER OG   O N N 330 
SER OXT  O N N 331 
SER H    H N N 332 
SER H2   H N N 333 
SER HA   H N N 334 
SER HB2  H N N 335 
SER HB3  H N N 336 
SER HG   H N N 337 
SER HXT  H N N 338 
THR N    N N N 339 
THR CA   C N S 340 
THR C    C N N 341 
THR O    O N N 342 
THR CB   C N R 343 
THR OG1  O N N 344 
THR CG2  C N N 345 
THR OXT  O N N 346 
THR H    H N N 347 
THR H2   H N N 348 
THR HA   H N N 349 
THR HB   H N N 350 
THR HG1  H N N 351 
THR HG21 H N N 352 
THR HG22 H N N 353 
THR HG23 H N N 354 
THR HXT  H N N 355 
TRP N    N N N 356 
TRP CA   C N S 357 
TRP C    C N N 358 
TRP O    O N N 359 
TRP CB   C N N 360 
TRP CG   C Y N 361 
TRP CD1  C Y N 362 
TRP CD2  C Y N 363 
TRP NE1  N Y N 364 
TRP CE2  C Y N 365 
TRP CE3  C Y N 366 
TRP CZ2  C Y N 367 
TRP CZ3  C Y N 368 
TRP CH2  C Y N 369 
TRP OXT  O N N 370 
TRP H    H N N 371 
TRP H2   H N N 372 
TRP HA   H N N 373 
TRP HB2  H N N 374 
TRP HB3  H N N 375 
TRP HD1  H N N 376 
TRP HE1  H N N 377 
TRP HE3  H N N 378 
TRP HZ2  H N N 379 
TRP HZ3  H N N 380 
TRP HH2  H N N 381 
TRP HXT  H N N 382 
TYR N    N N N 383 
TYR CA   C N S 384 
TYR C    C N N 385 
TYR O    O N N 386 
TYR CB   C N N 387 
TYR CG   C Y N 388 
TYR CD1  C Y N 389 
TYR CD2  C Y N 390 
TYR CE1  C Y N 391 
TYR CE2  C Y N 392 
TYR CZ   C Y N 393 
TYR OH   O N N 394 
TYR OXT  O N N 395 
TYR H    H N N 396 
TYR H2   H N N 397 
TYR HA   H N N 398 
TYR HB2  H N N 399 
TYR HB3  H N N 400 
TYR HD1  H N N 401 
TYR HD2  H N N 402 
TYR HE1  H N N 403 
TYR HE2  H N N 404 
TYR HH   H N N 405 
TYR HXT  H N N 406 
VAL N    N N N 407 
VAL CA   C N S 408 
VAL C    C N N 409 
VAL O    O N N 410 
VAL CB   C N N 411 
VAL CG1  C N N 412 
VAL CG2  C N N 413 
VAL OXT  O N N 414 
VAL H    H N N 415 
VAL H2   H N N 416 
VAL HA   H N N 417 
VAL HB   H N N 418 
VAL HG11 H N N 419 
VAL HG12 H N N 420 
VAL HG13 H N N 421 
VAL HG21 H N N 422 
VAL HG22 H N N 423 
VAL HG23 H N N 424 
VAL HXT  H N N 425 
# 
loop_
_chem_comp_bond.comp_id 
_chem_comp_bond.atom_id_1 
_chem_comp_bond.atom_id_2 
_chem_comp_bond.value_order 
_chem_comp_bond.pdbx_aromatic_flag 
_chem_comp_bond.pdbx_stereo_config 
_chem_comp_bond.pdbx_ordinal 
ALA N   CA   sing N N 1   
ALA N   H    sing N N 2   
ALA N   H2   sing N N 3   
ALA CA  C    sing N N 4   
ALA CA  CB   sing N N 5   
ALA CA  HA   sing N N 6   
ALA C   O    doub N N 7   
ALA C   OXT  sing N N 8   
ALA CB  HB1  sing N N 9   
ALA CB  HB2  sing N N 10  
ALA CB  HB3  sing N N 11  
ALA OXT HXT  sing N N 12  
ARG N   CA   sing N N 13  
ARG N   H    sing N N 14  
ARG N   H2   sing N N 15  
ARG CA  C    sing N N 16  
ARG CA  CB   sing N N 17  
ARG CA  HA   sing N N 18  
ARG C   O    doub N N 19  
ARG C   OXT  sing N N 20  
ARG CB  CG   sing N N 21  
ARG CB  HB2  sing N N 22  
ARG CB  HB3  sing N N 23  
ARG CG  CD   sing N N 24  
ARG CG  HG2  sing N N 25  
ARG CG  HG3  sing N N 26  
ARG CD  NE   sing N N 27  
ARG CD  HD2  sing N N 28  
ARG CD  HD3  sing N N 29  
ARG NE  CZ   sing N N 30  
ARG NE  HE   sing N N 31  
ARG CZ  NH1  sing N N 32  
ARG CZ  NH2  doub N N 33  
ARG NH1 HH11 sing N N 34  
ARG NH1 HH12 sing N N 35  
ARG NH2 HH21 sing N N 36  
ARG NH2 HH22 sing N N 37  
ARG OXT HXT  sing N N 38  
ASN N   CA   sing N N 39  
ASN N   H    sing N N 40  
ASN N   H2   sing N N 41  
ASN CA  C    sing N N 42  
ASN CA  CB   sing N N 43  
ASN CA  HA   sing N N 44  
ASN C   O    doub N N 45  
ASN C   OXT  sing N N 46  
ASN CB  CG   sing N N 47  
ASN CB  HB2  sing N N 48  
ASN CB  HB3  sing N N 49  
ASN CG  OD1  doub N N 50  
ASN CG  ND2  sing N N 51  
ASN ND2 HD21 sing N N 52  
ASN ND2 HD22 sing N N 53  
ASN OXT HXT  sing N N 54  
ASP N   CA   sing N N 55  
ASP N   H    sing N N 56  
ASP N   H2   sing N N 57  
ASP CA  C    sing N N 58  
ASP CA  CB   sing N N 59  
ASP CA  HA   sing N N 60  
ASP C   O    doub N N 61  
ASP C   OXT  sing N N 62  
ASP CB  CG   sing N N 63  
ASP CB  HB2  sing N N 64  
ASP CB  HB3  sing N N 65  
ASP CG  OD1  doub N N 66  
ASP CG  OD2  sing N N 67  
ASP OD2 HD2  sing N N 68  
ASP OXT HXT  sing N N 69  
CIT C1  O1   doub N N 70  
CIT C1  O2   sing N N 71  
CIT C1  C2   sing N N 72  
CIT O2  HO2  sing N N 73  
CIT C2  C3   sing N N 74  
CIT C2  H21  sing N N 75  
CIT C2  H22  sing N N 76  
CIT C3  O7   sing N N 77  
CIT C3  C4   sing N N 78  
CIT C3  C6   sing N N 79  
CIT O7  HO7  sing N N 80  
CIT C4  C5   sing N N 81  
CIT C4  H41  sing N N 82  
CIT C4  H42  sing N N 83  
CIT C5  O3   doub N N 84  
CIT C5  O4   sing N N 85  
CIT O4  HO4  sing N N 86  
CIT C6  O5   doub N N 87  
CIT C6  O6   sing N N 88  
CIT O6  HO6  sing N N 89  
CYS N   CA   sing N N 90  
CYS N   H    sing N N 91  
CYS N   H2   sing N N 92  
CYS CA  C    sing N N 93  
CYS CA  CB   sing N N 94  
CYS CA  HA   sing N N 95  
CYS C   O    doub N N 96  
CYS C   OXT  sing N N 97  
CYS CB  SG   sing N N 98  
CYS CB  HB2  sing N N 99  
CYS CB  HB3  sing N N 100 
CYS SG  HG   sing N N 101 
CYS OXT HXT  sing N N 102 
GLN N   CA   sing N N 103 
GLN N   H    sing N N 104 
GLN N   H2   sing N N 105 
GLN CA  C    sing N N 106 
GLN CA  CB   sing N N 107 
GLN CA  HA   sing N N 108 
GLN C   O    doub N N 109 
GLN C   OXT  sing N N 110 
GLN CB  CG   sing N N 111 
GLN CB  HB2  sing N N 112 
GLN CB  HB3  sing N N 113 
GLN CG  CD   sing N N 114 
GLN CG  HG2  sing N N 115 
GLN CG  HG3  sing N N 116 
GLN CD  OE1  doub N N 117 
GLN CD  NE2  sing N N 118 
GLN NE2 HE21 sing N N 119 
GLN NE2 HE22 sing N N 120 
GLN OXT HXT  sing N N 121 
GLU N   CA   sing N N 122 
GLU N   H    sing N N 123 
GLU N   H2   sing N N 124 
GLU CA  C    sing N N 125 
GLU CA  CB   sing N N 126 
GLU CA  HA   sing N N 127 
GLU C   O    doub N N 128 
GLU C   OXT  sing N N 129 
GLU CB  CG   sing N N 130 
GLU CB  HB2  sing N N 131 
GLU CB  HB3  sing N N 132 
GLU CG  CD   sing N N 133 
GLU CG  HG2  sing N N 134 
GLU CG  HG3  sing N N 135 
GLU CD  OE1  doub N N 136 
GLU CD  OE2  sing N N 137 
GLU OE2 HE2  sing N N 138 
GLU OXT HXT  sing N N 139 
GLY N   CA   sing N N 140 
GLY N   H    sing N N 141 
GLY N   H2   sing N N 142 
GLY CA  C    sing N N 143 
GLY CA  HA2  sing N N 144 
GLY CA  HA3  sing N N 145 
GLY C   O    doub N N 146 
GLY C   OXT  sing N N 147 
GLY OXT HXT  sing N N 148 
GOL C1  O1   sing N N 149 
GOL C1  C2   sing N N 150 
GOL C1  H11  sing N N 151 
GOL C1  H12  sing N N 152 
GOL O1  HO1  sing N N 153 
GOL C2  O2   sing N N 154 
GOL C2  C3   sing N N 155 
GOL C2  H2   sing N N 156 
GOL O2  HO2  sing N N 157 
GOL C3  O3   sing N N 158 
GOL C3  H31  sing N N 159 
GOL C3  H32  sing N N 160 
GOL O3  HO3  sing N N 161 
HIS N   CA   sing N N 162 
HIS N   H    sing N N 163 
HIS N   H2   sing N N 164 
HIS CA  C    sing N N 165 
HIS CA  CB   sing N N 166 
HIS CA  HA   sing N N 167 
HIS C   O    doub N N 168 
HIS C   OXT  sing N N 169 
HIS CB  CG   sing N N 170 
HIS CB  HB2  sing N N 171 
HIS CB  HB3  sing N N 172 
HIS CG  ND1  sing Y N 173 
HIS CG  CD2  doub Y N 174 
HIS ND1 CE1  doub Y N 175 
HIS ND1 HD1  sing N N 176 
HIS CD2 NE2  sing Y N 177 
HIS CD2 HD2  sing N N 178 
HIS CE1 NE2  sing Y N 179 
HIS CE1 HE1  sing N N 180 
HIS NE2 HE2  sing N N 181 
HIS OXT HXT  sing N N 182 
HOH O   H1   sing N N 183 
HOH O   H2   sing N N 184 
ILE N   CA   sing N N 185 
ILE N   H    sing N N 186 
ILE N   H2   sing N N 187 
ILE CA  C    sing N N 188 
ILE CA  CB   sing N N 189 
ILE CA  HA   sing N N 190 
ILE C   O    doub N N 191 
ILE C   OXT  sing N N 192 
ILE CB  CG1  sing N N 193 
ILE CB  CG2  sing N N 194 
ILE CB  HB   sing N N 195 
ILE CG1 CD1  sing N N 196 
ILE CG1 HG12 sing N N 197 
ILE CG1 HG13 sing N N 198 
ILE CG2 HG21 sing N N 199 
ILE CG2 HG22 sing N N 200 
ILE CG2 HG23 sing N N 201 
ILE CD1 HD11 sing N N 202 
ILE CD1 HD12 sing N N 203 
ILE CD1 HD13 sing N N 204 
ILE OXT HXT  sing N N 205 
LEU N   CA   sing N N 206 
LEU N   H    sing N N 207 
LEU N   H2   sing N N 208 
LEU CA  C    sing N N 209 
LEU CA  CB   sing N N 210 
LEU CA  HA   sing N N 211 
LEU C   O    doub N N 212 
LEU C   OXT  sing N N 213 
LEU CB  CG   sing N N 214 
LEU CB  HB2  sing N N 215 
LEU CB  HB3  sing N N 216 
LEU CG  CD1  sing N N 217 
LEU CG  CD2  sing N N 218 
LEU CG  HG   sing N N 219 
LEU CD1 HD11 sing N N 220 
LEU CD1 HD12 sing N N 221 
LEU CD1 HD13 sing N N 222 
LEU CD2 HD21 sing N N 223 
LEU CD2 HD22 sing N N 224 
LEU CD2 HD23 sing N N 225 
LEU OXT HXT  sing N N 226 
LYS N   CA   sing N N 227 
LYS N   H    sing N N 228 
LYS N   H2   sing N N 229 
LYS CA  C    sing N N 230 
LYS CA  CB   sing N N 231 
LYS CA  HA   sing N N 232 
LYS C   O    doub N N 233 
LYS C   OXT  sing N N 234 
LYS CB  CG   sing N N 235 
LYS CB  HB2  sing N N 236 
LYS CB  HB3  sing N N 237 
LYS CG  CD   sing N N 238 
LYS CG  HG2  sing N N 239 
LYS CG  HG3  sing N N 240 
LYS CD  CE   sing N N 241 
LYS CD  HD2  sing N N 242 
LYS CD  HD3  sing N N 243 
LYS CE  NZ   sing N N 244 
LYS CE  HE2  sing N N 245 
LYS CE  HE3  sing N N 246 
LYS NZ  HZ1  sing N N 247 
LYS NZ  HZ2  sing N N 248 
LYS NZ  HZ3  sing N N 249 
LYS OXT HXT  sing N N 250 
MET N   CA   sing N N 251 
MET N   H    sing N N 252 
MET N   H2   sing N N 253 
MET CA  C    sing N N 254 
MET CA  CB   sing N N 255 
MET CA  HA   sing N N 256 
MET C   O    doub N N 257 
MET C   OXT  sing N N 258 
MET CB  CG   sing N N 259 
MET CB  HB2  sing N N 260 
MET CB  HB3  sing N N 261 
MET CG  SD   sing N N 262 
MET CG  HG2  sing N N 263 
MET CG  HG3  sing N N 264 
MET SD  CE   sing N N 265 
MET CE  HE1  sing N N 266 
MET CE  HE2  sing N N 267 
MET CE  HE3  sing N N 268 
MET OXT HXT  sing N N 269 
PHE N   CA   sing N N 270 
PHE N   H    sing N N 271 
PHE N   H2   sing N N 272 
PHE CA  C    sing N N 273 
PHE CA  CB   sing N N 274 
PHE CA  HA   sing N N 275 
PHE C   O    doub N N 276 
PHE C   OXT  sing N N 277 
PHE CB  CG   sing N N 278 
PHE CB  HB2  sing N N 279 
PHE CB  HB3  sing N N 280 
PHE CG  CD1  doub Y N 281 
PHE CG  CD2  sing Y N 282 
PHE CD1 CE1  sing Y N 283 
PHE CD1 HD1  sing N N 284 
PHE CD2 CE2  doub Y N 285 
PHE CD2 HD2  sing N N 286 
PHE CE1 CZ   doub Y N 287 
PHE CE1 HE1  sing N N 288 
PHE CE2 CZ   sing Y N 289 
PHE CE2 HE2  sing N N 290 
PHE CZ  HZ   sing N N 291 
PHE OXT HXT  sing N N 292 
PRO N   CA   sing N N 293 
PRO N   CD   sing N N 294 
PRO N   H    sing N N 295 
PRO CA  C    sing N N 296 
PRO CA  CB   sing N N 297 
PRO CA  HA   sing N N 298 
PRO C   O    doub N N 299 
PRO C   OXT  sing N N 300 
PRO CB  CG   sing N N 301 
PRO CB  HB2  sing N N 302 
PRO CB  HB3  sing N N 303 
PRO CG  CD   sing N N 304 
PRO CG  HG2  sing N N 305 
PRO CG  HG3  sing N N 306 
PRO CD  HD2  sing N N 307 
PRO CD  HD3  sing N N 308 
PRO OXT HXT  sing N N 309 
SER N   CA   sing N N 310 
SER N   H    sing N N 311 
SER N   H2   sing N N 312 
SER CA  C    sing N N 313 
SER CA  CB   sing N N 314 
SER CA  HA   sing N N 315 
SER C   O    doub N N 316 
SER C   OXT  sing N N 317 
SER CB  OG   sing N N 318 
SER CB  HB2  sing N N 319 
SER CB  HB3  sing N N 320 
SER OG  HG   sing N N 321 
SER OXT HXT  sing N N 322 
THR N   CA   sing N N 323 
THR N   H    sing N N 324 
THR N   H2   sing N N 325 
THR CA  C    sing N N 326 
THR CA  CB   sing N N 327 
THR CA  HA   sing N N 328 
THR C   O    doub N N 329 
THR C   OXT  sing N N 330 
THR CB  OG1  sing N N 331 
THR CB  CG2  sing N N 332 
THR CB  HB   sing N N 333 
THR OG1 HG1  sing N N 334 
THR CG2 HG21 sing N N 335 
THR CG2 HG22 sing N N 336 
THR CG2 HG23 sing N N 337 
THR OXT HXT  sing N N 338 
TRP N   CA   sing N N 339 
TRP N   H    sing N N 340 
TRP N   H2   sing N N 341 
TRP CA  C    sing N N 342 
TRP CA  CB   sing N N 343 
TRP CA  HA   sing N N 344 
TRP C   O    doub N N 345 
TRP C   OXT  sing N N 346 
TRP CB  CG   sing N N 347 
TRP CB  HB2  sing N N 348 
TRP CB  HB3  sing N N 349 
TRP CG  CD1  doub Y N 350 
TRP CG  CD2  sing Y N 351 
TRP CD1 NE1  sing Y N 352 
TRP CD1 HD1  sing N N 353 
TRP CD2 CE2  doub Y N 354 
TRP CD2 CE3  sing Y N 355 
TRP NE1 CE2  sing Y N 356 
TRP NE1 HE1  sing N N 357 
TRP CE2 CZ2  sing Y N 358 
TRP CE3 CZ3  doub Y N 359 
TRP CE3 HE3  sing N N 360 
TRP CZ2 CH2  doub Y N 361 
TRP CZ2 HZ2  sing N N 362 
TRP CZ3 CH2  sing Y N 363 
TRP CZ3 HZ3  sing N N 364 
TRP CH2 HH2  sing N N 365 
TRP OXT HXT  sing N N 366 
TYR N   CA   sing N N 367 
TYR N   H    sing N N 368 
TYR N   H2   sing N N 369 
TYR CA  C    sing N N 370 
TYR CA  CB   sing N N 371 
TYR CA  HA   sing N N 372 
TYR C   O    doub N N 373 
TYR C   OXT  sing N N 374 
TYR CB  CG   sing N N 375 
TYR CB  HB2  sing N N 376 
TYR CB  HB3  sing N N 377 
TYR CG  CD1  doub Y N 378 
TYR CG  CD2  sing Y N 379 
TYR CD1 CE1  sing Y N 380 
TYR CD1 HD1  sing N N 381 
TYR CD2 CE2  doub Y N 382 
TYR CD2 HD2  sing N N 383 
TYR CE1 CZ   doub Y N 384 
TYR CE1 HE1  sing N N 385 
TYR CE2 CZ   sing Y N 386 
TYR CE2 HE2  sing N N 387 
TYR CZ  OH   sing N N 388 
TYR OH  HH   sing N N 389 
TYR OXT HXT  sing N N 390 
VAL N   CA   sing N N 391 
VAL N   H    sing N N 392 
VAL N   H2   sing N N 393 
VAL CA  C    sing N N 394 
VAL CA  CB   sing N N 395 
VAL CA  HA   sing N N 396 
VAL C   O    doub N N 397 
VAL C   OXT  sing N N 398 
VAL CB  CG1  sing N N 399 
VAL CB  CG2  sing N N 400 
VAL CB  HB   sing N N 401 
VAL CG1 HG11 sing N N 402 
VAL CG1 HG12 sing N N 403 
VAL CG1 HG13 sing N N 404 
VAL CG2 HG21 sing N N 405 
VAL CG2 HG22 sing N N 406 
VAL CG2 HG23 sing N N 407 
VAL OXT HXT  sing N N 408 
# 
_atom_sites.entry_id                    1CXU 
_atom_sites.fract_transf_matrix[1][1]   -0.00409809 
_atom_sites.fract_transf_matrix[1][2]   0.01321643 
_atom_sites.fract_transf_matrix[1][3]   -0.00607239 
_atom_sites.fract_transf_matrix[2][1]   -0.01274671 
_atom_sites.fract_transf_matrix[2][2]   -0.00022508 
_atom_sites.fract_transf_matrix[2][3]   0.00811253 
_atom_sites.fract_transf_matrix[3][1]   0.00588823 
_atom_sites.fract_transf_matrix[3][2]   0.00615506 
_atom_sites.fract_transf_matrix[3][3]   0.00942257 
_atom_sites.fract_transf_vector[1]      0.720922 
_atom_sites.fract_transf_vector[2]      0.593674 
_atom_sites.fract_transf_vector[3]      0.629454 
# 
loop_
_atom_type.symbol 
C 
N 
O 
S 
# 
loop_
_atom_site.group_PDB 
_atom_site.id 
_atom_site.type_symbol 
_atom_site.label_atom_id 
_atom_site.label_alt_id 
_atom_site.label_comp_id 
_atom_site.label_asym_id 
_atom_site.label_entity_id 
_atom_site.label_seq_id 
_atom_site.pdbx_PDB_ins_code 
_atom_site.Cartn_x 
_atom_site.Cartn_y 
_atom_site.Cartn_z 
_atom_site.occupancy 
_atom_site.B_iso_or_equiv 
_atom_site.pdbx_formal_charge 
_atom_site.auth_seq_id 
_atom_site.auth_comp_id 
_atom_site.auth_asym_id 
_atom_site.auth_atom_id 
_atom_site.pdbx_PDB_model_num 
ATOM   1    N N   . GLY A 1 9   ? 7.432   -16.625 1.796   1.00 40.44  ? 56  GLY A N   1 
ATOM   2    C CA  . GLY A 1 9   ? 8.249   -17.252 2.829   1.00 43.42  ? 56  GLY A CA  1 
ATOM   3    C C   . GLY A 1 9   ? 7.768   -16.949 4.231   1.00 37.68  ? 56  GLY A C   1 
ATOM   4    O O   . GLY A 1 9   ? 6.850   -16.147 4.435   1.00 32.54  ? 56  GLY A O   1 
ATOM   5    N N   . PRO A 1 10  ? 8.360   -17.571 5.243   1.00 42.19  ? 57  PRO A N   1 
ATOM   6    C CA  . PRO A 1 10  ? 7.947   -17.365 6.633   1.00 47.72  ? 57  PRO A CA  1 
ATOM   7    C C   . PRO A 1 10  ? 8.625   -16.221 7.372   1.00 41.11  ? 57  PRO A C   1 
ATOM   8    O O   . PRO A 1 10  ? 8.392   -16.113 8.586   1.00 36.16  ? 57  PRO A O   1 
ATOM   9    C CB  . PRO A 1 10  ? 8.432   -18.678 7.288   1.00 44.88  ? 57  PRO A CB  1 
ATOM   10   C CG  . PRO A 1 10  ? 9.733   -18.914 6.580   1.00 42.99  ? 57  PRO A CG  1 
ATOM   11   C CD  . PRO A 1 10  ? 9.465   -18.547 5.146   1.00 50.30  ? 57  PRO A CD  1 
ATOM   12   N N   . LEU A 1 11  ? 9.438   -15.419 6.693   1.00 25.27  ? 58  LEU A N   1 
ATOM   13   C CA  . LEU A 1 11  ? 10.233  -14.398 7.380   1.00 23.58  ? 58  LEU A CA  1 
ATOM   14   C C   . LEU A 1 11  ? 10.108  -13.069 6.674   1.00 25.87  ? 58  LEU A C   1 
ATOM   15   O O   . LEU A 1 11  ? 10.968  -12.210 6.597   1.00 28.94  ? 58  LEU A O   1 
ATOM   16   C CB  . LEU A 1 11  ? 11.698  -14.875 7.463   1.00 32.97  ? 58  LEU A CB  1 
ATOM   17   C CG  . LEU A 1 11  ? 11.968  -16.115 8.333   1.00 33.99  ? 58  LEU A CG  1 
ATOM   18   C CD1 . LEU A 1 11  ? 13.371  -16.704 8.163   1.00 29.56  ? 58  LEU A CD1 1 
ATOM   19   C CD2 . LEU A 1 11  ? 11.746  -15.774 9.804   1.00 30.87  ? 58  LEU A CD2 1 
ATOM   20   N N   . GLN A 1 12  ? 8.914   -12.835 6.077   1.00 24.87  ? 59  GLN A N   1 
ATOM   21   C CA  . GLN A 1 12  ? 8.804   -11.545 5.406   1.00 16.25  ? 59  GLN A CA  1 
ATOM   22   C C   . GLN A 1 12  ? 8.784   -10.385 6.357   1.00 13.71  ? 59  GLN A C   1 
ATOM   23   O O   . GLN A 1 12  ? 8.238   -10.325 7.449   1.00 15.24  ? 59  GLN A O   1 
ATOM   24   C CB  . GLN A 1 12  ? 7.468   -11.510 4.620   1.00 21.34  ? 59  GLN A CB  1 
ATOM   25   C CG  . GLN A 1 12  ? 7.305   -12.551 3.528   1.00 22.40  ? 59  GLN A CG  1 
ATOM   26   C CD  . GLN A 1 12  ? 5.891   -12.589 2.980   1.00 22.96  ? 59  GLN A CD  1 
ATOM   27   O OE1 . GLN A 1 12  ? 5.344   -11.555 2.595   1.00 20.64  ? 59  GLN A OE1 1 
ATOM   28   N NE2 . GLN A 1 12  ? 5.263   -13.780 2.928   1.00 27.52  ? 59  GLN A NE2 1 
ATOM   29   N N   . ILE A 1 13  ? 9.404   -9.302  5.861   1.00 16.51  ? 60  ILE A N   1 
ATOM   30   C CA  . ILE A 1 13  ? 9.438   -7.978  6.430   1.00 14.23  ? 60  ILE A CA  1 
ATOM   31   C C   . ILE A 1 13  ? 8.897   -6.961  5.423   1.00 15.69  ? 60  ILE A C   1 
ATOM   32   O O   . ILE A 1 13  ? 9.452   -6.807  4.354   1.00 18.82  ? 60  ILE A O   1 
ATOM   33   C CB  . ILE A 1 13  ? 10.848  -7.563  6.926   1.00 19.18  ? 60  ILE A CB  1 
ATOM   34   C CG1 . ILE A 1 13  ? 11.441  -8.577  7.926   1.00 21.58  ? 60  ILE A CG1 1 
ATOM   35   C CG2 . ILE A 1 13  ? 10.834  -6.166  7.496   1.00 21.68  ? 60  ILE A CG2 1 
ATOM   36   C CD1 . ILE A 1 13  ? 12.947  -8.422  7.998   1.00 27.50  ? 60  ILE A CD1 1 
ATOM   37   N N   . TRP A 1 14  ? 7.755   -6.337  5.751   1.00 14.23  ? 61  TRP A N   1 
ATOM   38   C CA  . TRP A 1 14  ? 7.153   -5.416  4.805   1.00 14.84  ? 61  TRP A CA  1 
ATOM   39   C C   . TRP A 1 14  ? 7.422   -3.972  5.148   1.00 14.25  ? 61  TRP A C   1 
ATOM   40   O O   . TRP A 1 14  ? 7.691   -3.641  6.333   1.00 16.01  ? 61  TRP A O   1 
ATOM   41   C CB  . TRP A 1 14  ? 5.608   -5.589  4.854   1.00 14.65  ? 61  TRP A CB  1 
ATOM   42   C CG  . TRP A 1 14  ? 5.062   -6.904  4.393   1.00 14.34  ? 61  TRP A CG  1 
ATOM   43   C CD1 . TRP A 1 14  ? 5.684   -7.958  3.790   1.00 12.90  ? 61  TRP A CD1 1 
ATOM   44   C CD2 . TRP A 1 14  ? 3.674   -7.320  4.509   1.00 12.34  ? 61  TRP A CD2 1 
ATOM   45   N NE1 . TRP A 1 14  ? 4.828   -9.002  3.507   1.00 12.68  ? 61  TRP A NE1 1 
ATOM   46   C CE2 . TRP A 1 14  ? 3.584   -8.609  3.957   1.00 13.06  ? 61  TRP A CE2 1 
ATOM   47   C CE3 . TRP A 1 14  ? 2.543   -6.654  5.049   1.00 13.11  ? 61  TRP A CE3 1 
ATOM   48   C CZ2 . TRP A 1 14  ? 2.343   -9.296  3.923   1.00 13.73  ? 61  TRP A CZ2 1 
ATOM   49   C CZ3 . TRP A 1 14  ? 1.331   -7.371  5.002   1.00 12.79  ? 61  TRP A CZ3 1 
ATOM   50   C CH2 . TRP A 1 14  ? 1.255   -8.641  4.457   1.00 11.98  ? 61  TRP A CH2 1 
ATOM   51   N N   . GLN A 1 15  ? 7.347   -3.068  4.183   1.00 13.94  ? 62  GLN A N   1 
ATOM   52   C CA  . GLN A 1 15  ? 7.240   -1.645  4.459   1.00 15.45  ? 62  GLN A CA  1 
ATOM   53   C C   . GLN A 1 15  ? 5.878   -1.190  3.906   1.00 13.78  ? 62  GLN A C   1 
ATOM   54   O O   . GLN A 1 15  ? 5.533   -1.595  2.779   1.00 13.84  ? 62  GLN A O   1 
ATOM   55   C CB  . GLN A 1 15  ? 8.358   -0.790  3.823   1.00 16.60  ? 62  GLN A CB  1 
ATOM   56   C CG  . GLN A 1 15  ? 9.752   -1.178  4.312   1.00 20.63  ? 62  GLN A CG  1 
ATOM   57   C CD  . GLN A 1 15  ? 10.795  -0.295  3.627   1.00 24.21  ? 62  GLN A CD  1 
ATOM   58   O OE1 . GLN A 1 15  ? 10.482  0.633   2.891   1.00 20.24  ? 62  GLN A OE1 1 
ATOM   59   N NE2 . GLN A 1 15  ? 12.048  -0.661  3.924   1.00 24.91  ? 62  GLN A NE2 1 
ATOM   60   N N   . THR A 1 16  ? 5.131   -0.414  4.678   1.00 13.90  ? 63  THR A N   1 
ATOM   61   C CA  . THR A 1 16  ? 3.824   0.075   4.277   1.00 13.95  ? 63  THR A CA  1 
ATOM   62   C C   . THR A 1 16  ? 3.698   1.585   4.424   1.00 16.04  ? 63  THR A C   1 
ATOM   63   O O   . THR A 1 16  ? 4.197   2.185   5.398   1.00 15.34  ? 63  THR A O   1 
ATOM   64   C CB  . THR A 1 16  ? 2.726   -0.597  5.135   1.00 12.51  ? 63  THR A CB  1 
ATOM   65   O OG1 . THR A 1 16  ? 2.752   -2.021  4.982   1.00 13.95  ? 63  THR A OG1 1 
ATOM   66   C CG2 . THR A 1 16  ? 1.352   -0.085  4.663   1.00 14.63  ? 63  THR A CG2 1 
ATOM   67   N N   . ASP A 1 17  ? 3.069   2.262   3.476   1.00 13.19  ? 64  ASP A N   1 
ATOM   68   C CA  . ASP A 1 17  ? 2.677   3.650   3.640   1.00 11.70  ? 64  ASP A CA  1 
ATOM   69   C C   . ASP A 1 17  ? 1.386   3.940   2.875   1.00 12.98  ? 64  ASP A C   1 
ATOM   70   O O   . ASP A 1 17  ? 0.738   3.037   2.265   1.00 12.72  ? 64  ASP A O   1 
ATOM   71   C CB  . ASP A 1 17  ? 3.800   4.637   3.266   1.00 13.99  ? 64  ASP A CB  1 
ATOM   72   C CG  . ASP A 1 17  ? 4.053   4.770   1.797   1.00 19.08  ? 64  ASP A CG  1 
ATOM   73   O OD1 . ASP A 1 17  ? 3.418   4.155   0.912   1.00 16.29  ? 64  ASP A OD1 1 
ATOM   74   O OD2 . ASP A 1 17  ? 4.941   5.572   1.448   1.00 19.61  ? 64  ASP A OD2 1 
ATOM   75   N N   . PHE A 1 18  ? 0.963   5.198   2.903   1.00 13.28  ? 65  PHE A N   1 
ATOM   76   C CA  . PHE A 1 18  ? -0.157  5.704   2.117   1.00 13.73  ? 65  PHE A CA  1 
ATOM   77   C C   . PHE A 1 18  ? 0.368   6.755   1.121   1.00 13.03  ? 65  PHE A C   1 
ATOM   78   O O   . PHE A 1 18  ? 1.302   7.494   1.496   1.00 16.62  ? 65  PHE A O   1 
ATOM   79   C CB  . PHE A 1 18  ? -1.284  6.343   2.913   1.00 16.45  ? 65  PHE A CB  1 
ATOM   80   C CG  . PHE A 1 18  ? -2.155  5.375   3.698   1.00 15.00  ? 65  PHE A CG  1 
ATOM   81   C CD1 . PHE A 1 18  ? -3.367  4.963   3.154   1.00 14.72  ? 65  PHE A CD1 1 
ATOM   82   C CD2 . PHE A 1 18  ? -1.721  4.925   4.947   1.00 17.62  ? 65  PHE A CD2 1 
ATOM   83   C CE1 . PHE A 1 18  ? -4.213  4.079   3.826   1.00 13.44  ? 65  PHE A CE1 1 
ATOM   84   C CE2 . PHE A 1 18  ? -2.576  4.061   5.610   1.00 17.21  ? 65  PHE A CE2 1 
ATOM   85   C CZ  . PHE A 1 18  ? -3.774  3.644   5.077   1.00 17.22  ? 65  PHE A CZ  1 
ATOM   86   N N   . THR A 1 19  ? -0.201  6.799   -0.066  1.00 12.32  ? 66  THR A N   1 
ATOM   87   C CA  . THR A 1 19  ? 0.136   7.833   -1.061  1.00 13.32  ? 66  THR A CA  1 
ATOM   88   C C   . THR A 1 19  ? -1.132  8.284   -1.743  1.00 13.35  ? 66  THR A C   1 
ATOM   89   O O   . THR A 1 19  ? -2.032  7.515   -2.075  1.00 13.39  ? 66  THR A O   1 
ATOM   90   C CB  . THR A 1 19  ? 1.204   7.316   -2.023  1.00 13.94  ? 66  THR A CB  1 
ATOM   91   O OG1 . THR A 1 19  ? 1.769   8.417   -2.781  1.00 16.85  ? 66  THR A OG1 1 
ATOM   92   C CG2 . THR A 1 19  ? 0.674   6.322   -3.049  1.00 13.99  ? 66  THR A CG2 1 
ATOM   93   N N   . LEU A 1 20  ? -1.300  9.576   -2.023  1.00 11.78  ? 67  LEU A N   1 
ATOM   94   C CA  . LEU A 1 20  ? -2.489  10.145  -2.616  1.00 11.59  ? 67  LEU A CA  1 
ATOM   95   C C   . LEU A 1 20  ? -2.414  10.176  -4.145  1.00 11.59  ? 67  LEU A C   1 
ATOM   96   O O   . LEU A 1 20  ? -1.429  10.701  -4.698  1.00 13.73  ? 67  LEU A O   1 
ATOM   97   C CB  . LEU A 1 20  ? -2.623  11.586  -2.045  1.00 12.10  ? 67  LEU A CB  1 
ATOM   98   C CG  . LEU A 1 20  ? -3.805  12.371  -2.474  1.00 11.21  ? 67  LEU A CG  1 
ATOM   99   C CD1 . LEU A 1 20  ? -5.135  11.675  -2.197  1.00 14.58  ? 67  LEU A CD1 1 
ATOM   100  C CD2 . LEU A 1 20  ? -3.820  13.752  -1.780  1.00 13.86  ? 67  LEU A CD2 1 
ATOM   101  N N   . GLU A 1 21  ? -3.418  9.578   -4.783  1.00 12.97  ? 68  GLU A N   1 
ATOM   102  C CA  . GLU A 1 21  ? -3.498  9.443   -6.226  1.00 12.81  ? 68  GLU A CA  1 
ATOM   103  C C   . GLU A 1 21  ? -4.858  9.875   -6.736  1.00 11.38  ? 68  GLU A C   1 
ATOM   104  O O   . GLU A 1 21  ? -5.841  9.100   -6.811  1.00 12.62  ? 68  GLU A O   1 
ATOM   105  C CB  . GLU A 1 21  ? -3.259  7.966   -6.635  1.00 12.23  ? 68  GLU A CB  1 
ATOM   106  C CG  . GLU A 1 21  ? -3.423  7.732   -8.143  1.00 13.08  ? 68  GLU A CG  1 
ATOM   107  C CD  . GLU A 1 21  ? -2.672  8.773   -8.950  1.00 15.91  ? 68  GLU A CD  1 
ATOM   108  O OE1 . GLU A 1 21  ? -1.434  8.685   -9.117  1.00 18.64  ? 68  GLU A OE1 1 
ATOM   109  O OE2 . GLU A 1 21  ? -3.270  9.759   -9.404  1.00 14.83  ? 68  GLU A OE2 1 
ATOM   110  N N   . PRO A 1 22  ? -5.048  11.173  -7.040  1.00 11.11  ? 69  PRO A N   1 
ATOM   111  C CA  . PRO A 1 22  ? -6.330  11.667  -7.483  1.00 11.91  ? 69  PRO A CA  1 
ATOM   112  C C   . PRO A 1 22  ? -6.920  11.033  -8.752  1.00 11.85  ? 69  PRO A C   1 
ATOM   113  O O   . PRO A 1 22  ? -8.142  11.102  -8.978  1.00 13.35  ? 69  PRO A O   1 
ATOM   114  C CB  . PRO A 1 22  ? -6.066  13.180  -7.716  1.00 15.71  ? 69  PRO A CB  1 
ATOM   115  C CG  . PRO A 1 22  ? -4.912  13.477  -6.806  1.00 15.76  ? 69  PRO A CG  1 
ATOM   116  C CD  . PRO A 1 22  ? -4.032  12.232  -6.864  1.00 14.39  ? 69  PRO A CD  1 
ATOM   117  N N   . ARG A 1 23  ? -6.133  10.367  -9.600  1.00 12.66  ? 70  ARG A N   1 
ATOM   118  C CA  . ARG A 1 23  ? -6.712  9.585   -10.704 1.00 12.28  ? 70  ARG A CA  1 
ATOM   119  C C   . ARG A 1 23  ? -7.710  8.513   -10.222 1.00 11.77  ? 70  ARG A C   1 
ATOM   120  O O   . ARG A 1 23  ? -8.538  8.045   -11.025 1.00 12.38  ? 70  ARG A O   1 
ATOM   121  C CB  . ARG A 1 23  ? -5.635  8.903   -11.571 1.00 12.67  ? 70  ARG A CB  1 
ATOM   122  C CG  . ARG A 1 23  ? -4.824  9.935   -12.372 1.00 16.18  ? 70  ARG A CG  1 
ATOM   123  C CD  . ARG A 1 23  ? -3.684  9.235   -13.142 1.00 20.72  ? 70  ARG A CD  1 
ATOM   124  N NE  . ARG A 1 23  ? -2.572  10.207  -13.219 1.00 34.31  ? 70  ARG A NE  1 
ATOM   125  C CZ  . ARG A 1 23  ? -2.328  11.003  -14.241 1.00 31.05  ? 70  ARG A CZ  1 
ATOM   126  N NH1 . ARG A 1 23  ? -3.091  10.970  -15.322 1.00 34.46  ? 70  ARG A NH1 1 
ATOM   127  N NH2 . ARG A 1 23  ? -1.311  11.868  -14.258 1.00 32.73  ? 70  ARG A NH2 1 
ATOM   128  N N   . MET A 1 24  ? -7.625  8.088   -8.969  1.00 11.56  ? 71  MET A N   1 
ATOM   129  C CA  . MET A 1 24  ? -8.411  7.051   -8.368  1.00 11.57  ? 71  MET A CA  1 
ATOM   130  C C   . MET A 1 24  ? -9.495  7.625   -7.438  1.00 12.33  ? 71  MET A C   1 
ATOM   131  O O   . MET A 1 24  ? -10.081 6.861   -6.689  1.00 11.68  ? 71  MET A O   1 
ATOM   132  C CB  . MET A 1 24  ? -7.489  6.120   -7.571  1.00 14.00  ? 71  MET A CB  1 
ATOM   133  C CG  . MET A 1 24  ? -6.614  5.206   -8.443  1.00 11.75  ? 71  MET A CG  1 
ATOM   134  S SD  . MET A 1 24  ? -7.571  3.834   -9.166  1.00 13.06  ? 71  MET A SD  1 
ATOM   135  C CE  . MET A 1 24  ? -6.394  3.202   -10.367 1.00 13.41  ? 71  MET A CE  1 
ATOM   136  N N   . ALA A 1 25  ? -9.794  8.931   -7.505  1.00 11.46  ? 72  ALA A N   1 
ATOM   137  C CA  . ALA A 1 25  ? -10.810 9.529   -6.608  1.00 13.31  ? 72  ALA A CA  1 
ATOM   138  C C   . ALA A 1 25  ? -12.173 9.003   -6.960  1.00 12.48  ? 72  ALA A C   1 
ATOM   139  O O   . ALA A 1 25  ? -12.474 8.696   -8.119  1.00 13.76  ? 72  ALA A O   1 
ATOM   140  C CB  . ALA A 1 25  ? -10.761 11.081  -6.710  1.00 12.91  ? 72  ALA A CB  1 
ATOM   141  N N   . PRO A 1 26  ? -13.120 8.927   -6.039  1.00 12.25  ? 73  PRO A N   1 
ATOM   142  C CA  . PRO A 1 26  ? -13.008 9.386   -4.650  1.00 13.04  ? 73  PRO A CA  1 
ATOM   143  C C   . PRO A 1 26  ? -12.144 8.559   -3.702  1.00 13.54  ? 73  PRO A C   1 
ATOM   144  O O   . PRO A 1 26  ? -11.641 9.079   -2.664  1.00 15.23  ? 73  PRO A O   1 
ATOM   145  C CB  . PRO A 1 26  ? -14.448 9.346   -4.126  1.00 15.50  ? 73  PRO A CB  1 
ATOM   146  C CG  . PRO A 1 26  ? -15.117 8.326   -4.999  1.00 15.22  ? 73  PRO A CG  1 
ATOM   147  C CD  . PRO A 1 26  ? -14.495 8.473   -6.372  1.00 14.18  ? 73  PRO A CD  1 
ATOM   148  N N   . ARG A 1 27  ? -11.922 7.275   -4.027  1.00 11.71  ? 74  ARG A N   1 
ATOM   149  C CA  . ARG A 1 27  ? -11.045 6.468   -3.189  1.00 13.19  ? 74  ARG A CA  1 
ATOM   150  C C   . ARG A 1 27  ? -9.596  6.605   -3.621  1.00 11.98  ? 74  ARG A C   1 
ATOM   151  O O   . ARG A 1 27  ? -8.935  5.660   -4.082  1.00 11.96  ? 74  ARG A O   1 
ATOM   152  C CB  . ARG A 1 27  ? -11.526 5.005   -3.194  1.00 14.26  ? 74  ARG A CB  1 
ATOM   153  C CG  . ARG A 1 27  ? -12.871 4.911   -2.475  1.00 16.31  ? 74  ARG A CG  1 
ATOM   154  C CD  . ARG A 1 27  ? -13.497 3.531   -2.542  1.00 23.79  ? 74  ARG A CD  1 
ATOM   155  N NE  . ARG A 1 27  ? -12.904 2.555   -1.663  1.00 36.80  ? 74  ARG A NE  1 
ATOM   156  C CZ  . ARG A 1 27  ? -12.995 2.517   -0.343  1.00 38.37  ? 74  ARG A CZ  1 
ATOM   157  N NH1 . ARG A 1 27  ? -13.670 3.438   0.345   1.00 36.71  ? 74  ARG A NH1 1 
ATOM   158  N NH2 . ARG A 1 27  ? -12.386 1.538   0.318   1.00 25.14  ? 74  ARG A NH2 1 
ATOM   159  N N   . SER A 1 28  ? -9.117  7.852   -3.415  1.00 11.67  ? 75  SER A N   1 
ATOM   160  C CA  . SER A 1 28  ? -7.787  8.181   -3.910  1.00 14.25  ? 75  SER A CA  1 
ATOM   161  C C   . SER A 1 28  ? -6.619  7.929   -2.992  1.00 11.30  ? 75  SER A C   1 
ATOM   162  O O   . SER A 1 28  ? -5.451  8.183   -3.371  1.00 12.54  ? 75  SER A O   1 
ATOM   163  C CB  . SER A 1 28  ? -7.725  9.667   -4.349  1.00 15.65  ? 75  SER A CB  1 
ATOM   164  O OG  . SER A 1 28  ? -8.438  10.448  -3.377  1.00 19.18  ? 75  SER A OG  1 
ATOM   165  N N   . TRP A 1 29  ? -6.882  7.448   -1.771  1.00 12.08  ? 76  TRP A N   1 
ATOM   166  C CA  . TRP A 1 29  ? -5.748  7.160   -0.894  1.00 11.93  ? 76  TRP A CA  1 
ATOM   167  C C   . TRP A 1 29  ? -5.334  5.702   -1.143  1.00 13.07  ? 76  TRP A C   1 
ATOM   168  O O   . TRP A 1 29  ? -6.131  4.789   -0.801  1.00 14.74  ? 76  TRP A O   1 
ATOM   169  C CB  . TRP A 1 29  ? -6.095  7.407   0.574   1.00 15.43  ? 76  TRP A CB  1 
ATOM   170  C CG  . TRP A 1 29  ? -5.932  8.842   1.020   1.00 14.16  ? 76  TRP A CG  1 
ATOM   171  C CD1 . TRP A 1 29  ? -6.876  9.754   1.292   1.00 18.25  ? 76  TRP A CD1 1 
ATOM   172  C CD2 . TRP A 1 29  ? -4.624  9.440   1.197   1.00 15.17  ? 76  TRP A CD2 1 
ATOM   173  N NE1 . TRP A 1 29  ? -6.232  10.933  1.659   1.00 18.60  ? 76  TRP A NE1 1 
ATOM   174  C CE2 . TRP A 1 29  ? -4.889  10.775  1.611   1.00 18.86  ? 76  TRP A CE2 1 
ATOM   175  C CE3 . TRP A 1 29  ? -3.314  9.020   1.069   1.00 18.27  ? 76  TRP A CE3 1 
ATOM   176  C CZ2 . TRP A 1 29  ? -3.861  11.692  1.890   1.00 18.18  ? 76  TRP A CZ2 1 
ATOM   177  C CZ3 . TRP A 1 29  ? -2.294  9.920   1.352   1.00 20.24  ? 76  TRP A CZ3 1 
ATOM   178  C CH2 . TRP A 1 29  ? -2.598  11.227  1.761   1.00 19.23  ? 76  TRP A CH2 1 
ATOM   179  N N   . LEU A 1 30  ? -4.163  5.545   -1.692  1.00 11.83  ? 77  LEU A N   1 
ATOM   180  C CA  . LEU A 1 30  ? -3.650  4.204   -1.961  1.00 10.86  ? 77  LEU A CA  1 
ATOM   181  C C   . LEU A 1 30  ? -2.830  3.734   -0.775  1.00 12.63  ? 77  LEU A C   1 
ATOM   182  O O   . LEU A 1 30  ? -1.890  4.433   -0.353  1.00 14.08  ? 77  LEU A O   1 
ATOM   183  C CB  . LEU A 1 30  ? -2.800  4.127   -3.234  1.00 11.72  ? 77  LEU A CB  1 
ATOM   184  C CG  . LEU A 1 30  ? -3.503  4.686   -4.500  1.00 11.19  ? 77  LEU A CG  1 
ATOM   185  C CD1 . LEU A 1 30  ? -2.604  4.518   -5.738  1.00 13.86  ? 77  LEU A CD1 1 
ATOM   186  C CD2 . LEU A 1 30  ? -4.846  4.023   -4.717  1.00 15.77  ? 77  LEU A CD2 1 
ATOM   187  N N   . ALA A 1 31  ? -3.131  2.574   -0.216  1.00 10.35  ? 78  ALA A N   1 
ATOM   188  C CA  . ALA A 1 31  ? -2.308  1.938   0.799   1.00 10.71  ? 78  ALA A CA  1 
ATOM   189  C C   . ALA A 1 31  ? -1.386  0.993   0.012   1.00 8.84   ? 78  ALA A C   1 
ATOM   190  O O   . ALA A 1 31  ? -1.860  0.224   -0.852  1.00 10.46  ? 78  ALA A O   1 
ATOM   191  C CB  . ALA A 1 31  ? -3.105  1.167   1.843   1.00 12.10  ? 78  ALA A CB  1 
ATOM   192  N N   . VAL A 1 32  ? -0.108  1.087   0.273   1.00 11.36  ? 79  VAL A N   1 
ATOM   193  C CA  . VAL A 1 32  ? 0.926   0.410   -0.461  1.00 11.39  ? 79  VAL A CA  1 
ATOM   194  C C   . VAL A 1 32  ? 1.837   -0.376  0.465   1.00 11.01  ? 79  VAL A C   1 
ATOM   195  O O   . VAL A 1 32  ? 2.375   0.171   1.442   1.00 12.02  ? 79  VAL A O   1 
ATOM   196  C CB  . VAL A 1 32  ? 1.781   1.433   -1.273  1.00 12.79  ? 79  VAL A CB  1 
ATOM   197  C CG1 . VAL A 1 32  ? 2.832   0.711   -2.119  1.00 14.77  ? 79  VAL A CG1 1 
ATOM   198  C CG2 . VAL A 1 32  ? 0.929   2.298   -2.177  1.00 15.07  ? 79  VAL A CG2 1 
ATOM   199  N N   . THR A 1 33  ? 2.014   -1.673  0.156   1.00 11.53  ? 80  THR A N   1 
ATOM   200  C CA  . THR A 1 33  ? 2.931   -2.522  0.870   1.00 11.07  ? 80  THR A CA  1 
ATOM   201  C C   . THR A 1 33  ? 3.948   -3.077  -0.134  1.00 13.20  ? 80  THR A C   1 
ATOM   202  O O   . THR A 1 33  ? 3.609   -3.536  -1.246  1.00 13.13  ? 80  THR A O   1 
ATOM   203  C CB  . THR A 1 33  ? 2.173   -3.669  1.584   1.00 11.63  ? 80  THR A CB  1 
ATOM   204  O OG1 . THR A 1 33  ? 1.593   -3.155  2.779   1.00 11.90  ? 80  THR A OG1 1 
ATOM   205  C CG2 . THR A 1 33  ? 3.149   -4.775  1.991   1.00 16.21  ? 80  THR A CG2 1 
ATOM   206  N N   . VAL A 1 34  ? 5.238   -3.053  0.268   1.00 13.61  ? 81  VAL A N   1 
ATOM   207  C CA  . VAL A 1 34  ? 6.257   -3.821  -0.443  1.00 14.83  ? 81  VAL A CA  1 
ATOM   208  C C   . VAL A 1 34  ? 6.875   -4.894  0.458   1.00 13.99  ? 81  VAL A C   1 
ATOM   209  O O   . VAL A 1 34  ? 7.197   -4.524  1.604   1.00 17.09  ? 81  VAL A O   1 
ATOM   210  C CB  A VAL A 1 34  ? 7.362   -2.881  -0.977  0.50 16.84  ? 81  VAL A CB  1 
ATOM   211  C CB  B VAL A 1 34  ? 7.353   -2.889  -0.997  0.50 16.86  ? 81  VAL A CB  1 
ATOM   212  C CG1 A VAL A 1 34  ? 7.988   -1.996  0.091   0.50 10.79  ? 81  VAL A CG1 1 
ATOM   213  C CG1 B VAL A 1 34  ? 8.119   -3.577  -2.113  0.50 17.54  ? 81  VAL A CG1 1 
ATOM   214  C CG2 A VAL A 1 34  ? 8.457   -3.708  -1.641  0.50 14.31  ? 81  VAL A CG2 1 
ATOM   215  C CG2 B VAL A 1 34  ? 6.707   -1.604  -1.479  0.50 22.59  ? 81  VAL A CG2 1 
ATOM   216  N N   . ASP A 1 35  ? 7.047   -6.070  -0.087  1.00 15.22  ? 82  ASP A N   1 
ATOM   217  C CA  . ASP A 1 35  ? 7.774   -7.123  0.648   1.00 19.46  ? 82  ASP A CA  1 
ATOM   218  C C   . ASP A 1 35  ? 9.274   -6.830  0.447   1.00 16.29  ? 82  ASP A C   1 
ATOM   219  O O   . ASP A 1 35  ? 9.705   -6.863  -0.720  1.00 20.24  ? 82  ASP A O   1 
ATOM   220  C CB  . ASP A 1 35  ? 7.424   -8.527  0.189   1.00 19.70  ? 82  ASP A CB  1 
ATOM   221  C CG  . ASP A 1 35  ? 8.391   -9.538  0.851   1.00 20.68  ? 82  ASP A CG  1 
ATOM   222  O OD1 . ASP A 1 35  ? 8.385   -9.566  2.092   1.00 21.15  ? 82  ASP A OD1 1 
ATOM   223  O OD2 . ASP A 1 35  ? 9.067   -10.265 0.100   1.00 22.81  ? 82  ASP A OD2 1 
ATOM   224  N N   . THR A 1 36  ? 9.996   -6.557  1.502   1.00 19.59  ? 83  THR A N   1 
ATOM   225  C CA  . THR A 1 36  ? 11.379  -6.045  1.305   1.00 21.41  ? 83  THR A CA  1 
ATOM   226  C C   . THR A 1 36  ? 12.268  -7.067  0.611   1.00 25.82  ? 83  THR A C   1 
ATOM   227  O O   . THR A 1 36  ? 13.088  -6.600  -0.215  1.00 28.99  ? 83  THR A O   1 
ATOM   228  C CB  . THR A 1 36  ? 12.027  -5.513  2.595   1.00 22.82  ? 83  THR A CB  1 
ATOM   229  O OG1 . THR A 1 36  ? 12.044  -6.543  3.584   1.00 22.37  ? 83  THR A OG1 1 
ATOM   230  C CG2 . THR A 1 36  ? 11.277  -4.317  3.172   1.00 20.78  ? 83  THR A CG2 1 
ATOM   231  N N   . ALA A 1 37  ? 12.165  -8.365  0.845   1.00 19.14  ? 84  ALA A N   1 
ATOM   232  C CA  . ALA A 1 37  ? 13.073  -9.313  0.189   1.00 25.07  ? 84  ALA A CA  1 
ATOM   233  C C   . ALA A 1 37  ? 12.759  -9.529  -1.286  1.00 27.29  ? 84  ALA A C   1 
ATOM   234  O O   . ALA A 1 37  ? 13.694  -9.578  -2.097  1.00 27.51  ? 84  ALA A O   1 
ATOM   235  C CB  . ALA A 1 37  ? 13.076  -10.645 0.935   1.00 26.61  ? 84  ALA A CB  1 
ATOM   236  N N   . SER A 1 38  ? 11.493  -9.638  -1.663  1.00 20.35  ? 85  SER A N   1 
ATOM   237  C CA  . SER A 1 38  ? 11.068  -9.972  -3.010  1.00 30.68  ? 85  SER A CA  1 
ATOM   238  C C   . SER A 1 38  ? 10.718  -8.759  -3.869  1.00 26.24  ? 85  SER A C   1 
ATOM   239  O O   . SER A 1 38  ? 10.689  -8.846  -5.110  1.00 28.60  ? 85  SER A O   1 
ATOM   240  C CB  . SER A 1 38  ? 9.824   -10.873 -2.970  1.00 31.54  ? 85  SER A CB  1 
ATOM   241  O OG  . SER A 1 38  ? 8.719   -10.046 -2.560  1.00 26.18  ? 85  SER A OG  1 
ATOM   242  N N   . SER A 1 39  ? 10.451  -7.629  -3.219  1.00 23.30  ? 86  SER A N   1 
ATOM   243  C CA  . SER A 1 39  ? 9.996   -6.430  -3.888  1.00 19.80  ? 86  SER A CA  1 
ATOM   244  C C   . SER A 1 39  ? 8.552   -6.540  -4.400  1.00 18.09  ? 86  SER A C   1 
ATOM   245  O O   . SER A 1 39  ? 8.140   -5.600  -5.085  1.00 21.09  ? 86  SER A O   1 
ATOM   246  C CB  . SER A 1 39  ? 10.920  -6.059  -5.065  1.00 24.91  ? 86  SER A CB  1 
ATOM   247  O OG  . SER A 1 39  ? 12.080  -5.408  -4.582  1.00 32.41  ? 86  SER A OG  1 
ATOM   248  N N   . ALA A 1 40  ? 7.800   -7.613  -4.121  1.00 19.83  ? 87  ALA A N   1 
ATOM   249  C CA  . ALA A 1 40  ? 6.392   -7.659  -4.527  1.00 17.41  ? 87  ALA A CA  1 
ATOM   250  C C   . ALA A 1 40  ? 5.577   -6.543  -3.840  1.00 16.03  ? 87  ALA A C   1 
ATOM   251  O O   . ALA A 1 40  ? 5.822   -6.205  -2.682  1.00 17.02  ? 87  ALA A O   1 
ATOM   252  C CB  . ALA A 1 40  ? 5.753   -9.001  -4.183  1.00 20.84  ? 87  ALA A CB  1 
ATOM   253  N N   . ILE A 1 41  ? 4.644   -5.994  -4.590  1.00 14.96  ? 88  ILE A N   1 
ATOM   254  C CA  . ILE A 1 41  ? 3.769   -4.916  -4.132  1.00 14.42  ? 88  ILE A CA  1 
ATOM   255  C C   . ILE A 1 41  ? 2.312   -5.362  -4.050  1.00 13.35  ? 88  ILE A C   1 
ATOM   256  O O   . ILE A 1 41  ? 1.773   -6.083  -4.915  1.00 15.74  ? 88  ILE A O   1 
ATOM   257  C CB  . ILE A 1 41  ? 3.876   -3.745  -5.117  1.00 19.10  ? 88  ILE A CB  1 
ATOM   258  C CG1 . ILE A 1 41  ? 5.309   -3.160  -5.082  1.00 19.68  ? 88  ILE A CG1 1 
ATOM   259  C CG2 . ILE A 1 41  ? 2.825   -2.664  -4.970  1.00 19.86  ? 88  ILE A CG2 1 
ATOM   260  C CD1 . ILE A 1 41  ? 5.592   -2.549  -6.474  1.00 21.83  ? 88  ILE A CD1 1 
ATOM   261  N N   . VAL A 1 42  ? 1.664   -4.916  -2.961  1.00 12.15  ? 89  VAL A N   1 
ATOM   262  C CA  . VAL A 1 42  ? 0.212   -5.005  -2.866  1.00 13.57  ? 89  VAL A CA  1 
ATOM   263  C C   . VAL A 1 42  ? -0.347  -3.595  -2.741  1.00 9.96   ? 89  VAL A C   1 
ATOM   264  O O   . VAL A 1 42  ? 0.185   -2.820  -1.931  1.00 12.15  ? 89  VAL A O   1 
ATOM   265  C CB  . VAL A 1 42  ? -0.287  -5.806  -1.645  1.00 12.23  ? 89  VAL A CB  1 
ATOM   266  C CG1 . VAL A 1 42  ? -1.828  -5.776  -1.553  1.00 12.69  ? 89  VAL A CG1 1 
ATOM   267  C CG2 . VAL A 1 42  ? 0.206   -7.235  -1.690  1.00 15.33  ? 89  VAL A CG2 1 
ATOM   268  N N   . VAL A 1 43  ? -1.405  -3.246  -3.472  1.00 10.96  ? 90  VAL A N   1 
ATOM   269  C CA  . VAL A 1 43  ? -2.007  -1.911  -3.367  1.00 10.87  ? 90  VAL A CA  1 
ATOM   270  C C   . VAL A 1 43  ? -3.522  -2.049  -3.278  1.00 11.24  ? 90  VAL A C   1 
ATOM   271  O O   . VAL A 1 43  ? -4.164  -2.856  -3.967  1.00 12.96  ? 90  VAL A O   1 
ATOM   272  C CB  . VAL A 1 43  ? -1.603  -0.983  -4.542  1.00 11.12  ? 90  VAL A CB  1 
ATOM   273  C CG1 . VAL A 1 43  ? -1.989  -1.596  -5.873  1.00 13.02  ? 90  VAL A CG1 1 
ATOM   274  C CG2 . VAL A 1 43  ? -2.231  0.393   -4.375  1.00 12.83  ? 90  VAL A CG2 1 
ATOM   275  N N   . THR A 1 44  ? -4.103  -1.251  -2.408  1.00 11.20  ? 91  THR A N   1 
ATOM   276  C CA  . THR A 1 44  ? -5.570  -1.126  -2.243  1.00 11.57  ? 91  THR A CA  1 
ATOM   277  C C   . THR A 1 44  ? -6.001  0.354   -2.203  1.00 10.87  ? 91  THR A C   1 
ATOM   278  O O   . THR A 1 44  ? -5.171  1.212   -1.867  1.00 11.46  ? 91  THR A O   1 
ATOM   279  C CB  . THR A 1 44  ? -6.031  -1.833  -0.951  1.00 9.97   ? 91  THR A CB  1 
ATOM   280  O OG1 . THR A 1 44  ? -5.280  -1.338  0.189   1.00 11.90  ? 91  THR A OG1 1 
ATOM   281  C CG2 . THR A 1 44  ? -5.821  -3.350  -1.066  1.00 13.58  ? 91  THR A CG2 1 
ATOM   282  N N   . GLN A 1 45  ? -7.240  0.639   -2.542  1.00 11.91  ? 92  GLN A N   1 
ATOM   283  C CA  . GLN A 1 45  ? -7.805  1.979   -2.546  1.00 11.31  ? 92  GLN A CA  1 
ATOM   284  C C   . GLN A 1 45  ? -8.684  2.267   -1.362  1.00 11.13  ? 92  GLN A C   1 
ATOM   285  O O   . GLN A 1 45  ? -9.439  1.370   -0.941  1.00 15.82  ? 92  GLN A O   1 
ATOM   286  C CB  . GLN A 1 45  ? -8.840  2.073   -3.706  1.00 18.83  ? 92  GLN A CB  1 
ATOM   287  C CG  . GLN A 1 45  ? -8.332  2.216   -5.105  1.00 24.63  ? 92  GLN A CG  1 
ATOM   288  C CD  . GLN A 1 45  ? -9.486  2.423   -6.068  1.00 15.83  ? 92  GLN A CD  1 
ATOM   289  O OE1 . GLN A 1 45  ? -10.015 1.474   -6.692  1.00 15.38  ? 92  GLN A OE1 1 
ATOM   290  N NE2 . GLN A 1 45  ? -9.922  3.661   -6.230  1.00 12.81  ? 92  GLN A NE2 1 
ATOM   291  N N   . HIS A 1 46  ? -8.622  3.488   -0.807  1.00 12.81  ? 93  HIS A N   1 
ATOM   292  C CA  . HIS A 1 46  ? -9.315  3.902   0.431   1.00 12.40  ? 93  HIS A CA  1 
ATOM   293  C C   . HIS A 1 46  ? -9.825  5.319   0.270   1.00 13.54  ? 93  HIS A C   1 
ATOM   294  O O   . HIS A 1 46  ? -9.210  6.137   -0.411  1.00 13.71  ? 93  HIS A O   1 
ATOM   295  C CB  . HIS A 1 46  ? -8.414  3.809   1.696   1.00 11.01  ? 93  HIS A CB  1 
ATOM   296  C CG  . HIS A 1 46  ? -7.816  2.425   1.768   1.00 11.62  ? 93  HIS A CG  1 
ATOM   297  N ND1 . HIS A 1 46  ? -8.500  1.366   2.330   1.00 14.16  ? 93  HIS A ND1 1 
ATOM   298  C CD2 . HIS A 1 46  ? -6.716  1.867   1.229   1.00 12.09  ? 93  HIS A CD2 1 
ATOM   299  C CE1 . HIS A 1 46  ? -7.821  0.271   2.176   1.00 14.35  ? 93  HIS A CE1 1 
ATOM   300  N NE2 . HIS A 1 46  ? -6.675  0.545   1.509   1.00 11.90  ? 93  HIS A NE2 1 
ATOM   301  N N   . GLY A 1 47  ? -10.985 5.655   0.864   1.00 14.81  ? 94  GLY A N   1 
ATOM   302  C CA  . GLY A 1 47  ? -11.445 7.029   0.834   1.00 14.92  ? 94  GLY A CA  1 
ATOM   303  C C   . GLY A 1 47  ? -10.735 7.934   1.847   1.00 20.01  ? 94  GLY A C   1 
ATOM   304  O O   . GLY A 1 47  ? -10.655 9.160   1.615   1.00 21.74  ? 94  GLY A O   1 
ATOM   305  N N   . ARG A 1 48  ? -10.224 7.399   2.957   1.00 19.99  ? 95  ARG A N   1 
ATOM   306  C CA  . ARG A 1 48  ? -9.569  8.212   3.985   1.00 19.17  ? 95  ARG A CA  1 
ATOM   307  C C   . ARG A 1 48  ? -8.384  7.462   4.571   1.00 17.76  ? 95  ARG A C   1 
ATOM   308  O O   . ARG A 1 48  ? -8.480  6.218   4.524   1.00 17.87  ? 95  ARG A O   1 
ATOM   309  C CB  . ARG A 1 48  ? -10.575 8.566   5.082   1.00 23.90  ? 95  ARG A CB  1 
ATOM   310  C CG  . ARG A 1 48  ? -11.599 9.610   4.668   0.00 23.90  ? 95  ARG A CG  1 
ATOM   311  C CD  . ARG A 1 48  ? -12.499 9.993   5.832   0.00 23.90  ? 95  ARG A CD  1 
ATOM   312  N NE  . ARG A 1 48  ? -12.265 9.156   7.005   0.00 23.90  ? 95  ARG A NE  1 
ATOM   313  C CZ  . ARG A 1 48  ? -13.200 8.442   7.615   0.00 23.90  ? 95  ARG A CZ  1 
ATOM   314  N NH1 . ARG A 1 48  ? -14.448 8.456   7.167   0.00 23.90  ? 95  ARG A NH1 1 
ATOM   315  N NH2 . ARG A 1 48  ? -12.893 7.709   8.677   0.00 23.90  ? 95  ARG A NH2 1 
ATOM   316  N N   . VAL A 1 49  ? -7.354  8.121   5.111   1.00 16.51  ? 96  VAL A N   1 
ATOM   317  C CA  . VAL A 1 49  ? -6.264  7.476   5.835   1.00 16.54  ? 96  VAL A CA  1 
ATOM   318  C C   . VAL A 1 49  ? -6.673  7.345   7.306   1.00 21.23  ? 96  VAL A C   1 
ATOM   319  O O   . VAL A 1 49  ? -6.743  8.342   8.034   1.00 24.65  ? 96  VAL A O   1 
ATOM   320  C CB  . VAL A 1 49  ? -4.925  8.202   5.793   1.00 19.39  ? 96  VAL A CB  1 
ATOM   321  C CG1 . VAL A 1 49  ? -3.830  7.425   6.511   1.00 23.09  ? 96  VAL A CG1 1 
ATOM   322  C CG2 . VAL A 1 49  ? -4.539  8.482   4.342   1.00 18.06  ? 96  VAL A CG2 1 
ATOM   323  N N   . THR A 1 50  ? -6.976  6.155   7.753   1.00 14.75  ? 97  THR A N   1 
ATOM   324  C CA  . THR A 1 50  ? -7.406  5.857   9.113   1.00 16.17  ? 97  THR A CA  1 
ATOM   325  C C   . THR A 1 50  ? -6.720  4.574   9.569   1.00 17.57  ? 97  THR A C   1 
ATOM   326  O O   . THR A 1 50  ? -6.176  3.812   8.761   1.00 17.58  ? 97  THR A O   1 
ATOM   327  C CB  . THR A 1 50  ? -8.912  5.614   9.234   1.00 18.76  ? 97  THR A CB  1 
ATOM   328  O OG1 . THR A 1 50  ? -9.311  4.517   8.390   1.00 19.03  ? 97  THR A OG1 1 
ATOM   329  C CG2 . THR A 1 50  ? -9.689  6.819   8.717   1.00 18.27  ? 97  THR A CG2 1 
ATOM   330  N N   . SER A 1 51  ? -6.686  4.300   10.879  1.00 16.64  ? 98  SER A N   1 
ATOM   331  C CA  . SER A 1 51  ? -6.193  3.045   11.397  1.00 18.30  ? 98  SER A CA  1 
ATOM   332  C C   . SER A 1 51  ? -6.911  1.869   10.709  1.00 16.12  ? 98  SER A C   1 
ATOM   333  O O   . SER A 1 51  ? -6.260  0.905   10.279  1.00 14.20  ? 98  SER A O   1 
ATOM   334  C CB  . SER A 1 51  ? -6.363  2.938   12.922  1.00 19.30  ? 98  SER A CB  1 
ATOM   335  O OG  . SER A 1 51  ? -5.651  4.020   13.528  1.00 18.71  ? 98  SER A OG  1 
ATOM   336  N N   . VAL A 1 52  ? -8.242  1.906   10.610  1.00 13.88  ? 99  VAL A N   1 
ATOM   337  C CA  . VAL A 1 52  ? -9.024  0.813   10.006  1.00 13.36  ? 99  VAL A CA  1 
ATOM   338  C C   . VAL A 1 52  ? -8.653  0.657   8.528   1.00 13.46  ? 99  VAL A C   1 
ATOM   339  O O   . VAL A 1 52  ? -8.609  -0.472  8.019   1.00 14.59  ? 99  VAL A O   1 
ATOM   340  C CB  . VAL A 1 52  ? -10.530 1.020   10.231  1.00 15.06  ? 99  VAL A CB  1 
ATOM   341  C CG1 . VAL A 1 52  ? -11.432 0.164   9.364   1.00 18.66  ? 99  VAL A CG1 1 
ATOM   342  C CG2 . VAL A 1 52  ? -10.835 0.757   11.713  1.00 20.48  ? 99  VAL A CG2 1 
ATOM   343  N N   . ALA A 1 53  ? -8.366  1.746   7.810   1.00 13.73  ? 100 ALA A N   1 
ATOM   344  C CA  . ALA A 1 53  ? -7.994  1.558   6.379   1.00 12.61  ? 100 ALA A CA  1 
ATOM   345  C C   . ALA A 1 53  ? -6.690  0.804   6.308   1.00 10.79  ? 100 ALA A C   1 
ATOM   346  O O   . ALA A 1 53  ? -6.570  -0.103  5.433   1.00 11.84  ? 100 ALA A O   1 
ATOM   347  C CB  . ALA A 1 53  ? -7.877  2.917   5.695   1.00 14.72  ? 100 ALA A CB  1 
ATOM   348  N N   . ALA A 1 54  ? -5.726  1.108   7.171   1.00 11.47  ? 101 ALA A N   1 
ATOM   349  C CA  . ALA A 1 54  ? -4.464  0.352   7.162   1.00 11.30  ? 101 ALA A CA  1 
ATOM   350  C C   . ALA A 1 54  ? -4.672  -1.114  7.401   1.00 11.11  ? 101 ALA A C   1 
ATOM   351  O O   . ALA A 1 54  ? -4.094  -2.019  6.840   1.00 12.25  ? 101 ALA A O   1 
ATOM   352  C CB  . ALA A 1 54  ? -3.471  0.964   8.181   1.00 14.73  ? 101 ALA A CB  1 
ATOM   353  N N   . GLN A 1 55  ? -5.573  -1.391  8.406   1.00 12.83  ? 102 GLN A N   1 
ATOM   354  C CA  . GLN A 1 55  ? -5.883  -2.764  8.760   1.00 12.01  ? 102 GLN A CA  1 
ATOM   355  C C   . GLN A 1 55  ? -6.584  -3.495  7.620   1.00 11.12  ? 102 GLN A C   1 
ATOM   356  O O   . GLN A 1 55  ? -6.271  -4.636  7.320   1.00 11.39  ? 102 GLN A O   1 
ATOM   357  C CB  . GLN A 1 55  ? -6.726  -2.794  10.069  1.00 12.29  ? 102 GLN A CB  1 
ATOM   358  C CG  . GLN A 1 55  ? -5.947  -2.167  11.235  1.00 13.19  ? 102 GLN A CG  1 
ATOM   359  C CD  . GLN A 1 55  ? -6.798  -1.631  12.355  1.00 13.84  ? 102 GLN A CD  1 
ATOM   360  O OE1 . GLN A 1 55  ? -6.337  -0.742  13.132  1.00 18.76  ? 102 GLN A OE1 1 
ATOM   361  N NE2 . GLN A 1 55  ? -8.018  -2.111  12.471  1.00 12.23  ? 102 GLN A NE2 1 
ATOM   362  N N   . HIS A 1 56  ? -7.558  -2.840  6.958   1.00 12.76  ? 103 HIS A N   1 
ATOM   363  C CA  . HIS A 1 56  ? -8.180  -3.487  5.756   1.00 10.86  ? 103 HIS A CA  1 
ATOM   364  C C   . HIS A 1 56  ? -7.191  -3.833  4.652   1.00 9.30   ? 103 HIS A C   1 
ATOM   365  O O   . HIS A 1 56  ? -7.245  -4.899  4.006   1.00 11.72  ? 103 HIS A O   1 
ATOM   366  C CB  . HIS A 1 56  ? -9.263  -2.558  5.207   1.00 13.26  ? 103 HIS A CB  1 
ATOM   367  C CG  . HIS A 1 56  ? -10.503 -2.434  6.029   1.00 14.25  ? 103 HIS A CG  1 
ATOM   368  N ND1 . HIS A 1 56  ? -10.693 -3.159  7.174   1.00 15.95  ? 103 HIS A ND1 1 
ATOM   369  C CD2 . HIS A 1 56  ? -11.602 -1.662  5.814   1.00 17.55  ? 103 HIS A CD2 1 
ATOM   370  C CE1 . HIS A 1 56  ? -11.903 -2.845  7.661   1.00 15.61  ? 103 HIS A CE1 1 
ATOM   371  N NE2 . HIS A 1 56  ? -12.439 -1.956  6.868   1.00 17.67  ? 103 HIS A NE2 1 
ATOM   372  N N   . HIS A 1 57  ? -6.251  -2.876  4.467   1.00 11.42  ? 104 HIS A N   1 
ATOM   373  C CA  . HIS A 1 57  ? -5.171  -3.077  3.499   1.00 9.80   ? 104 HIS A CA  1 
ATOM   374  C C   . HIS A 1 57  ? -4.324  -4.302  3.882   1.00 9.13   ? 104 HIS A C   1 
ATOM   375  O O   . HIS A 1 57  ? -4.092  -5.155  3.019   1.00 11.09  ? 104 HIS A O   1 
ATOM   376  C CB  . HIS A 1 57  ? -4.292  -1.809  3.460   1.00 9.99   ? 104 HIS A CB  1 
ATOM   377  C CG  . HIS A 1 57  ? -3.034  -2.027  2.701   1.00 9.49   ? 104 HIS A CG  1 
ATOM   378  N ND1 . HIS A 1 57  ? -2.893  -2.115  1.324   1.00 10.41  ? 104 HIS A ND1 1 
ATOM   379  C CD2 . HIS A 1 57  ? -1.796  -2.237  3.225   1.00 12.29  ? 104 HIS A CD2 1 
ATOM   380  C CE1 . HIS A 1 57  ? -1.621  -2.334  1.054   1.00 10.47  ? 104 HIS A CE1 1 
ATOM   381  N NE2 . HIS A 1 57  ? -0.908  -2.435  2.167   1.00 11.77  ? 104 HIS A NE2 1 
ATOM   382  N N   . TRP A 1 58  ? -3.831  -4.346  5.152   1.00 10.84  ? 105 TRP A N   1 
ATOM   383  C CA  . TRP A 1 58  ? -3.008  -5.483  5.529   1.00 10.23  ? 105 TRP A CA  1 
ATOM   384  C C   . TRP A 1 58  ? -3.787  -6.812  5.472   1.00 9.24   ? 105 TRP A C   1 
ATOM   385  O O   . TRP A 1 58  ? -3.158  -7.830  5.107   1.00 9.90   ? 105 TRP A O   1 
ATOM   386  C CB  . TRP A 1 58  ? -2.406  -5.224  6.915   1.00 11.67  ? 105 TRP A CB  1 
ATOM   387  C CG  . TRP A 1 58  ? -1.297  -4.198  6.986   1.00 11.05  ? 105 TRP A CG  1 
ATOM   388  C CD1 . TRP A 1 58  ? -0.304  -3.973  6.054   1.00 10.92  ? 105 TRP A CD1 1 
ATOM   389  C CD2 . TRP A 1 58  ? -1.048  -3.272  8.064   1.00 11.04  ? 105 TRP A CD2 1 
ATOM   390  N NE1 . TRP A 1 58  ? 0.524   -2.952  6.509   1.00 12.81  ? 105 TRP A NE1 1 
ATOM   391  C CE2 . TRP A 1 58  ? 0.081   -2.516  7.732   1.00 12.77  ? 105 TRP A CE2 1 
ATOM   392  C CE3 . TRP A 1 58  ? -1.699  -3.036  9.267   1.00 13.00  ? 105 TRP A CE3 1 
ATOM   393  C CZ2 . TRP A 1 58  ? 0.597   -1.516  8.569   1.00 15.20  ? 105 TRP A CZ2 1 
ATOM   394  C CZ3 . TRP A 1 58  ? -1.184  -2.030  10.097  1.00 15.20  ? 105 TRP A CZ3 1 
ATOM   395  C CH2 . TRP A 1 58  ? -0.047  -1.279  9.738   1.00 14.32  ? 105 TRP A CH2 1 
ATOM   396  N N   . ALA A 1 59  ? -5.098  -6.795  5.755   1.00 10.22  ? 106 ALA A N   1 
ATOM   397  C CA  . ALA A 1 59  ? -5.836  -8.060  5.599   1.00 10.72  ? 106 ALA A CA  1 
ATOM   398  C C   . ALA A 1 59  ? -5.788  -8.605  4.165   1.00 10.75  ? 106 ALA A C   1 
ATOM   399  O O   . ALA A 1 59  ? -5.561  -9.780  3.889   1.00 12.22  ? 106 ALA A O   1 
ATOM   400  C CB  . ALA A 1 59  ? -7.264  -7.838  6.031   1.00 11.01  ? 106 ALA A CB  1 
ATOM   401  N N   . THR A 1 60  ? -5.974  -7.651  3.219   1.00 10.20  ? 107 THR A N   1 
ATOM   402  C CA  . THR A 1 60  ? -5.816  -8.029  1.808   1.00 11.19  ? 107 THR A CA  1 
ATOM   403  C C   . THR A 1 60  ? -4.392  -8.521  1.475   1.00 9.92   ? 107 THR A C   1 
ATOM   404  O O   . THR A 1 60  ? -4.223  -9.536  0.786   1.00 10.76  ? 107 THR A O   1 
ATOM   405  C CB  . THR A 1 60  ? -6.161  -6.831  0.902   1.00 12.50  ? 107 THR A CB  1 
ATOM   406  O OG1 . THR A 1 60  ? -7.556  -6.516  1.144   1.00 16.57  ? 107 THR A OG1 1 
ATOM   407  C CG2 . THR A 1 60  ? -6.041  -7.185  -0.575  1.00 12.79  ? 107 THR A CG2 1 
ATOM   408  N N   . ALA A 1 61  ? -3.411  -7.750  1.956   1.00 10.66  ? 108 ALA A N   1 
ATOM   409  C CA  . ALA A 1 61  ? -2.008  -8.096  1.691   1.00 10.73  ? 108 ALA A CA  1 
ATOM   410  C C   . ALA A 1 61  ? -1.663  -9.466  2.270   1.00 11.59  ? 108 ALA A C   1 
ATOM   411  O O   . ALA A 1 61  ? -0.937  -10.211 1.631   1.00 11.90  ? 108 ALA A O   1 
ATOM   412  C CB  . ALA A 1 61  ? -1.068  -6.998  2.211   1.00 11.47  ? 108 ALA A CB  1 
ATOM   413  N N   . ILE A 1 62  ? -2.232  -9.840  3.444   1.00 10.82  ? 109 ILE A N   1 
ATOM   414  C CA  . ILE A 1 62  ? -1.950  -11.193 3.984   1.00 10.90  ? 109 ILE A CA  1 
ATOM   415  C C   . ILE A 1 62  ? -2.531  -12.274 3.062   1.00 11.62  ? 109 ILE A C   1 
ATOM   416  O O   . ILE A 1 62  ? -1.929  -13.307 2.843   1.00 12.52  ? 109 ILE A O   1 
ATOM   417  C CB  . ILE A 1 62  ? -2.493  -11.233 5.419   1.00 12.52  ? 109 ILE A CB  1 
ATOM   418  C CG1 . ILE A 1 62  ? -1.654  -10.325 6.338   1.00 12.31  ? 109 ILE A CG1 1 
ATOM   419  C CG2 . ILE A 1 62  ? -2.559  -12.636 5.976   1.00 14.00  ? 109 ILE A CG2 1 
ATOM   420  C CD1 . ILE A 1 62  ? -2.311  -10.140 7.694   1.00 15.80  ? 109 ILE A CD1 1 
ATOM   421  N N   . ALA A 1 63  ? -3.716  -12.014 2.474   1.00 11.59  ? 110 ALA A N   1 
ATOM   422  C CA  . ALA A 1 63  ? -4.344  -12.987 1.568   1.00 13.98  ? 110 ALA A CA  1 
ATOM   423  C C   . ALA A 1 63  ? -3.574  -13.146 0.264   1.00 11.70  ? 110 ALA A C   1 
ATOM   424  O O   . ALA A 1 63  ? -3.660  -14.201 -0.375  1.00 15.75  ? 110 ALA A O   1 
ATOM   425  C CB  . ALA A 1 63  ? -5.779  -12.576 1.226   1.00 12.65  ? 110 ALA A CB  1 
ATOM   426  N N   . VAL A 1 64  ? -2.826  -12.103 -0.141  1.00 11.59  ? 111 VAL A N   1 
ATOM   427  C CA  . VAL A 1 64  ? -2.028  -12.172 -1.355  1.00 12.03  ? 111 VAL A CA  1 
ATOM   428  C C   . VAL A 1 64  ? -0.629  -12.752 -1.153  1.00 13.70  ? 111 VAL A C   1 
ATOM   429  O O   . VAL A 1 64  ? -0.187  -13.573 -1.984  1.00 15.37  ? 111 VAL A O   1 
ATOM   430  C CB  . VAL A 1 64  ? -1.903  -10.783 -2.005  1.00 14.16  ? 111 VAL A CB  1 
ATOM   431  C CG1 . VAL A 1 64  ? -1.004  -10.818 -3.229  1.00 14.74  ? 111 VAL A CG1 1 
ATOM   432  C CG2 . VAL A 1 64  ? -3.307  -10.244 -2.349  1.00 15.30  ? 111 VAL A CG2 1 
ATOM   433  N N   . LEU A 1 65  ? 0.045   -12.293 -0.084  1.00 12.44  ? 112 LEU A N   1 
ATOM   434  C CA  . LEU A 1 65  ? 1.460   -12.593 0.108   1.00 13.30  ? 112 LEU A CA  1 
ATOM   435  C C   . LEU A 1 65  ? 1.712   -13.599 1.246   1.00 14.19  ? 112 LEU A C   1 
ATOM   436  O O   . LEU A 1 65  ? 2.840   -14.137 1.260   1.00 17.07  ? 112 LEU A O   1 
ATOM   437  C CB  . LEU A 1 65  ? 2.255   -11.337 0.485   1.00 14.40  ? 112 LEU A CB  1 
ATOM   438  C CG  . LEU A 1 65  ? 2.175   -10.145 -0.467  1.00 16.40  ? 112 LEU A CG  1 
ATOM   439  C CD1 . LEU A 1 65  ? 2.850   -8.928  0.160   1.00 17.55  ? 112 LEU A CD1 1 
ATOM   440  C CD2 . LEU A 1 65  ? 2.820   -10.489 -1.803  1.00 18.16  ? 112 LEU A CD2 1 
ATOM   441  N N   . GLY A 1 66  ? 0.782   -13.792 2.144   1.00 14.00  ? 113 GLY A N   1 
ATOM   442  C CA  . GLY A 1 66  ? 1.031   -14.553 3.367   1.00 14.68  ? 113 GLY A CA  1 
ATOM   443  C C   . GLY A 1 66  ? 1.231   -13.626 4.541   1.00 12.20  ? 113 GLY A C   1 
ATOM   444  O O   . GLY A 1 66  ? 1.275   -12.376 4.453   1.00 13.74  ? 113 GLY A O   1 
ATOM   445  N N   . ARG A 1 67  ? 1.300   -14.221 5.732   1.00 14.95  ? 114 ARG A N   1 
ATOM   446  C CA  . ARG A 1 67  ? 1.445   -13.451 6.962   1.00 13.87  ? 114 ARG A CA  1 
ATOM   447  C C   . ARG A 1 67  ? 2.904   -13.049 7.232   1.00 14.85  ? 114 ARG A C   1 
ATOM   448  O O   . ARG A 1 67  ? 3.755   -13.943 7.316   1.00 18.90  ? 114 ARG A O   1 
ATOM   449  C CB  . ARG A 1 67  ? 0.905   -14.270 8.169   1.00 16.53  ? 114 ARG A CB  1 
ATOM   450  C CG  . ARG A 1 67  ? 0.925   -13.372 9.399   1.00 21.21  ? 114 ARG A CG  1 
ATOM   451  C CD  . ARG A 1 67  ? 0.538   -14.059 10.686  1.00 28.49  ? 114 ARG A CD  1 
ATOM   452  N NE  . ARG A 1 67  ? 1.392   -15.225 10.941  1.00 30.07  ? 114 ARG A NE  1 
ATOM   453  C CZ  . ARG A 1 67  ? 0.926   -16.118 11.830  1.00 55.03  ? 114 ARG A CZ  1 
ATOM   454  N NH1 . ARG A 1 67  ? -0.255  -15.868 12.390  1.00 76.96  ? 114 ARG A NH1 1 
ATOM   455  N NH2 . ARG A 1 67  ? 1.609   -17.205 12.137  1.00 66.01  ? 114 ARG A NH2 1 
ATOM   456  N N   . PRO A 1 68  ? 3.213   -11.790 7.359   1.00 13.66  ? 115 PRO A N   1 
ATOM   457  C CA  . PRO A 1 68  ? 4.632   -11.368 7.548   1.00 15.06  ? 115 PRO A CA  1 
ATOM   458  C C   . PRO A 1 68  ? 5.063   -11.486 8.992   1.00 14.03  ? 115 PRO A C   1 
ATOM   459  O O   . PRO A 1 68  ? 4.256   -11.518 9.915   1.00 14.78  ? 115 PRO A O   1 
ATOM   460  C CB  . PRO A 1 68  ? 4.563   -9.908  7.112   1.00 13.98  ? 115 PRO A CB  1 
ATOM   461  C CG  . PRO A 1 68  ? 3.221   -9.441  7.537   1.00 13.29  ? 115 PRO A CG  1 
ATOM   462  C CD  . PRO A 1 68  ? 2.298   -10.622 7.322   1.00 13.48  ? 115 PRO A CD  1 
ATOM   463  N N   . LYS A 1 69  ? 6.369   -11.524 9.219   1.00 14.13  ? 116 LYS A N   1 
ATOM   464  C CA  . LYS A 1 69  ? 6.888   -11.428 10.579  1.00 16.53  ? 116 LYS A CA  1 
ATOM   465  C C   . LYS A 1 69  ? 6.893   -10.039 11.168  1.00 14.96  ? 116 LYS A C   1 
ATOM   466  O O   . LYS A 1 69  ? 6.729   -9.831  12.391  1.00 16.60  ? 116 LYS A O   1 
ATOM   467  C CB  . LYS A 1 69  ? 8.330   -11.980 10.565  1.00 16.74  ? 116 LYS A CB  1 
ATOM   468  C CG  . LYS A 1 69  ? 8.419   -13.474 10.370  1.00 22.04  ? 116 LYS A CG  1 
ATOM   469  C CD  . LYS A 1 69  ? 7.572   -14.213 11.420  1.00 34.16  ? 116 LYS A CD  1 
ATOM   470  C CE  . LYS A 1 69  ? 8.049   -15.661 11.515  1.00 42.58  ? 116 LYS A CE  1 
ATOM   471  N NZ  . LYS A 1 69  ? 6.975   -16.570 11.997  1.00 71.92  ? 116 LYS A NZ  1 
ATOM   472  N N   . ALA A 1 70  ? 7.108   -8.996  10.335  1.00 14.78  ? 117 ALA A N   1 
ATOM   473  C CA  . ALA A 1 70  ? 7.147   -7.638  10.831  1.00 14.04  ? 117 ALA A CA  1 
ATOM   474  C C   . ALA A 1 70  ? 6.810   -6.628  9.714   1.00 14.70  ? 117 ALA A C   1 
ATOM   475  O O   . ALA A 1 70  ? 7.023   -6.970  8.549   1.00 14.36  ? 117 ALA A O   1 
ATOM   476  C CB  . ALA A 1 70  ? 8.521   -7.239  11.421  1.00 20.69  ? 117 ALA A CB  1 
ATOM   477  N N   . ILE A 1 71  ? 6.327   -5.479  10.156  1.00 14.73  ? 118 ILE A N   1 
ATOM   478  C CA  . ILE A 1 71  ? 5.949   -4.405  9.239   1.00 13.45  ? 118 ILE A CA  1 
ATOM   479  C C   . ILE A 1 71  ? 6.585   -3.131  9.793   1.00 16.50  ? 118 ILE A C   1 
ATOM   480  O O   . ILE A 1 71  ? 6.480   -2.776  10.974  1.00 16.07  ? 118 ILE A O   1 
ATOM   481  C CB  . ILE A 1 71  ? 4.422   -4.285  9.022   1.00 16.90  ? 118 ILE A CB  1 
ATOM   482  C CG1 . ILE A 1 71  ? 3.738   -5.559  8.507   1.00 14.36  ? 118 ILE A CG1 1 
ATOM   483  C CG2 . ILE A 1 71  ? 4.135   -3.113  8.090   1.00 15.65  ? 118 ILE A CG2 1 
ATOM   484  C CD1 . ILE A 1 71  ? 2.218   -5.543  8.632   1.00 16.69  ? 118 ILE A CD1 1 
ATOM   485  N N   . LYS A 1 72  ? 7.264   -2.440  8.872   1.00 16.21  ? 119 LYS A N   1 
ATOM   486  C CA  . LYS A 1 72  ? 7.844   -1.121  9.174   1.00 17.69  ? 119 LYS A CA  1 
ATOM   487  C C   . LYS A 1 72  ? 7.001   -0.005  8.613   1.00 15.19  ? 119 LYS A C   1 
ATOM   488  O O   . LYS A 1 72  ? 6.589   -0.093  7.423   1.00 17.39  ? 119 LYS A O   1 
ATOM   489  C CB  . LYS A 1 72  ? 9.246   -1.053  8.551   1.00 20.67  ? 119 LYS A CB  1 
ATOM   490  C CG  . LYS A 1 72  ? 10.191  -2.169  8.946   1.00 26.81  ? 119 LYS A CG  1 
ATOM   491  C CD  . LYS A 1 72  ? 11.555  -1.995  8.251   1.00 31.42  ? 119 LYS A CD  1 
ATOM   492  C CE  . LYS A 1 72  ? 12.566  -2.877  8.974   1.00 28.65  ? 119 LYS A CE  1 
ATOM   493  N NZ  . LYS A 1 72  ? 13.932  -2.624  8.425   1.00 56.04  ? 119 LYS A NZ  1 
ATOM   494  N N   . THR A 1 73  ? 6.652   1.036   9.328   1.00 17.09  ? 120 THR A N   1 
ATOM   495  C CA  . THR A 1 73  ? 5.857   2.168   8.922   1.00 17.07  ? 120 THR A CA  1 
ATOM   496  C C   . THR A 1 73  ? 6.448   3.479   9.435   1.00 20.85  ? 120 THR A C   1 
ATOM   497  O O   . THR A 1 73  ? 7.429   3.445   10.217  1.00 23.18  ? 120 THR A O   1 
ATOM   498  C CB  . THR A 1 73  ? 4.403   2.086   9.455   1.00 17.30  ? 120 THR A CB  1 
ATOM   499  O OG1 . THR A 1 73  ? 4.363   2.271   10.875  1.00 17.23  ? 120 THR A OG1 1 
ATOM   500  C CG2 . THR A 1 73  ? 3.819   0.697   9.191   1.00 21.87  ? 120 THR A CG2 1 
ATOM   501  N N   . ASP A 1 74  ? 5.851   4.610   9.073   1.00 17.56  ? 121 ASP A N   1 
ATOM   502  C CA  . ASP A 1 74  ? 6.284   5.821   9.793   1.00 18.42  ? 121 ASP A CA  1 
ATOM   503  C C   . ASP A 1 74  ? 5.481   5.985   11.068  1.00 23.70  ? 121 ASP A C   1 
ATOM   504  O O   . ASP A 1 74  ? 4.761   5.062   11.467  1.00 19.23  ? 121 ASP A O   1 
ATOM   505  C CB  . ASP A 1 74  ? 6.152   7.043   8.899   1.00 23.08  ? 121 ASP A CB  1 
ATOM   506  C CG  . ASP A 1 74  ? 4.766   7.531   8.594   1.00 23.92  ? 121 ASP A CG  1 
ATOM   507  O OD1 . ASP A 1 74  ? 3.759   7.063   9.146   1.00 22.87  ? 121 ASP A OD1 1 
ATOM   508  O OD2 . ASP A 1 74  ? 4.667   8.477   7.759   1.00 31.84  ? 121 ASP A OD2 1 
ATOM   509  N N   . ASN A 1 75  ? 5.622   7.168   11.713  1.00 27.31  ? 122 ASN A N   1 
ATOM   510  C CA  . ASN A 1 75  ? 4.966   7.353   12.998  1.00 23.98  ? 122 ASN A CA  1 
ATOM   511  C C   . ASN A 1 75  ? 3.693   8.164   12.909  1.00 25.01  ? 122 ASN A C   1 
ATOM   512  O O   . ASN A 1 75  ? 3.298   8.806   13.906  1.00 30.35  ? 122 ASN A O   1 
ATOM   513  C CB  . ASN A 1 75  ? 5.932   8.006   14.028  1.00 26.85  ? 122 ASN A CB  1 
ATOM   514  C CG  . ASN A 1 75  ? 6.561   9.254   13.435  1.00 32.71  ? 122 ASN A CG  1 
ATOM   515  O OD1 . ASN A 1 75  ? 6.168   9.723   12.374  1.00 29.42  ? 122 ASN A OD1 1 
ATOM   516  N ND2 . ASN A 1 75  ? 7.563   9.817   14.125  1.00 42.45  ? 122 ASN A ND2 1 
ATOM   517  N N   . GLY A 1 76  ? 2.957   8.188   11.793  1.00 27.88  ? 123 GLY A N   1 
ATOM   518  C CA  . GLY A 1 76  ? 1.664   8.829   11.721  1.00 25.10  ? 123 GLY A CA  1 
ATOM   519  C C   . GLY A 1 76  ? 0.631   8.142   12.600  1.00 22.18  ? 123 GLY A C   1 
ATOM   520  O O   . GLY A 1 76  ? 0.892   7.006   13.011  1.00 26.03  ? 123 GLY A O   1 
ATOM   521  N N   . SER A 1 77  ? -0.459  8.830   12.864  1.00 25.29  ? 124 SER A N   1 
ATOM   522  C CA  . SER A 1 77  ? -1.517  8.445   13.762  1.00 31.02  ? 124 SER A CA  1 
ATOM   523  C C   . SER A 1 77  ? -2.156  7.092   13.420  1.00 29.78  ? 124 SER A C   1 
ATOM   524  O O   . SER A 1 77  ? -2.558  6.381   14.351  1.00 29.23  ? 124 SER A O   1 
ATOM   525  C CB  . SER A 1 77  ? -2.633  9.506   13.809  1.00 29.85  ? 124 SER A CB  1 
ATOM   526  O OG  . SER A 1 77  ? -3.161  9.724   12.516  1.00 47.45  ? 124 SER A OG  1 
ATOM   527  N N   . CYS A 1 78  ? -2.223  6.755   12.128  1.00 22.18  ? 125 CYS A N   1 
ATOM   528  C CA  . CYS A 1 78  ? -2.909  5.492   11.782  1.00 20.19  ? 125 CYS A CA  1 
ATOM   529  C C   . CYS A 1 78  ? -2.012  4.289   12.070  1.00 19.40  ? 125 CYS A C   1 
ATOM   530  O O   . CYS A 1 78  ? -2.501  3.142   12.106  1.00 19.19  ? 125 CYS A O   1 
ATOM   531  C CB  . CYS A 1 78  ? -3.296  5.444   10.310  1.00 22.39  ? 125 CYS A CB  1 
ATOM   532  S SG  . CYS A 1 78  ? -1.891  5.523   9.165   1.00 23.66  ? 125 CYS A SG  1 
ATOM   533  N N   . PHE A 1 79  ? -0.729  4.558   12.280  1.00 21.66  ? 126 PHE A N   1 
ATOM   534  C CA  . PHE A 1 79  ? 0.206   3.506   12.629  1.00 20.75  ? 126 PHE A CA  1 
ATOM   535  C C   . PHE A 1 79  ? 0.570   3.451   14.117  1.00 23.08  ? 126 PHE A C   1 
ATOM   536  O O   . PHE A 1 79  ? 1.001   2.407   14.613  1.00 25.41  ? 126 PHE A O   1 
ATOM   537  C CB  . PHE A 1 79  ? 1.473   3.688   11.779  1.00 21.40  ? 126 PHE A CB  1 
ATOM   538  C CG  . PHE A 1 79  ? 1.199   3.477   10.281  1.00 20.59  ? 126 PHE A CG  1 
ATOM   539  C CD1 . PHE A 1 79  ? 0.435   2.436   9.790   1.00 18.23  ? 126 PHE A CD1 1 
ATOM   540  C CD2 . PHE A 1 79  ? 1.737   4.391   9.386   1.00 23.57  ? 126 PHE A CD2 1 
ATOM   541  C CE1 . PHE A 1 79  ? 0.218   2.294   8.420   1.00 18.25  ? 126 PHE A CE1 1 
ATOM   542  C CE2 . PHE A 1 79  ? 1.539   4.269   8.028   1.00 21.81  ? 126 PHE A CE2 1 
ATOM   543  C CZ  . PHE A 1 79  ? 0.776   3.227   7.544   1.00 21.21  ? 126 PHE A CZ  1 
ATOM   544  N N   . THR A 1 80  ? 0.417   4.553   14.825  1.00 22.04  ? 127 THR A N   1 
ATOM   545  C CA  . THR A 1 80  ? 0.805   4.579   16.240  1.00 30.07  ? 127 THR A CA  1 
ATOM   546  C C   . THR A 1 80  ? -0.376  4.410   17.171  1.00 25.20  ? 127 THR A C   1 
ATOM   547  O O   . THR A 1 80  ? -0.215  4.383   18.396  1.00 26.88  ? 127 THR A O   1 
ATOM   548  C CB  . THR A 1 80  ? 1.501   5.900   16.645  1.00 24.59  ? 127 THR A CB  1 
ATOM   549  O OG1 . THR A 1 80  ? 0.558   6.964   16.437  1.00 26.31  ? 127 THR A OG1 1 
ATOM   550  C CG2 . THR A 1 80  ? 2.739   6.123   15.804  1.00 25.25  ? 127 THR A CG2 1 
ATOM   551  N N   . SER A 1 81  ? -1.572  4.292   16.645  1.00 19.49  ? 128 SER A N   1 
ATOM   552  C CA  . SER A 1 81  ? -2.791  4.199   17.423  1.00 23.30  ? 128 SER A CA  1 
ATOM   553  C C   . SER A 1 81  ? -2.887  2.907   18.219  1.00 17.89  ? 128 SER A C   1 
ATOM   554  O O   . SER A 1 81  ? -2.345  1.853   17.913  1.00 18.62  ? 128 SER A O   1 
ATOM   555  C CB  . SER A 1 81  ? -4.005  4.323   16.494  1.00 18.63  ? 128 SER A CB  1 
ATOM   556  O OG  . SER A 1 81  ? -4.057  3.164   15.632  1.00 19.00  ? 128 SER A OG  1 
ATOM   557  N N   . LYS A 1 82  ? -3.654  3.033   19.320  1.00 20.89  ? 129 LYS A N   1 
ATOM   558  C CA  . LYS A 1 82  ? -3.955  1.828   20.087  1.00 21.65  ? 129 LYS A CA  1 
ATOM   559  C C   . LYS A 1 82  ? -4.677  0.788   19.225  1.00 18.67  ? 129 LYS A C   1 
ATOM   560  O O   . LYS A 1 82  ? -4.462  -0.412  19.305  1.00 19.60  ? 129 LYS A O   1 
ATOM   561  C CB  . LYS A 1 82  ? -4.828  2.214   21.295  1.00 22.97  ? 129 LYS A CB  1 
ATOM   562  C CG  . LYS A 1 82  ? -4.556  1.375   22.532  0.00 22.97  ? 129 LYS A CG  1 
ATOM   563  C CD  . LYS A 1 82  ? -5.802  1.240   23.392  0.00 22.97  ? 129 LYS A CD  1 
ATOM   564  C CE  . LYS A 1 82  ? -5.493  0.547   24.709  0.00 22.97  ? 129 LYS A CE  1 
ATOM   565  N NZ  . LYS A 1 82  ? -6.555  0.783   25.724  0.00 22.97  ? 129 LYS A NZ  1 
ATOM   566  N N   . SER A 1 83  ? -5.565  1.227   18.336  1.00 20.94  ? 130 SER A N   1 
ATOM   567  C CA  . SER A 1 83  ? -6.243  0.325   17.405  1.00 19.27  ? 130 SER A CA  1 
ATOM   568  C C   . SER A 1 83  ? -5.311  -0.523  16.530  1.00 15.24  ? 130 SER A C   1 
ATOM   569  O O   . SER A 1 83  ? -5.428  -1.732  16.421  1.00 15.92  ? 130 SER A O   1 
ATOM   570  C CB  . SER A 1 83  ? -7.088  1.195   16.463  1.00 21.65  ? 130 SER A CB  1 
ATOM   571  O OG  . SER A 1 83  ? -7.734  0.358   15.525  1.00 22.95  ? 130 SER A OG  1 
ATOM   572  N N   . THR A 1 84  ? -4.378  0.209   15.907  1.00 16.36  ? 131 THR A N   1 
ATOM   573  C CA  . THR A 1 84  ? -3.457  -0.542  15.043  1.00 19.78  ? 131 THR A CA  1 
ATOM   574  C C   . THR A 1 84  ? -2.503  -1.409  15.838  1.00 14.05  ? 131 THR A C   1 
ATOM   575  O O   . THR A 1 84  ? -2.153  -2.505  15.441  1.00 15.40  ? 131 THR A O   1 
ATOM   576  C CB  . THR A 1 84  ? -2.689  0.453   14.145  1.00 16.76  ? 131 THR A CB  1 
ATOM   577  O OG1 . THR A 1 84  ? -3.709  0.919   13.227  1.00 17.33  ? 131 THR A OG1 1 
ATOM   578  C CG2 . THR A 1 84  ? -1.570  -0.265  13.445  1.00 17.30  ? 131 THR A CG2 1 
ATOM   579  N N   . ARG A 1 85  ? -2.085  -0.849  17.030  1.00 17.59  ? 132 ARG A N   1 
ATOM   580  C CA  . ARG A 1 85  ? -1.212  -1.729  17.835  1.00 17.41  ? 132 ARG A CA  1 
ATOM   581  C C   . ARG A 1 85  ? -1.873  -3.020  18.225  1.00 14.75  ? 132 ARG A C   1 
ATOM   582  O O   . ARG A 1 85  ? -1.287  -4.118  18.179  1.00 16.99  ? 132 ARG A O   1 
ATOM   583  C CB  . ARG A 1 85  ? -0.765  -0.957  19.099  1.00 20.95  ? 132 ARG A CB  1 
ATOM   584  C CG  . ARG A 1 85  ? 0.032   -1.804  20.084  1.00 19.43  ? 132 ARG A CG  1 
ATOM   585  C CD  . ARG A 1 85  ? 0.283   -1.136  21.434  1.00 29.52  ? 132 ARG A CD  1 
ATOM   586  N NE  . ARG A 1 85  ? -0.941  -1.046  22.226  0.00 29.52  ? 132 ARG A NE  1 
ATOM   587  C CZ  . ARG A 1 85  ? -0.973  -0.937  23.547  0.00 29.52  ? 132 ARG A CZ  1 
ATOM   588  N NH1 . ARG A 1 85  ? 0.158   -0.904  24.241  0.00 29.52  ? 132 ARG A NH1 1 
ATOM   589  N NH2 . ARG A 1 85  ? -2.134  -0.860  24.182  0.00 29.52  ? 132 ARG A NH2 1 
ATOM   590  N N   . GLU A 1 86  ? -3.156  -2.928  18.618  1.00 14.89  ? 133 GLU A N   1 
ATOM   591  C CA  . GLU A 1 86  ? -3.872  -4.180  18.912  1.00 15.67  ? 133 GLU A CA  1 
ATOM   592  C C   . GLU A 1 86  ? -4.137  -5.096  17.732  1.00 14.90  ? 133 GLU A C   1 
ATOM   593  O O   . GLU A 1 86  ? -4.058  -6.324  17.879  1.00 15.37  ? 133 GLU A O   1 
ATOM   594  C CB  . GLU A 1 86  ? -5.155  -3.741  19.634  1.00 17.14  ? 133 GLU A CB  1 
ATOM   595  C CG  . GLU A 1 86  ? -6.167  -4.816  19.819  1.00 19.84  ? 133 GLU A CG  1 
ATOM   596  C CD  . GLU A 1 86  ? -5.725  -5.934  20.759  1.00 21.15  ? 133 GLU A CD  1 
ATOM   597  O OE1 . GLU A 1 86  ? -4.715  -5.755  21.437  1.00 21.99  ? 133 GLU A OE1 1 
ATOM   598  O OE2 . GLU A 1 86  ? -6.481  -6.931  20.754  1.00 28.47  ? 133 GLU A OE2 1 
ATOM   599  N N   . TRP A 1 87  ? -4.415  -4.495  16.548  1.00 15.59  ? 134 TRP A N   1 
ATOM   600  C CA  . TRP A 1 87  ? -4.693  -5.353  15.358  1.00 14.52  ? 134 TRP A CA  1 
ATOM   601  C C   . TRP A 1 87  ? -3.481  -6.186  15.009  1.00 11.90  ? 134 TRP A C   1 
ATOM   602  O O   . TRP A 1 87  ? -3.480  -7.348  14.705  1.00 13.36  ? 134 TRP A O   1 
ATOM   603  C CB  . TRP A 1 87  ? -5.176  -4.428  14.211  1.00 12.81  ? 134 TRP A CB  1 
ATOM   604  C CG  . TRP A 1 87  ? -5.647  -5.146  12.975  1.00 14.32  ? 134 TRP A CG  1 
ATOM   605  C CD1 . TRP A 1 87  ? -6.956  -5.420  12.621  1.00 15.95  ? 134 TRP A CD1 1 
ATOM   606  C CD2 . TRP A 1 87  ? -4.858  -5.703  11.892  1.00 13.29  ? 134 TRP A CD2 1 
ATOM   607  N NE1 . TRP A 1 87  ? -7.035  -6.096  11.417  1.00 13.89  ? 134 TRP A NE1 1 
ATOM   608  C CE2 . TRP A 1 87  ? -5.745  -6.273  10.959  1.00 11.89  ? 134 TRP A CE2 1 
ATOM   609  C CE3 . TRP A 1 87  ? -3.483  -5.778  11.594  1.00 12.92  ? 134 TRP A CE3 1 
ATOM   610  C CZ2 . TRP A 1 87  ? -5.356  -6.913  9.764   1.00 13.07  ? 134 TRP A CZ2 1 
ATOM   611  C CZ3 . TRP A 1 87  ? -3.074  -6.409  10.425  1.00 12.28  ? 134 TRP A CZ3 1 
ATOM   612  C CH2 . TRP A 1 87  ? -3.989  -6.976  9.499   1.00 12.98  ? 134 TRP A CH2 1 
ATOM   613  N N   . LEU A 1 88  ? -2.302  -5.533  15.013  1.00 14.16  ? 135 LEU A N   1 
ATOM   614  C CA  . LEU A 1 88  ? -1.032  -6.204  14.727  1.00 14.21  ? 135 LEU A CA  1 
ATOM   615  C C   . LEU A 1 88  ? -0.673  -7.287  15.764  1.00 11.77  ? 135 LEU A C   1 
ATOM   616  O O   . LEU A 1 88  ? -0.249  -8.373  15.420  1.00 13.90  ? 135 LEU A O   1 
ATOM   617  C CB  . LEU A 1 88  ? 0.103   -5.184  14.613  1.00 14.87  ? 135 LEU A CB  1 
ATOM   618  C CG  . LEU A 1 88  ? -0.002  -4.272  13.379  1.00 12.77  ? 135 LEU A CG  1 
ATOM   619  C CD1 . LEU A 1 88  ? 0.917   -3.089  13.506  1.00 16.01  ? 135 LEU A CD1 1 
ATOM   620  C CD2 . LEU A 1 88  ? 0.348   -5.030  12.096  1.00 15.15  ? 135 LEU A CD2 1 
ATOM   621  N N   . ALA A 1 89  ? -0.969  -6.939  17.036  1.00 15.13  ? 136 ALA A N   1 
ATOM   622  C CA  . ALA A 1 89  ? -0.741  -7.964  18.086  1.00 14.61  ? 136 ALA A CA  1 
ATOM   623  C C   . ALA A 1 89  ? -1.668  -9.156  17.931  1.00 13.47  ? 136 ALA A C   1 
ATOM   624  O O   . ALA A 1 89  ? -1.312  -10.305 18.117  1.00 14.48  ? 136 ALA A O   1 
ATOM   625  C CB  . ALA A 1 89  ? -0.905  -7.252  19.445  1.00 17.77  ? 136 ALA A CB  1 
ATOM   626  N N   . ARG A 1 90  ? -2.937  -8.892  17.527  1.00 13.91  ? 137 ARG A N   1 
ATOM   627  C CA  . ARG A 1 90  ? -3.901  -9.960  17.250  1.00 13.60  ? 137 ARG A CA  1 
ATOM   628  C C   . ARG A 1 90  ? -3.400  -10.971 16.228  1.00 14.06  ? 137 ARG A C   1 
ATOM   629  O O   . ARG A 1 90  ? -3.648  -12.175 16.298  1.00 16.74  ? 137 ARG A O   1 
ATOM   630  C CB  . ARG A 1 90  ? -5.254  -9.370  16.805  1.00 19.63  ? 137 ARG A CB  1 
ATOM   631  C CG  . ARG A 1 90  ? -6.260  -10.440 16.406  1.00 18.81  ? 137 ARG A CG  1 
ATOM   632  C CD  . ARG A 1 90  ? -7.398  -9.906  15.557  1.00 27.21  ? 137 ARG A CD  1 
ATOM   633  N NE  . ARG A 1 90  ? -7.733  -8.525  15.847  1.00 25.59  ? 137 ARG A NE  1 
ATOM   634  C CZ  . ARG A 1 90  ? -8.481  -7.707  15.119  1.00 36.07  ? 137 ARG A CZ  1 
ATOM   635  N NH1 . ARG A 1 90  ? -9.046  -8.085  13.976  1.00 34.38  ? 137 ARG A NH1 1 
ATOM   636  N NH2 . ARG A 1 90  ? -8.669  -6.457  15.562  1.00 45.54  ? 137 ARG A NH2 1 
ATOM   637  N N   . TRP A 1 91  ? -2.679  -10.443 15.185  1.00 12.88  ? 138 TRP A N   1 
ATOM   638  C CA  . TRP A 1 91  ? -2.114  -11.237 14.126  1.00 11.83  ? 138 TRP A CA  1 
ATOM   639  C C   . TRP A 1 91  ? -0.711  -11.793 14.433  1.00 14.59  ? 138 TRP A C   1 
ATOM   640  O O   . TRP A 1 91  ? -0.174  -12.594 13.674  1.00 16.75  ? 138 TRP A O   1 
ATOM   641  C CB  . TRP A 1 91  ? -2.035  -10.391 12.832  1.00 12.48  ? 138 TRP A CB  1 
ATOM   642  C CG  . TRP A 1 91  ? -3.297  -10.467 11.978  1.00 12.48  ? 138 TRP A CG  1 
ATOM   643  C CD1 . TRP A 1 91  ? -4.333  -9.566  11.962  1.00 13.76  ? 138 TRP A CD1 1 
ATOM   644  C CD2 . TRP A 1 91  ? -3.611  -11.515 11.050  1.00 14.44  ? 138 TRP A CD2 1 
ATOM   645  N NE1 . TRP A 1 91  ? -5.279  -10.022 11.035  1.00 13.30  ? 138 TRP A NE1 1 
ATOM   646  C CE2 . TRP A 1 91  ? -4.906  -11.188 10.466  1.00 13.04  ? 138 TRP A CE2 1 
ATOM   647  C CE3 . TRP A 1 91  ? -2.981  -12.687 10.640  1.00 15.16  ? 138 TRP A CE3 1 
ATOM   648  C CZ2 . TRP A 1 91  ? -5.495  -12.032 9.511   1.00 14.04  ? 138 TRP A CZ2 1 
ATOM   649  C CZ3 . TRP A 1 91  ? -3.561  -13.514 9.696   1.00 14.96  ? 138 TRP A CZ3 1 
ATOM   650  C CH2 . TRP A 1 91  ? -4.818  -13.167 9.142   1.00 18.35  ? 138 TRP A CH2 1 
ATOM   651  N N   . GLY A 1 92  ? -0.141  -11.371 15.598  1.00 14.01  ? 139 GLY A N   1 
ATOM   652  C CA  . GLY A 1 92  ? 1.234   -11.792 15.892  1.00 15.46  ? 139 GLY A CA  1 
ATOM   653  C C   . GLY A 1 92  ? 2.289   -11.181 14.946  1.00 15.29  ? 139 GLY A C   1 
ATOM   654  O O   . GLY A 1 92  ? 3.242   -11.886 14.632  1.00 18.73  ? 139 GLY A O   1 
ATOM   655  N N   . ILE A 1 93  ? 2.071   -9.952  14.492  1.00 13.23  ? 140 ILE A N   1 
ATOM   656  C CA  . ILE A 1 93  ? 3.013   -9.295  13.577  1.00 14.28  ? 140 ILE A CA  1 
ATOM   657  C C   . ILE A 1 93  ? 3.735   -8.190  14.312  1.00 14.84  ? 140 ILE A C   1 
ATOM   658  O O   . ILE A 1 93  ? 3.129   -7.299  14.898  1.00 16.21  ? 140 ILE A O   1 
ATOM   659  C CB  . ILE A 1 93  ? 2.233   -8.760  12.339  1.00 13.76  ? 140 ILE A CB  1 
ATOM   660  C CG1 . ILE A 1 93  ? 1.602   -9.874  11.497  1.00 13.06  ? 140 ILE A CG1 1 
ATOM   661  C CG2 . ILE A 1 93  ? 3.142   -7.818  11.518  1.00 14.67  ? 140 ILE A CG2 1 
ATOM   662  C CD1 . ILE A 1 93  ? 0.563   -9.369  10.474  1.00 13.99  ? 140 ILE A CD1 1 
ATOM   663  N N   . ALA A 1 94  ? 5.085   -8.212  14.276  1.00 14.82  ? 141 ALA A N   1 
ATOM   664  C CA  . ALA A 1 94  ? 5.876   -7.187  14.930  1.00 16.00  ? 141 ALA A CA  1 
ATOM   665  C C   . ALA A 1 94  ? 5.867   -5.863  14.183  1.00 16.46  ? 141 ALA A C   1 
ATOM   666  O O   . ALA A 1 94  ? 5.555   -5.839  12.976  1.00 18.66  ? 141 ALA A O   1 
ATOM   667  C CB  . ALA A 1 94  ? 7.297   -7.718  15.128  1.00 20.31  ? 141 ALA A CB  1 
ATOM   668  N N   . HIS A 1 95  ? 6.135   -4.737  14.792  1.00 18.84  ? 142 HIS A N   1 
ATOM   669  C CA  . HIS A 1 95  ? 5.972   -3.434  14.147  1.00 18.17  ? 142 HIS A CA  1 
ATOM   670  C C   . HIS A 1 95  ? 7.032   -2.473  14.663  1.00 22.95  ? 142 HIS A C   1 
ATOM   671  O O   . HIS A 1 95  ? 7.209   -2.333  15.868  1.00 21.91  ? 142 HIS A O   1 
ATOM   672  C CB  . HIS A 1 95  ? 4.557   -2.956  14.399  1.00 19.04  ? 142 HIS A CB  1 
ATOM   673  C CG  . HIS A 1 95  ? 4.224   -1.599  13.873  1.00 21.51  ? 142 HIS A CG  1 
ATOM   674  N ND1 . HIS A 1 95  ? 3.400   -0.775  14.587  1.00 22.44  ? 142 HIS A ND1 1 
ATOM   675  C CD2 . HIS A 1 95  ? 4.567   -0.947  12.743  1.00 15.12  ? 142 HIS A CD2 1 
ATOM   676  C CE1 . HIS A 1 95  ? 3.240   0.366   13.915  1.00 25.47  ? 142 HIS A CE1 1 
ATOM   677  N NE2 . HIS A 1 95  ? 3.960   0.271   12.804  1.00 18.85  ? 142 HIS A NE2 1 
ATOM   678  N N   . THR A 1 96  ? 7.716   -1.834  13.707  1.00 20.19  ? 143 THR A N   1 
ATOM   679  C CA  . THR A 1 96  ? 8.610   -0.732  14.040  1.00 21.66  ? 143 THR A CA  1 
ATOM   680  C C   . THR A 1 96  ? 8.167   0.529   13.292  1.00 24.65  ? 143 THR A C   1 
ATOM   681  O O   . THR A 1 96  ? 7.666   0.468   12.155  1.00 18.74  ? 143 THR A O   1 
ATOM   682  C CB  . THR A 1 96  ? 10.100  -0.981  13.781  1.00 22.00  ? 143 THR A CB  1 
ATOM   683  O OG1 . THR A 1 96  ? 10.338  -1.184  12.400  1.00 27.94  ? 143 THR A OG1 1 
ATOM   684  C CG2 . THR A 1 96  ? 10.597  -2.234  14.495  1.00 27.92  ? 143 THR A CG2 1 
ATOM   685  N N   . THR A 1 97  ? 8.326   1.675   13.979  1.00 22.80  ? 144 THR A N   1 
ATOM   686  C CA  . THR A 1 97  ? 8.012   2.966   13.393  1.00 22.78  ? 144 THR A CA  1 
ATOM   687  C C   . THR A 1 97  ? 9.297   3.810   13.294  1.00 28.46  ? 144 THR A C   1 
ATOM   688  O O   . THR A 1 97  ? 10.313  3.510   13.928  1.00 33.69  ? 144 THR A O   1 
ATOM   689  C CB  . THR A 1 97  ? 6.929   3.794   14.096  1.00 23.63  ? 144 THR A CB  1 
ATOM   690  O OG1 . THR A 1 97  ? 7.450   4.196   15.390  1.00 33.23  ? 144 THR A OG1 1 
ATOM   691  C CG2 . THR A 1 97  ? 5.639   3.037   14.327  1.00 27.50  ? 144 THR A CG2 1 
ATOM   692  N N   . GLY A 1 98  ? 9.187   4.823   12.458  1.00 26.87  ? 145 GLY A N   1 
ATOM   693  C CA  . GLY A 1 98  ? 10.255  5.783   12.264  1.00 32.50  ? 145 GLY A CA  1 
ATOM   694  C C   . GLY A 1 98  ? 9.727   7.050   11.639  1.00 32.96  ? 145 GLY A C   1 
ATOM   695  O O   . GLY A 1 98  ? 8.545   7.317   11.431  1.00 29.38  ? 145 GLY A O   1 
ATOM   696  N N   . ILE A 1 99  ? 10.703  7.906   11.324  1.00 41.80  ? 146 ILE A N   1 
ATOM   697  C CA  . ILE A 1 99  ? 10.299  9.185   10.754  1.00 48.99  ? 146 ILE A CA  1 
ATOM   698  C C   . ILE A 1 99  ? 9.939   8.998   9.288   1.00 40.69  ? 146 ILE A C   1 
ATOM   699  O O   . ILE A 1 99  ? 10.571  8.171   8.619   1.00 31.73  ? 146 ILE A O   1 
ATOM   700  C CB  . ILE A 1 99  ? 11.426  10.224  10.879  1.00 58.53  ? 146 ILE A CB  1 
ATOM   701  C CG1 . ILE A 1 99  ? 11.083  11.343  11.869  1.00 58.03  ? 146 ILE A CG1 1 
ATOM   702  C CG2 . ILE A 1 99  ? 11.812  10.748  9.509   1.00 37.77  ? 146 ILE A CG2 1 
ATOM   703  C CD1 . ILE A 1 99  ? 11.037  10.817  13.294  1.00 44.52  ? 146 ILE A CD1 1 
ATOM   704  N N   . PRO A 1 100 ? 8.937   9.767   8.897   1.00 30.53  ? 147 PRO A N   1 
ATOM   705  C CA  . PRO A 1 100 ? 8.562   9.818   7.477   1.00 36.13  ? 147 PRO A CA  1 
ATOM   706  C C   . PRO A 1 100 ? 9.801   9.938   6.603   1.00 44.50  ? 147 PRO A C   1 
ATOM   707  O O   . PRO A 1 100 ? 10.684  10.763  6.823   1.00 40.00  ? 147 PRO A O   1 
ATOM   708  C CB  . PRO A 1 100 ? 7.691   11.064  7.400   1.00 36.23  ? 147 PRO A CB  1 
ATOM   709  C CG  . PRO A 1 100 ? 7.049   11.140  8.742   1.00 33.79  ? 147 PRO A CG  1 
ATOM   710  C CD  . PRO A 1 100 ? 8.054   10.590  9.723   1.00 32.72  ? 147 PRO A CD  1 
ATOM   711  N N   . GLY A 1 101 ? 9.861   9.043   5.622   1.00 40.23  ? 148 GLY A N   1 
ATOM   712  C CA  . GLY A 1 101 ? 10.989  8.967   4.729   1.00 45.99  ? 148 GLY A CA  1 
ATOM   713  C C   . GLY A 1 101 ? 12.252  8.341   5.254   1.00 44.21  ? 148 GLY A C   1 
ATOM   714  O O   . GLY A 1 101 ? 13.252  8.335   4.514   1.00 41.88  ? 148 GLY A O   1 
ATOM   715  N N   . ASN A 1 102 ? 12.286  7.812   6.483   1.00 34.59  ? 149 ASN A N   1 
ATOM   716  C CA  . ASN A 1 102 ? 13.556  7.240   6.943   1.00 33.99  ? 149 ASN A CA  1 
ATOM   717  C C   . ASN A 1 102 ? 13.963  6.098   6.024   1.00 41.59  ? 149 ASN A C   1 
ATOM   718  O O   . ASN A 1 102 ? 13.207  5.218   5.626   1.00 34.35  ? 149 ASN A O   1 
ATOM   719  C CB  . ASN A 1 102 ? 13.450  6.868   8.410   1.00 32.65  ? 149 ASN A CB  1 
ATOM   720  C CG  . ASN A 1 102 ? 12.768  5.530   8.636   1.00 35.61  ? 149 ASN A CG  1 
ATOM   721  O OD1 . ASN A 1 102 ? 13.396  4.503   8.413   1.00 28.06  ? 149 ASN A OD1 1 
ATOM   722  N ND2 . ASN A 1 102 ? 11.515  5.597   9.083   1.00 30.02  ? 149 ASN A ND2 1 
ATOM   723  N N   . SER A 1 103 ? 15.226  6.144   5.604   1.00 43.85  ? 150 SER A N   1 
ATOM   724  C CA  . SER A 1 103 ? 15.673  5.289   4.501   1.00 45.76  ? 150 SER A CA  1 
ATOM   725  C C   . SER A 1 103 ? 15.591  3.831   4.933   1.00 39.51  ? 150 SER A C   1 
ATOM   726  O O   . SER A 1 103 ? 15.268  2.968   4.116   1.00 42.98  ? 150 SER A O   1 
ATOM   727  C CB  A SER A 1 103 ? 17.078  5.700   4.072   0.50 47.78  ? 150 SER A CB  1 
ATOM   728  C CB  B SER A 1 103 ? 17.064  5.689   4.024   0.50 47.76  ? 150 SER A CB  1 
ATOM   729  O OG  A SER A 1 103 ? 17.926  4.631   3.715   0.50 46.13  ? 150 SER A OG  1 
ATOM   730  O OG  B SER A 1 103 ? 18.102  4.946   4.625   0.50 39.17  ? 150 SER A OG  1 
ATOM   731  N N   . GLN A 1 104 ? 15.852  3.618   6.217   1.00 32.45  ? 151 GLN A N   1 
ATOM   732  C CA  . GLN A 1 104 ? 15.845  2.300   6.810   1.00 40.12  ? 151 GLN A CA  1 
ATOM   733  C C   . GLN A 1 104 ? 14.473  1.628   6.771   1.00 31.04  ? 151 GLN A C   1 
ATOM   734  O O   . GLN A 1 104 ? 14.351  0.423   6.569   1.00 32.81  ? 151 GLN A O   1 
ATOM   735  C CB  . GLN A 1 104 ? 16.296  2.410   8.276   1.00 51.88  ? 151 GLN A CB  1 
ATOM   736  C CG  . GLN A 1 104 ? 16.082  1.171   9.117   1.00 61.68  ? 151 GLN A CG  1 
ATOM   737  C CD  . GLN A 1 104 ? 14.861  1.150   10.009  1.00 61.01  ? 151 GLN A CD  1 
ATOM   738  O OE1 . GLN A 1 104 ? 14.250  0.094   10.218  1.00 34.01  ? 151 GLN A OE1 1 
ATOM   739  N NE2 . GLN A 1 104 ? 14.469  2.296   10.559  1.00 69.25  ? 151 GLN A NE2 1 
ATOM   740  N N   . GLY A 1 105 ? 13.429  2.399   7.040   1.00 27.93  ? 152 GLY A N   1 
ATOM   741  C CA  . GLY A 1 105 ? 12.144  1.722   7.197   1.00 26.94  ? 152 GLY A CA  1 
ATOM   742  C C   . GLY A 1 105 ? 11.173  2.070   6.092   1.00 27.87  ? 152 GLY A C   1 
ATOM   743  O O   . GLY A 1 105 ? 10.072  1.502   6.082   1.00 24.71  ? 152 GLY A O   1 
ATOM   744  N N   . GLN A 1 106 ? 11.538  2.985   5.189   1.00 27.31  ? 153 GLN A N   1 
ATOM   745  C CA  . GLN A 1 106 ? 10.542  3.497   4.243   1.00 23.28  ? 153 GLN A CA  1 
ATOM   746  C C   . GLN A 1 106 ? 11.070  3.746   2.837   1.00 29.94  ? 153 GLN A C   1 
ATOM   747  O O   . GLN A 1 106 ? 10.277  4.025   1.927   1.00 23.24  ? 153 GLN A O   1 
ATOM   748  C CB  . GLN A 1 106 ? 9.917   4.801   4.784   1.00 18.93  ? 153 GLN A CB  1 
ATOM   749  C CG  . GLN A 1 106 ? 9.115   4.644   6.064   1.00 20.18  ? 153 GLN A CG  1 
ATOM   750  C CD  . GLN A 1 106 ? 7.729   4.055   5.736   1.00 23.86  ? 153 GLN A CD  1 
ATOM   751  O OE1 . GLN A 1 106 ? 6.884   4.845   5.323   1.00 21.34  ? 153 GLN A OE1 1 
ATOM   752  N NE2 . GLN A 1 106 ? 7.583   2.749   5.916   1.00 22.41  ? 153 GLN A NE2 1 
ATOM   753  N N   . ALA A 1 107 ? 12.356  3.712   2.530   1.00 27.48  ? 154 ALA A N   1 
ATOM   754  C CA  . ALA A 1 107 ? 12.768  4.072   1.178   1.00 23.32  ? 154 ALA A CA  1 
ATOM   755  C C   . ALA A 1 107 ? 12.212  3.152   0.104   1.00 22.58  ? 154 ALA A C   1 
ATOM   756  O O   . ALA A 1 107 ? 11.942  3.552   -1.042  1.00 24.58  ? 154 ALA A O   1 
ATOM   757  C CB  . ALA A 1 107 ? 14.292  4.026   1.094   1.00 30.91  ? 154 ALA A CB  1 
ATOM   758  N N   . MET A 1 108 ? 12.037  1.874   0.397   1.00 23.81  ? 155 MET A N   1 
ATOM   759  C CA  . MET A 1 108 ? 11.577  0.913   -0.623  1.00 19.93  ? 155 MET A CA  1 
ATOM   760  C C   . MET A 1 108 ? 10.093  1.164   -0.924  1.00 17.03  ? 155 MET A C   1 
ATOM   761  O O   . MET A 1 108 ? 9.645   1.088   -2.078  1.00 19.07  ? 155 MET A O   1 
ATOM   762  C CB  . MET A 1 108 ? 11.787  -0.516  -0.188  1.00 29.56  ? 155 MET A CB  1 
ATOM   763  C CG  . MET A 1 108 ? 13.126  -1.175  -0.387  1.00 37.50  ? 155 MET A CG  1 
ATOM   764  S SD  . MET A 1 108 ? 13.010  -2.952  -0.078  1.00 31.82  ? 155 MET A SD  1 
ATOM   765  C CE  . MET A 1 108 ? 12.280  -3.528  -1.606  1.00 34.58  ? 155 MET A CE  1 
ATOM   766  N N   . VAL A 1 109 ? 9.345   1.514   0.133   1.00 18.78  ? 156 VAL A N   1 
ATOM   767  C CA  . VAL A 1 109 ? 7.902   1.697   -0.140  1.00 19.68  ? 156 VAL A CA  1 
ATOM   768  C C   . VAL A 1 109 ? 7.704   3.028   -0.837  1.00 18.35  ? 156 VAL A C   1 
ATOM   769  O O   . VAL A 1 109 ? 6.819   3.151   -1.666  1.00 15.66  ? 156 VAL A O   1 
ATOM   770  C CB  . VAL A 1 109 ? 7.066   1.547   1.150   1.00 17.69  ? 156 VAL A CB  1 
ATOM   771  C CG1 . VAL A 1 109 ? 7.245   2.725   2.091   1.00 19.99  ? 156 VAL A CG1 1 
ATOM   772  C CG2 . VAL A 1 109 ? 5.603   1.330   0.787   1.00 17.04  ? 156 VAL A CG2 1 
ATOM   773  N N   . GLU A 1 110 ? 8.545   4.043   -0.550  1.00 17.47  ? 157 GLU A N   1 
ATOM   774  C CA  . GLU A 1 110 ? 8.477   5.283   -1.320  1.00 17.70  ? 157 GLU A CA  1 
ATOM   775  C C   . GLU A 1 110 ? 8.756   5.064   -2.789  1.00 19.12  ? 157 GLU A C   1 
ATOM   776  O O   . GLU A 1 110 ? 8.104   5.669   -3.667  1.00 19.65  ? 157 GLU A O   1 
ATOM   777  C CB  . GLU A 1 110 ? 9.451   6.287   -0.655  1.00 22.79  ? 157 GLU A CB  1 
ATOM   778  C CG  . GLU A 1 110 ? 8.790   6.814   0.608   1.00 27.10  ? 157 GLU A CG  1 
ATOM   779  C CD  . GLU A 1 110 ? 9.497   7.909   1.358   1.00 44.69  ? 157 GLU A CD  1 
ATOM   780  O OE1 . GLU A 1 110 ? 10.614  8.273   0.936   1.00 37.22  ? 157 GLU A OE1 1 
ATOM   781  O OE2 . GLU A 1 110 ? 8.898   8.364   2.368   1.00 39.33  ? 157 GLU A OE2 1 
ATOM   782  N N   . ARG A 1 111 ? 9.712   4.166   -3.093  1.00 16.62  ? 158 ARG A N   1 
ATOM   783  C CA  . ARG A 1 111 ? 9.920   3.832   -4.489  1.00 19.14  ? 158 ARG A CA  1 
ATOM   784  C C   . ARG A 1 111 ? 8.701   3.146   -5.100  1.00 17.59  ? 158 ARG A C   1 
ATOM   785  O O   . ARG A 1 111 ? 8.317   3.465   -6.229  1.00 19.63  ? 158 ARG A O   1 
ATOM   786  C CB  . ARG A 1 111 ? 11.154  2.940   -4.654  1.00 21.53  ? 158 ARG A CB  1 
ATOM   787  C CG  . ARG A 1 111 ? 11.290  2.368   -6.044  1.00 26.70  ? 158 ARG A CG  1 
ATOM   788  C CD  . ARG A 1 111 ? 12.693  1.843   -6.314  1.00 42.52  ? 158 ARG A CD  1 
ATOM   789  N NE  . ARG A 1 111 ? 12.617  0.534   -6.963  1.00 47.62  ? 158 ARG A NE  1 
ATOM   790  C CZ  . ARG A 1 111 ? 12.610  0.334   -8.269  1.00 44.32  ? 158 ARG A CZ  1 
ATOM   791  N NH1 . ARG A 1 111 ? 12.682  1.372   -9.092  1.00 64.61  ? 158 ARG A NH1 1 
ATOM   792  N NH2 . ARG A 1 111 ? 12.534  -0.906  -8.731  1.00 53.47  ? 158 ARG A NH2 1 
ATOM   793  N N   . ALA A 1 112 ? 8.050   2.212   -4.402  1.00 17.44  ? 159 ALA A N   1 
ATOM   794  C CA  . ALA A 1 112 ? 6.822   1.612   -4.923  1.00 16.36  ? 159 ALA A CA  1 
ATOM   795  C C   . ALA A 1 112 ? 5.693   2.625   -5.108  1.00 15.52  ? 159 ALA A C   1 
ATOM   796  O O   . ALA A 1 112 ? 4.947   2.511   -6.104  1.00 16.35  ? 159 ALA A O   1 
ATOM   797  C CB  . ALA A 1 112 ? 6.350   0.563   -3.939  1.00 17.86  ? 159 ALA A CB  1 
ATOM   798  N N   . ASN A 1 113 ? 5.575   3.614   -4.218  1.00 13.41  ? 160 ASN A N   1 
ATOM   799  C CA  . ASN A 1 113 ? 4.617   4.686   -4.487  1.00 14.90  ? 160 ASN A CA  1 
ATOM   800  C C   . ASN A 1 113 ? 4.800   5.293   -5.883  1.00 16.71  ? 160 ASN A C   1 
ATOM   801  O O   . ASN A 1 113 ? 3.855   5.478   -6.657  1.00 14.14  ? 160 ASN A O   1 
ATOM   802  C CB  . ASN A 1 113 ? 4.691   5.848   -3.507  1.00 15.82  ? 160 ASN A CB  1 
ATOM   803  C CG  . ASN A 1 113 ? 4.409   5.585   -2.073  1.00 14.13  ? 160 ASN A CG  1 
ATOM   804  O OD1 . ASN A 1 113 ? 3.824   4.571   -1.668  1.00 15.87  ? 160 ASN A OD1 1 
ATOM   805  N ND2 . ASN A 1 113 ? 4.816   6.540   -1.214  1.00 16.79  ? 160 ASN A ND2 1 
ATOM   806  N N   . ARG A 1 114 ? 6.064   5.606   -6.191  1.00 15.54  ? 161 ARG A N   1 
ATOM   807  C CA  . ARG A 1 114 ? 6.329   6.279   -7.478  1.00 17.20  ? 161 ARG A CA  1 
ATOM   808  C C   . ARG A 1 114 ? 6.137   5.316   -8.632  1.00 14.95  ? 161 ARG A C   1 
ATOM   809  O O   . ARG A 1 114 ? 5.564   5.706   -9.685  1.00 16.84  ? 161 ARG A O   1 
ATOM   810  C CB  . ARG A 1 114 ? 7.744   6.872   -7.400  1.00 18.72  ? 161 ARG A CB  1 
ATOM   811  C CG  . ARG A 1 114 ? 7.999   7.840   -6.268  1.00 28.68  ? 161 ARG A CG  1 
ATOM   812  C CD  . ARG A 1 114 ? 9.369   8.517   -6.332  1.00 34.08  ? 161 ARG A CD  1 
ATOM   813  N NE  . ARG A 1 114 ? 10.496  7.591   -6.193  1.00 31.53  ? 161 ARG A NE  1 
ATOM   814  C CZ  . ARG A 1 114 ? 11.140  7.355   -5.052  1.00 26.71  ? 161 ARG A CZ  1 
ATOM   815  N NH1 . ARG A 1 114 ? 10.778  7.973   -3.935  1.00 31.12  ? 161 ARG A NH1 1 
ATOM   816  N NH2 . ARG A 1 114 ? 12.151  6.499   -5.040  1.00 49.67  ? 161 ARG A NH2 1 
ATOM   817  N N   . LEU A 1 115 ? 6.527   4.043   -8.551  1.00 15.71  ? 162 LEU A N   1 
ATOM   818  C CA  . LEU A 1 115 ? 6.339   3.085   -9.631  1.00 17.56  ? 162 LEU A CA  1 
ATOM   819  C C   . LEU A 1 115 ? 4.862   2.889   -9.941  1.00 16.84  ? 162 LEU A C   1 
ATOM   820  O O   . LEU A 1 115 ? 4.383   2.833   -11.064 1.00 17.23  ? 162 LEU A O   1 
ATOM   821  C CB  . LEU A 1 115 ? 6.944   1.728   -9.275  1.00 20.51  ? 162 LEU A CB  1 
ATOM   822  C CG  . LEU A 1 115 ? 8.454   1.617   -9.082  1.00 21.52  ? 162 LEU A CG  1 
ATOM   823  C CD1 . LEU A 1 115 ? 8.829   0.236   -8.553  1.00 27.07  ? 162 LEU A CD1 1 
ATOM   824  C CD2 . LEU A 1 115 ? 9.210   1.850   -10.394 1.00 28.72  ? 162 LEU A CD2 1 
ATOM   825  N N   . LEU A 1 116 ? 4.075   2.789   -8.835  1.00 14.22  ? 163 LEU A N   1 
ATOM   826  C CA  . LEU A 1 116 ? 2.624   2.665   -9.007  1.00 15.90  ? 163 LEU A CA  1 
ATOM   827  C C   . LEU A 1 116 ? 1.975   3.856   -9.675  1.00 15.36  ? 163 LEU A C   1 
ATOM   828  O O   . LEU A 1 116 ? 1.097   3.752   -10.560 1.00 14.70  ? 163 LEU A O   1 
ATOM   829  C CB  A LEU A 1 116 ? 2.015   2.434   -7.611  0.50 13.99  ? 163 LEU A CB  1 
ATOM   830  C CB  B LEU A 1 116 ? 1.991   2.506   -7.614  0.50 14.35  ? 163 LEU A CB  1 
ATOM   831  C CG  A LEU A 1 116 ? 0.495   2.333   -7.512  0.50 23.96  ? 163 LEU A CG  1 
ATOM   832  C CG  B LEU A 1 116 ? 1.938   1.068   -7.097  0.50 10.72  ? 163 LEU A CG  1 
ATOM   833  C CD1 A LEU A 1 116 ? -0.045  1.152   -8.306  0.50 19.80  ? 163 LEU A CD1 1 
ATOM   834  C CD1 B LEU A 1 116 ? 1.555   1.059   -5.629  0.50 9.44   ? 163 LEU A CD1 1 
ATOM   835  C CD2 A LEU A 1 116 ? 0.056   2.231   -6.052  0.50 26.56  ? 163 LEU A CD2 1 
ATOM   836  C CD2 B LEU A 1 116 ? 0.988   0.239   -7.955  0.50 13.26  ? 163 LEU A CD2 1 
ATOM   837  N N   . LYS A 1 117 ? 2.325   5.063   -9.217  1.00 15.13  ? 164 LYS A N   1 
ATOM   838  C CA  . LYS A 1 117 ? 1.677   6.252   -9.794  1.00 18.02  ? 164 LYS A CA  1 
ATOM   839  C C   . LYS A 1 117 ? 2.045   6.402   -11.275 1.00 14.85  ? 164 LYS A C   1 
ATOM   840  O O   . LYS A 1 117 ? 1.187   6.733   -12.110 1.00 14.83  ? 164 LYS A O   1 
ATOM   841  C CB  . LYS A 1 117 ? 2.002   7.496   -8.955  1.00 19.07  ? 164 LYS A CB  1 
ATOM   842  C CG  . LYS A 1 117 ? 1.264   7.365   -7.602  1.00 25.02  ? 164 LYS A CG  1 
ATOM   843  C CD  . LYS A 1 117 ? 1.391   8.676   -6.851  1.00 30.58  ? 164 LYS A CD  1 
ATOM   844  C CE  . LYS A 1 117 ? 2.649   8.625   -5.997  1.00 25.83  ? 164 LYS A CE  1 
ATOM   845  N NZ  . LYS A 1 117 ? 2.593   9.784   -5.043  1.00 45.36  ? 164 LYS A NZ  1 
ATOM   846  N N   . ASP A 1 118 ? 3.278   6.097   -11.639 1.00 13.66  ? 165 ASP A N   1 
ATOM   847  C CA  . ASP A 1 118 ? 3.653   6.180   -13.065 1.00 15.13  ? 165 ASP A CA  1 
ATOM   848  C C   . ASP A 1 118 ? 2.866   5.146   -13.871 1.00 13.59  ? 165 ASP A C   1 
ATOM   849  O O   . ASP A 1 118 ? 2.323   5.451   -14.932 1.00 13.38  ? 165 ASP A O   1 
ATOM   850  C CB  A ASP A 1 118 ? 5.158   5.974   -13.191 0.50 16.09  ? 165 ASP A CB  1 
ATOM   851  C CB  B ASP A 1 118 ? 5.147   5.967   -13.275 0.50 16.58  ? 165 ASP A CB  1 
ATOM   852  C CG  A ASP A 1 118 ? 6.039   7.054   -12.593 0.50 17.99  ? 165 ASP A CG  1 
ATOM   853  C CG  B ASP A 1 118 ? 5.657   6.424   -14.633 0.50 24.59  ? 165 ASP A CG  1 
ATOM   854  O OD1 A ASP A 1 118 ? 5.508   8.104   -12.189 0.50 26.08  ? 165 ASP A OD1 1 
ATOM   855  O OD1 B ASP A 1 118 ? 5.900   7.642   -14.784 0.50 46.74  ? 165 ASP A OD1 1 
ATOM   856  O OD2 A ASP A 1 118 ? 7.271   6.849   -12.527 0.50 27.84  ? 165 ASP A OD2 1 
ATOM   857  O OD2 B ASP A 1 118 ? 5.833   5.594   -15.544 0.50 27.02  ? 165 ASP A OD2 1 
ATOM   858  N N   . LYS A 1 119 ? 2.767   3.920   -13.359 1.00 13.51  ? 166 LYS A N   1 
ATOM   859  C CA  . LYS A 1 119 ? 2.043   2.894   -14.121 1.00 15.35  ? 166 LYS A CA  1 
ATOM   860  C C   . LYS A 1 119 ? 0.569   3.218   -14.269 1.00 12.22  ? 166 LYS A C   1 
ATOM   861  O O   . LYS A 1 119 ? -0.045  3.021   -15.316 1.00 13.37  ? 166 LYS A O   1 
ATOM   862  C CB  . LYS A 1 119 ? 2.196   1.535   -13.426 1.00 13.41  ? 166 LYS A CB  1 
ATOM   863  C CG  . LYS A 1 119 ? 1.573   0.351   -14.154 1.00 18.21  ? 166 LYS A CG  1 
ATOM   864  C CD  . LYS A 1 119 ? 2.125   0.030   -15.546 1.00 18.55  ? 166 LYS A CD  1 
ATOM   865  C CE  . LYS A 1 119 ? 3.582   -0.410  -15.480 1.00 17.07  ? 166 LYS A CE  1 
ATOM   866  N NZ  . LYS A 1 119 ? 4.053   -0.734  -16.883 1.00 25.25  ? 166 LYS A NZ  1 
ATOM   867  N N   . ILE A 1 120 ? -0.095  3.696   -13.195 1.00 12.21  ? 167 ILE A N   1 
ATOM   868  C CA  . ILE A 1 120 ? -1.503  4.096   -13.256 1.00 12.66  ? 167 ILE A CA  1 
ATOM   869  C C   . ILE A 1 120 ? -1.718  5.157   -14.329 1.00 11.61  ? 167 ILE A C   1 
ATOM   870  O O   . ILE A 1 120 ? -2.656  5.071   -15.152 1.00 12.62  ? 167 ILE A O   1 
ATOM   871  C CB  . ILE A 1 120 ? -2.008  4.513   -11.841 1.00 10.78  ? 167 ILE A CB  1 
ATOM   872  C CG1 . ILE A 1 120 ? -2.090  3.294   -10.886 1.00 11.49  ? 167 ILE A CG1 1 
ATOM   873  C CG2 . ILE A 1 120 ? -3.297  5.256   -11.955 1.00 12.54  ? 167 ILE A CG2 1 
ATOM   874  C CD1 . ILE A 1 120 ? -2.260  3.658   -9.409  1.00 11.67  ? 167 ILE A CD1 1 
ATOM   875  N N   . ARG A 1 121 ? -0.834  6.191   -14.342 1.00 12.74  ? 168 ARG A N   1 
ATOM   876  C CA  . ARG A 1 121 ? -0.931  7.227   -15.376 1.00 14.02  ? 168 ARG A CA  1 
ATOM   877  C C   . ARG A 1 121 ? -0.779  6.634   -16.788 1.00 12.93  ? 168 ARG A C   1 
ATOM   878  O O   . ARG A 1 121 ? -1.638  6.887   -17.626 1.00 13.33  ? 168 ARG A O   1 
ATOM   879  C CB  . ARG A 1 121 ? 0.109   8.316   -15.145 1.00 17.20  ? 168 ARG A CB  1 
ATOM   880  C CG  . ARG A 1 121 ? 0.107   9.307   -16.320 1.00 17.84  ? 168 ARG A CG  1 
ATOM   881  C CD  . ARG A 1 121 ? 1.224   10.328  -16.124 1.00 22.83  ? 168 ARG A CD  1 
ATOM   882  N NE  . ARG A 1 121 ? 2.527   9.656   -16.248 1.00 33.23  ? 168 ARG A NE  1 
ATOM   883  C CZ  . ARG A 1 121 ? 3.081   9.248   -17.381 1.00 31.84  ? 168 ARG A CZ  1 
ATOM   884  N NH1 . ARG A 1 121 ? 2.468   9.427   -18.547 1.00 35.84  ? 168 ARG A NH1 1 
ATOM   885  N NH2 . ARG A 1 121 ? 4.271   8.645   -17.376 1.00 32.90  ? 168 ARG A NH2 1 
ATOM   886  N N   . VAL A 1 122 ? 0.213   5.777   -17.023 1.00 13.08  ? 169 VAL A N   1 
ATOM   887  C CA  . VAL A 1 122 ? 0.413   5.203   -18.395 1.00 12.90  ? 169 VAL A CA  1 
ATOM   888  C C   . VAL A 1 122 ? -0.788  4.404   -18.836 1.00 12.56  ? 169 VAL A C   1 
ATOM   889  O O   . VAL A 1 122 ? -1.338  4.484   -19.933 1.00 13.60  ? 169 VAL A O   1 
ATOM   890  C CB  . VAL A 1 122 ? 1.699   4.365   -18.411 1.00 13.98  ? 169 VAL A CB  1 
ATOM   891  C CG1 . VAL A 1 122 ? 1.771   3.512   -19.687 1.00 20.42  ? 169 VAL A CG1 1 
ATOM   892  C CG2 . VAL A 1 122 ? 2.933   5.222   -18.278 1.00 18.05  ? 169 VAL A CG2 1 
ATOM   893  N N   . LEU A 1 123 ? -1.333  3.517   -17.964 1.00 12.44  ? 170 LEU A N   1 
ATOM   894  C CA  . LEU A 1 123 ? -2.514  2.721   -18.325 1.00 12.66  ? 170 LEU A CA  1 
ATOM   895  C C   . LEU A 1 123 ? -3.728  3.575   -18.580 1.00 14.04  ? 170 LEU A C   1 
ATOM   896  O O   . LEU A 1 123 ? -4.482  3.404   -19.528 1.00 14.09  ? 170 LEU A O   1 
ATOM   897  C CB  . LEU A 1 123 ? -2.769  1.703   -17.201 1.00 13.32  ? 170 LEU A CB  1 
ATOM   898  C CG  . LEU A 1 123 ? -1.730  0.653   -16.956 1.00 11.56  ? 170 LEU A CG  1 
ATOM   899  C CD1 . LEU A 1 123 ? -2.141  -0.264  -15.772 1.00 14.49  ? 170 LEU A CD1 1 
ATOM   900  C CD2 . LEU A 1 123 ? -1.504  -0.257  -18.177 1.00 15.59  ? 170 LEU A CD2 1 
ATOM   901  N N   . ALA A 1 124 ? -3.917  4.567   -17.680 1.00 13.08  ? 171 ALA A N   1 
ATOM   902  C CA  . ALA A 1 124 ? -5.078  5.427   -17.840 1.00 14.08  ? 171 ALA A CA  1 
ATOM   903  C C   . ALA A 1 124 ? -5.072  6.249   -19.150 1.00 13.20  ? 171 ALA A C   1 
ATOM   904  O O   . ALA A 1 124 ? -6.105  6.210   -19.807 1.00 14.08  ? 171 ALA A O   1 
ATOM   905  C CB  . ALA A 1 124 ? -5.197  6.346   -16.620 1.00 15.87  ? 171 ALA A CB  1 
ATOM   906  N N   . GLU A 1 125 ? -3.915  6.853   -19.386 1.00 13.31  ? 172 GLU A N   1 
ATOM   907  C CA  . GLU A 1 125 ? -3.841  7.608   -20.662 1.00 15.76  ? 172 GLU A CA  1 
ATOM   908  C C   . GLU A 1 125 ? -4.021  6.697   -21.850 1.00 16.73  ? 172 GLU A C   1 
ATOM   909  O O   . GLU A 1 125 ? -4.638  7.031   -22.858 1.00 17.29  ? 172 GLU A O   1 
ATOM   910  C CB  . GLU A 1 125 ? -2.477  8.316   -20.659 1.00 16.45  ? 172 GLU A CB  1 
ATOM   911  C CG  . GLU A 1 125 ? -2.565  9.478   -19.666 1.00 19.73  ? 172 GLU A CG  1 
ATOM   912  C CD  . GLU A 1 125 ? -1.304  10.275  -19.502 1.00 23.50  ? 172 GLU A CD  1 
ATOM   913  O OE1 . GLU A 1 125 ? -0.224  9.835   -19.961 1.00 22.96  ? 172 GLU A OE1 1 
ATOM   914  O OE2 . GLU A 1 125 ? -1.400  11.343  -18.843 1.00 25.31  ? 172 GLU A OE2 1 
ATOM   915  N N   . GLY A 1 126 ? -3.482  5.471   -21.760 1.00 16.51  ? 173 GLY A N   1 
ATOM   916  C CA  . GLY A 1 126 ? -3.665  4.530   -22.859 1.00 16.67  ? 173 GLY A CA  1 
ATOM   917  C C   . GLY A 1 126 ? -5.107  4.220   -23.175 1.00 18.73  ? 173 GLY A C   1 
ATOM   918  O O   . GLY A 1 126 ? -5.529  3.975   -24.328 1.00 17.28  ? 173 GLY A O   1 
ATOM   919  N N   . ASP A 1 127 ? -5.974  4.234   -22.132 1.00 15.91  ? 174 ASP A N   1 
ATOM   920  C CA  . ASP A 1 127 ? -7.389  3.965   -22.299 1.00 14.15  ? 174 ASP A CA  1 
ATOM   921  C C   . ASP A 1 127 ? -8.157  5.255   -22.602 1.00 14.79  ? 174 ASP A C   1 
ATOM   922  O O   . ASP A 1 127 ? -9.412  5.197   -22.607 1.00 20.34  ? 174 ASP A O   1 
ATOM   923  C CB  . ASP A 1 127 ? -7.943  3.354   -20.985 1.00 17.16  ? 174 ASP A CB  1 
ATOM   924  C CG  . ASP A 1 127 ? -7.572  1.912   -20.771 1.00 21.48  ? 174 ASP A CG  1 
ATOM   925  O OD1 . ASP A 1 127 ? -7.199  1.182   -21.767 1.00 18.22  ? 174 ASP A OD1 1 
ATOM   926  O OD2 . ASP A 1 127 ? -7.638  1.465   -19.595 1.00 19.58  ? 174 ASP A OD2 1 
ATOM   927  N N   . GLY A 1 128 ? -7.462  6.357   -22.767 1.00 16.00  ? 175 GLY A N   1 
ATOM   928  C CA  . GLY A 1 128 ? -8.068  7.633   -23.162 1.00 21.55  ? 175 GLY A CA  1 
ATOM   929  C C   . GLY A 1 128 ? -8.493  8.437   -21.954 1.00 21.19  ? 175 GLY A C   1 
ATOM   930  O O   . GLY A 1 128 ? -9.207  9.428   -22.194 1.00 22.04  ? 175 GLY A O   1 
ATOM   931  N N   . PHE A 1 129 ? -8.033  8.051   -20.752 1.00 17.21  ? 176 PHE A N   1 
ATOM   932  C CA  . PHE A 1 129 ? -8.362  8.892   -19.578 1.00 18.74  ? 176 PHE A CA  1 
ATOM   933  C C   . PHE A 1 129 ? -7.242  9.833   -19.210 1.00 17.98  ? 176 PHE A C   1 
ATOM   934  O O   . PHE A 1 129 ? -6.200  9.477   -18.649 1.00 19.62  ? 176 PHE A O   1 
ATOM   935  C CB  . PHE A 1 129 ? -8.666  7.993   -18.368 1.00 14.96  ? 176 PHE A CB  1 
ATOM   936  C CG  . PHE A 1 129 ? -9.620  6.878   -18.715 1.00 17.66  ? 176 PHE A CG  1 
ATOM   937  C CD1 . PHE A 1 129 ? -10.769 7.123   -19.455 1.00 21.84  ? 176 PHE A CD1 1 
ATOM   938  C CD2 . PHE A 1 129 ? -9.374  5.574   -18.285 1.00 19.28  ? 176 PHE A CD2 1 
ATOM   939  C CE1 . PHE A 1 129 ? -11.662 6.102   -19.725 1.00 21.08  ? 176 PHE A CE1 1 
ATOM   940  C CE2 . PHE A 1 129 ? -10.261 4.555   -18.556 1.00 20.59  ? 176 PHE A CE2 1 
ATOM   941  C CZ  . PHE A 1 129 ? -11.414 4.815   -19.310 1.00 19.67  ? 176 PHE A CZ  1 
ATOM   942  N N   . MET A 1 130 ? -7.481  11.112  -19.545 1.00 21.52  ? 177 MET A N   1 
ATOM   943  C CA  . MET A 1 130 ? -6.406  12.090  -19.344 1.00 24.00  ? 177 MET A CA  1 
ATOM   944  C C   . MET A 1 130 ? -6.363  12.691  -17.950 1.00 19.27  ? 177 MET A C   1 
ATOM   945  O O   . MET A 1 130 ? -5.403  13.326  -17.517 1.00 22.85  ? 177 MET A O   1 
ATOM   946  C CB  . MET A 1 130 ? -6.573  13.167  -20.425 1.00 21.79  ? 177 MET A CB  1 
ATOM   947  C CG  A MET A 1 130 ? -6.021  12.772  -21.786 0.50 23.99  ? 177 MET A CG  1 
ATOM   948  C CG  B MET A 1 130 ? -6.203  12.678  -21.820 0.50 23.60  ? 177 MET A CG  1 
ATOM   949  S SD  A MET A 1 130 ? -5.942  14.165  -22.934 0.50 55.11  ? 177 MET A SD  1 
ATOM   950  S SD  B MET A 1 130 ? -6.245  13.988  -23.062 0.50 50.41  ? 177 MET A SD  1 
ATOM   951  C CE  A MET A 1 130 ? -7.658  14.680  -22.984 0.50 23.87  ? 177 MET A CE  1 
ATOM   952  C CE  B MET A 1 130 ? -5.036  15.139  -22.398 0.50 57.10  ? 177 MET A CE  1 
ATOM   953  N N   . LYS A 1 131 ? -7.440  12.457  -17.174 1.00 19.38  ? 178 LYS A N   1 
ATOM   954  C CA  . LYS A 1 131 ? -7.571  12.995  -15.824 1.00 21.28  ? 178 LYS A CA  1 
ATOM   955  C C   . LYS A 1 131 ? -8.072  11.887  -14.913 1.00 20.15  ? 178 LYS A C   1 
ATOM   956  O O   . LYS A 1 131 ? -7.443  10.837  -14.828 1.00 18.62  ? 178 LYS A O   1 
ATOM   957  C CB  . LYS A 1 131 ? -8.550  14.175  -15.814 1.00 23.45  ? 178 LYS A CB  1 
ATOM   958  C CG  . LYS A 1 131 ? -7.979  15.474  -16.357 1.00 40.49  ? 178 LYS A CG  1 
ATOM   959  C CD  . LYS A 1 131 ? -8.416  15.700  -17.801 1.00 70.04  ? 178 LYS A CD  1 
ATOM   960  C CE  . LYS A 1 131 ? -7.173  15.895  -18.670 1.00 84.74  ? 178 LYS A CE  1 
ATOM   961  N NZ  . LYS A 1 131 ? -5.925  15.730  -17.852 1.00 102.07 ? 178 LYS A NZ  1 
ATOM   962  N N   . ARG A 1 132 ? -9.208  11.975  -14.247 1.00 15.37  ? 179 ARG A N   1 
ATOM   963  C CA  . ARG A 1 132 ? -9.650  10.911  -13.355 1.00 12.23  ? 179 ARG A CA  1 
ATOM   964  C C   . ARG A 1 132 ? -10.161 9.736   -14.171 1.00 13.13  ? 179 ARG A C   1 
ATOM   965  O O   . ARG A 1 132 ? -10.817 9.804   -15.211 1.00 15.59  ? 179 ARG A O   1 
ATOM   966  C CB  . ARG A 1 132 ? -10.730 11.495  -12.427 1.00 13.58  ? 179 ARG A CB  1 
ATOM   967  C CG  . ARG A 1 132 ? -11.090 10.606  -11.246 1.00 13.90  ? 179 ARG A CG  1 
ATOM   968  C CD  . ARG A 1 132 ? -12.308 11.201  -10.442 1.00 14.70  ? 179 ARG A CD  1 
ATOM   969  N NE  . ARG A 1 132 ? -13.459 11.109  -11.329 1.00 13.37  ? 179 ARG A NE  1 
ATOM   970  C CZ  . ARG A 1 132 ? -14.304 10.069  -11.349 1.00 12.91  ? 179 ARG A CZ  1 
ATOM   971  N NH1 . ARG A 1 132 ? -14.232 9.032   -10.513 1.00 13.58  ? 179 ARG A NH1 1 
ATOM   972  N NH2 . ARG A 1 132 ? -15.291 10.076  -12.251 1.00 15.30  ? 179 ARG A NH2 1 
ATOM   973  N N   . ILE A 1 133 ? -9.828  8.545   -13.647 1.00 13.69  ? 180 ILE A N   1 
ATOM   974  C CA  . ILE A 1 133 ? -10.361 7.305   -14.248 1.00 11.96  ? 180 ILE A CA  1 
ATOM   975  C C   . ILE A 1 133 ? -11.808 7.130   -13.910 1.00 13.67  ? 180 ILE A C   1 
ATOM   976  O O   . ILE A 1 133 ? -12.103 7.266   -12.684 1.00 13.53  ? 180 ILE A O   1 
ATOM   977  C CB  . ILE A 1 133 ? -9.516  6.111   -13.739 1.00 11.66  ? 180 ILE A CB  1 
ATOM   978  C CG1 . ILE A 1 133 ? -8.052  6.316   -14.097 1.00 11.97  ? 180 ILE A CG1 1 
ATOM   979  C CG2 . ILE A 1 133 ? -10.118 4.802   -14.211 1.00 11.62  ? 180 ILE A CG2 1 
ATOM   980  C CD1 . ILE A 1 133 ? -7.107  5.517   -13.187 1.00 12.84  ? 180 ILE A CD1 1 
ATOM   981  N N   . PRO A 1 134 ? -12.726 6.812   -14.819 1.00 13.58  ? 181 PRO A N   1 
ATOM   982  C CA  . PRO A 1 134 ? -14.118 6.557   -14.478 1.00 13.08  ? 181 PRO A CA  1 
ATOM   983  C C   . PRO A 1 134 ? -14.209 5.561   -13.346 1.00 15.49  ? 181 PRO A C   1 
ATOM   984  O O   . PRO A 1 134 ? -13.431 4.549   -13.253 1.00 13.77  ? 181 PRO A O   1 
ATOM   985  C CB  . PRO A 1 134 ? -14.688 5.990   -15.797 1.00 15.08  ? 181 PRO A CB  1 
ATOM   986  C CG  . PRO A 1 134 ? -13.866 6.656   -16.855 1.00 14.32  ? 181 PRO A CG  1 
ATOM   987  C CD  . PRO A 1 134 ? -12.448 6.730   -16.309 1.00 15.27  ? 181 PRO A CD  1 
ATOM   988  N N   . THR A 1 135 ? -15.119 5.806   -12.403 1.00 14.18  ? 182 THR A N   1 
ATOM   989  C CA  . THR A 1 135 ? -15.202 4.997   -11.209 1.00 14.07  ? 182 THR A CA  1 
ATOM   990  C C   . THR A 1 135 ? -15.340 3.507   -11.534 1.00 12.80  ? 182 THR A C   1 
ATOM   991  O O   . THR A 1 135 ? -14.684 2.688   -10.896 1.00 16.01  ? 182 THR A O   1 
ATOM   992  C CB  . THR A 1 135 ? -16.436 5.427   -10.358 1.00 13.55  ? 182 THR A CB  1 
ATOM   993  O OG1 . THR A 1 135 ? -16.328 6.860   -10.199 1.00 17.00  ? 182 THR A OG1 1 
ATOM   994  C CG2 . THR A 1 135 ? -16.421 4.772   -9.010  1.00 19.72  ? 182 THR A CG2 1 
ATOM   995  N N   . SER A 1 136 ? -16.133 3.206   -12.563 1.00 16.00  ? 183 SER A N   1 
ATOM   996  C CA  . SER A 1 136 ? -16.421 1.811   -12.919 1.00 16.49  ? 183 SER A CA  1 
ATOM   997  C C   . SER A 1 136 ? -15.243 1.038   -13.498 1.00 18.53  ? 183 SER A C   1 
ATOM   998  O O   . SER A 1 136 ? -15.300 -0.188  -13.674 1.00 18.01  ? 183 SER A O   1 
ATOM   999  C CB  . SER A 1 136 ? -17.564 1.768   -13.962 1.00 15.32  ? 183 SER A CB  1 
ATOM   1000 O OG  . SER A 1 136 ? -17.157 2.248   -15.225 1.00 17.78  ? 183 SER A OG  1 
ATOM   1001 N N   . LYS A 1 137 ? -14.180 1.757   -13.839 1.00 15.38  ? 184 LYS A N   1 
ATOM   1002 C CA  . LYS A 1 137 ? -12.988 1.193   -14.471 1.00 14.24  ? 184 LYS A CA  1 
ATOM   1003 C C   . LYS A 1 137 ? -11.784 1.101   -13.556 1.00 12.09  ? 184 LYS A C   1 
ATOM   1004 O O   . LYS A 1 137 ? -10.749 0.491   -13.887 1.00 13.73  ? 184 LYS A O   1 
ATOM   1005 C CB  . LYS A 1 137 ? -12.607 2.000   -15.711 1.00 13.53  ? 184 LYS A CB  1 
ATOM   1006 C CG  . LYS A 1 137 ? -13.764 2.164   -16.684 1.00 20.31  ? 184 LYS A CG  1 
ATOM   1007 C CD  . LYS A 1 137 ? -14.100 0.821   -17.353 1.00 29.95  ? 184 LYS A CD  1 
ATOM   1008 C CE  . LYS A 1 137 ? -15.051 1.069   -18.536 1.00 34.61  ? 184 LYS A CE  1 
ATOM   1009 N NZ  . LYS A 1 137 ? -14.634 2.220   -19.377 1.00 42.11  ? 184 LYS A NZ  1 
ATOM   1010 N N   . GLN A 1 138 ? -11.856 1.731   -12.336 1.00 11.32  ? 185 GLN A N   1 
ATOM   1011 C CA  . GLN A 1 138 ? -10.722 1.902   -11.463 1.00 12.45  ? 185 GLN A CA  1 
ATOM   1012 C C   . GLN A 1 138 ? -10.184 0.581   -10.895 1.00 11.95  ? 185 GLN A C   1 
ATOM   1013 O O   . GLN A 1 138 ? -8.963  0.370   -10.843 1.00 11.51  ? 185 GLN A O   1 
ATOM   1014 C CB  . GLN A 1 138 ? -11.065 2.816   -10.235 1.00 11.82  ? 185 GLN A CB  1 
ATOM   1015 C CG  . GLN A 1 138 ? -11.148 4.291   -10.678 1.00 13.39  ? 185 GLN A CG  1 
ATOM   1016 C CD  . GLN A 1 138 ? -11.605 5.180   -9.537  1.00 12.64  ? 185 GLN A CD  1 
ATOM   1017 O OE1 . GLN A 1 138 ? -11.788 4.733   -8.400  1.00 13.32  ? 185 GLN A OE1 1 
ATOM   1018 N NE2 . GLN A 1 138 ? -11.800 6.463   -9.862  1.00 12.61  ? 185 GLN A NE2 1 
ATOM   1019 N N   . GLY A 1 139 ? -11.131 -0.280  -10.453 1.00 13.05  ? 186 GLY A N   1 
ATOM   1020 C CA  . GLY A 1 139 ? -10.685 -1.532  -9.801  1.00 13.18  ? 186 GLY A CA  1 
ATOM   1021 C C   . GLY A 1 139 ? -9.812  -2.380  -10.726 1.00 11.10  ? 186 GLY A C   1 
ATOM   1022 O O   . GLY A 1 139 ? -8.755  -2.833  -10.278 1.00 11.98  ? 186 GLY A O   1 
ATOM   1023 N N   . GLU A 1 140 ? -10.296 -2.550  -11.939 1.00 12.02  ? 187 GLU A N   1 
ATOM   1024 C CA  . GLU A 1 140 ? -9.535  -3.389  -12.862 1.00 13.47  ? 187 GLU A CA  1 
ATOM   1025 C C   . GLU A 1 140 ? -8.224  -2.719  -13.284 1.00 10.50  ? 187 GLU A C   1 
ATOM   1026 O O   . GLU A 1 140 ? -7.184  -3.353  -13.455 1.00 13.25  ? 187 GLU A O   1 
ATOM   1027 C CB  . GLU A 1 140 ? -10.324 -3.769  -14.133 1.00 14.79  ? 187 GLU A CB  1 
ATOM   1028 C CG  . GLU A 1 140 ? -11.490 -4.691  -13.891 1.00 15.90  ? 187 GLU A CG  1 
ATOM   1029 C CD  . GLU A 1 140 ? -12.020 -5.417  -15.132 1.00 16.37  ? 187 GLU A CD  1 
ATOM   1030 O OE1 . GLU A 1 140 ? -11.287 -5.584  -16.101 1.00 16.42  ? 187 GLU A OE1 1 
ATOM   1031 O OE2 . GLU A 1 140 ? -13.168 -5.891  -15.005 1.00 17.32  ? 187 GLU A OE2 1 
ATOM   1032 N N   . LEU A 1 141 ? -8.245  -1.357  -13.409 1.00 10.82  ? 188 LEU A N   1 
ATOM   1033 C CA  . LEU A 1 141 ? -7.001  -0.684  -13.792 1.00 11.14  ? 188 LEU A CA  1 
ATOM   1034 C C   . LEU A 1 141 ? -5.924  -0.809  -12.695 1.00 11.23  ? 188 LEU A C   1 
ATOM   1035 O O   . LEU A 1 141 ? -4.738  -1.025  -12.924 1.00 11.57  ? 188 LEU A O   1 
ATOM   1036 C CB  . LEU A 1 141 ? -7.281  0.778   -14.233 1.00 12.52  ? 188 LEU A CB  1 
ATOM   1037 C CG  . LEU A 1 141 ? -6.115  1.490   -14.888 1.00 12.80  ? 188 LEU A CG  1 
ATOM   1038 C CD1 . LEU A 1 141 ? -6.672  2.568   -15.824 1.00 14.61  ? 188 LEU A CD1 1 
ATOM   1039 C CD2 . LEU A 1 141 ? -5.131  2.129   -13.899 1.00 11.62  ? 188 LEU A CD2 1 
ATOM   1040 N N   . LEU A 1 142 ? -6.339  -0.635  -11.400 1.00 12.20  ? 189 LEU A N   1 
ATOM   1041 C CA  . LEU A 1 142 ? -5.412  -0.764  -10.277 1.00 12.65  ? 189 LEU A CA  1 
ATOM   1042 C C   . LEU A 1 142 ? -4.829  -2.176  -10.234 1.00 10.06  ? 189 LEU A C   1 
ATOM   1043 O O   . LEU A 1 142 ? -3.625  -2.374  -9.995  1.00 11.07  ? 189 LEU A O   1 
ATOM   1044 C CB  . LEU A 1 142 ? -6.129  -0.409  -8.938  1.00 12.62  ? 189 LEU A CB  1 
ATOM   1045 C CG  . LEU A 1 142 ? -5.221  -0.386  -7.735  1.00 12.09  ? 189 LEU A CG  1 
ATOM   1046 C CD1 . LEU A 1 142 ? -4.169  0.726   -7.851  1.00 15.72  ? 189 LEU A CD1 1 
ATOM   1047 C CD2 . LEU A 1 142 ? -6.020  -0.154  -6.439  1.00 15.80  ? 189 LEU A CD2 1 
ATOM   1048 N N   . ALA A 1 143 ? -5.704  -3.176  -10.464 1.00 12.32  ? 190 ALA A N   1 
ATOM   1049 C CA  . ALA A 1 143 ? -5.267  -4.583  -10.445 1.00 12.49  ? 190 ALA A CA  1 
ATOM   1050 C C   . ALA A 1 143 ? -4.335  -4.865  -11.621 1.00 10.40  ? 190 ALA A C   1 
ATOM   1051 O O   . ALA A 1 143 ? -3.374  -5.632  -11.449 1.00 12.81  ? 190 ALA A O   1 
ATOM   1052 C CB  . ALA A 1 143 ? -6.470  -5.511  -10.463 1.00 11.67  ? 190 ALA A CB  1 
ATOM   1053 N N   . LYS A 1 144 ? -4.558  -4.237  -12.773 1.00 11.01  ? 191 LYS A N   1 
ATOM   1054 C CA  . LYS A 1 144 ? -3.616  -4.377  -13.883 1.00 11.42  ? 191 LYS A CA  1 
ATOM   1055 C C   . LYS A 1 144 ? -2.277  -3.752  -13.551 1.00 11.20  ? 191 LYS A C   1 
ATOM   1056 O O   . LYS A 1 144 ? -1.228  -4.299  -13.863 1.00 12.90  ? 191 LYS A O   1 
ATOM   1057 C CB  . LYS A 1 144 ? -4.251  -3.754  -15.124 1.00 13.02  ? 191 LYS A CB  1 
ATOM   1058 C CG  . LYS A 1 144 ? -3.381  -3.958  -16.352 1.00 14.55  ? 191 LYS A CG  1 
ATOM   1059 C CD  . LYS A 1 144 ? -3.999  -3.313  -17.610 1.00 22.41  ? 191 LYS A CD  1 
ATOM   1060 C CE  . LYS A 1 144 ? -5.168  -4.069  -18.183 1.00 33.47  ? 191 LYS A CE  1 
ATOM   1061 N NZ  . LYS A 1 144 ? -5.742  -3.439  -19.425 1.00 44.18  ? 191 LYS A NZ  1 
ATOM   1062 N N   . ALA A 1 145 ? -2.259  -2.576  -12.881 1.00 11.22  ? 192 ALA A N   1 
ATOM   1063 C CA  . ALA A 1 145 ? -0.992  -1.968  -12.504 1.00 11.85  ? 192 ALA A CA  1 
ATOM   1064 C C   . ALA A 1 145 ? -0.190  -2.830  -11.546 1.00 12.50  ? 192 ALA A C   1 
ATOM   1065 O O   . ALA A 1 145 ? 1.032   -2.995  -11.683 1.00 13.17  ? 192 ALA A O   1 
ATOM   1066 C CB  . ALA A 1 145 ? -1.284  -0.594  -11.872 1.00 13.85  ? 192 ALA A CB  1 
ATOM   1067 N N   . MET A 1 146 ? -0.922  -3.399  -10.574 1.00 12.78  ? 193 MET A N   1 
ATOM   1068 C CA  . MET A 1 146 ? -0.248  -4.302  -9.609  1.00 14.93  ? 193 MET A CA  1 
ATOM   1069 C C   . MET A 1 146 ? 0.290   -5.519  -10.348 1.00 12.73  ? 193 MET A C   1 
ATOM   1070 O O   . MET A 1 146 ? 1.494   -5.822  -10.098 1.00 16.12  ? 193 MET A O   1 
ATOM   1071 C CB  . MET A 1 146 ? -1.271  -4.664  -8.533  1.00 14.35  ? 193 MET A CB  1 
ATOM   1072 C CG  . MET A 1 146 ? -0.691  -5.623  -7.466  1.00 13.39  ? 193 MET A CG  1 
ATOM   1073 S SD  . MET A 1 146 ? -1.933  -5.884  -6.188  1.00 13.66  ? 193 MET A SD  1 
ATOM   1074 C CE  . MET A 1 146 ? -1.325  -7.456  -5.540  1.00 14.70  ? 193 MET A CE  1 
ATOM   1075 N N   . TYR A 1 147 ? -0.491  -6.134  -11.208 1.00 13.40  ? 194 TYR A N   1 
ATOM   1076 C CA  . TYR A 1 147 ? 0.014   -7.255  -12.040 1.00 13.76  ? 194 TYR A CA  1 
ATOM   1077 C C   . TYR A 1 147 ? 1.261   -6.856  -12.808 1.00 17.68  ? 194 TYR A C   1 
ATOM   1078 O O   . TYR A 1 147 ? 2.319   -7.521  -12.784 1.00 17.55  ? 194 TYR A O   1 
ATOM   1079 C CB  . TYR A 1 147 ? -1.056  -7.776  -12.973 1.00 15.46  ? 194 TYR A CB  1 
ATOM   1080 C CG  . TYR A 1 147 ? -0.562  -8.614  -14.141 1.00 17.95  ? 194 TYR A CG  1 
ATOM   1081 C CD1 . TYR A 1 147 ? -0.177  -9.950  -13.978 1.00 19.89  ? 194 TYR A CD1 1 
ATOM   1082 C CD2 . TYR A 1 147 ? -0.445  -8.099  -15.429 1.00 19.09  ? 194 TYR A CD2 1 
ATOM   1083 C CE1 . TYR A 1 147 ? 0.288   -10.713 -15.054 1.00 19.49  ? 194 TYR A CE1 1 
ATOM   1084 C CE2 . TYR A 1 147 ? 0.003   -8.840  -16.516 1.00 21.71  ? 194 TYR A CE2 1 
ATOM   1085 C CZ  . TYR A 1 147 ? 0.364   -10.145 -16.300 1.00 24.03  ? 194 TYR A CZ  1 
ATOM   1086 O OH  . TYR A 1 147 ? 0.817   -10.885 -17.406 1.00 24.56  ? 194 TYR A OH  1 
ATOM   1087 N N   . ALA A 1 148 ? 1.189   -5.722  -13.498 1.00 14.42  ? 195 ALA A N   1 
ATOM   1088 C CA  . ALA A 1 148 ? 2.327   -5.349  -14.338 1.00 14.76  ? 195 ALA A CA  1 
ATOM   1089 C C   . ALA A 1 148 ? 3.592   -5.117  -13.543 1.00 19.32  ? 195 ALA A C   1 
ATOM   1090 O O   . ALA A 1 148 ? 4.683   -5.449  -14.046 1.00 21.62  ? 195 ALA A O   1 
ATOM   1091 C CB  . ALA A 1 148 ? 1.948   -4.067  -15.047 1.00 18.16  ? 195 ALA A CB  1 
ATOM   1092 N N   . LEU A 1 149 ? 3.531   -4.557  -12.340 1.00 16.43  ? 196 LEU A N   1 
ATOM   1093 C CA  . LEU A 1 149 ? 4.731   -4.233  -11.582 1.00 21.25  ? 196 LEU A CA  1 
ATOM   1094 C C   . LEU A 1 149 ? 5.324   -5.505  -10.992 1.00 24.79  ? 196 LEU A C   1 
ATOM   1095 O O   . LEU A 1 149 ? 6.558   -5.597  -10.879 1.00 27.38  ? 196 LEU A O   1 
ATOM   1096 C CB  . LEU A 1 149 ? 4.450   -3.195  -10.503 1.00 19.41  ? 196 LEU A CB  1 
ATOM   1097 C CG  . LEU A 1 149 ? 4.091   -1.780  -10.969 1.00 21.34  ? 196 LEU A CG  1 
ATOM   1098 C CD1 . LEU A 1 149 ? 3.848   -0.928  -9.727  1.00 23.03  ? 196 LEU A CD1 1 
ATOM   1099 C CD2 . LEU A 1 149 ? 5.183   -1.199  -11.853 1.00 22.05  ? 196 LEU A CD2 1 
ATOM   1100 N N   . ASN A 1 150 ? 4.485   -6.463  -10.659 1.00 17.74  ? 197 ASN A N   1 
ATOM   1101 C CA  . ASN A 1 150 ? 4.932   -7.709  -10.018 1.00 19.76  ? 197 ASN A CA  1 
ATOM   1102 C C   . ASN A 1 150 ? 5.461   -8.743  -11.000 1.00 23.73  ? 197 ASN A C   1 
ATOM   1103 O O   . ASN A 1 150 ? 5.936   -9.833  -10.641 1.00 24.25  ? 197 ASN A O   1 
ATOM   1104 C CB  . ASN A 1 150 ? 3.776   -8.317  -9.220  1.00 18.11  ? 197 ASN A CB  1 
ATOM   1105 C CG  . ASN A 1 150 ? 3.563   -7.504  -7.931  1.00 20.23  ? 197 ASN A CG  1 
ATOM   1106 O OD1 . ASN A 1 150 ? 4.462   -6.810  -7.497  1.00 20.75  ? 197 ASN A OD1 1 
ATOM   1107 N ND2 . ASN A 1 150 ? 2.372   -7.669  -7.391  1.00 21.16  ? 197 ASN A ND2 1 
ATOM   1108 N N   . HIS A 1 151 ? 5.344   -8.442  -12.276 1.00 29.68  ? 198 HIS A N   1 
ATOM   1109 C CA  . HIS A 1 151 ? 5.820   -9.372  -13.304 1.00 38.45  ? 198 HIS A CA  1 
ATOM   1110 C C   . HIS A 1 151 ? 7.253   -8.952  -13.607 1.00 55.66  ? 198 HIS A C   1 
ATOM   1111 O O   . HIS A 1 151 ? 7.420   -7.815  -14.102 1.00 59.89  ? 198 HIS A O   1 
ATOM   1112 C CB  . HIS A 1 151 ? 4.884   -9.318  -14.502 1.00 34.18  ? 198 HIS A CB  1 
ATOM   1113 C CG  . HIS A 1 151 ? 5.274   -10.205 -15.643 1.00 57.25  ? 198 HIS A CG  1 
ATOM   1114 N ND1 . HIS A 1 151 ? 6.505   -10.135 -16.258 1.00 58.73  ? 198 HIS A ND1 1 
ATOM   1115 C CD2 . HIS A 1 151 ? 4.589   -11.179 -16.289 1.00 65.81  ? 198 HIS A CD2 1 
ATOM   1116 C CE1 . HIS A 1 151 ? 6.571   -11.028 -17.229 1.00 59.48  ? 198 HIS A CE1 1 
ATOM   1117 N NE2 . HIS A 1 151 ? 5.419   -11.676 -17.266 1.00 62.35  ? 198 HIS A NE2 1 
HETATM 1118 C C1  . CIT B 2 .   ? -20.840 9.041   -15.263 1.00 35.19  ? 300 CIT A C1  1 
HETATM 1119 O O1  . CIT B 2 .   ? -22.060 8.857   -14.690 1.00 62.59  ? 300 CIT A O1  1 
HETATM 1120 O O2  . CIT B 2 .   ? -20.701 9.154   -16.610 1.00 51.04  ? 300 CIT A O2  1 
HETATM 1121 C C2  . CIT B 2 .   ? -19.585 9.114   -14.353 1.00 20.99  ? 300 CIT A C2  1 
HETATM 1122 C C3  . CIT B 2 .   ? -19.296 7.652   -13.895 1.00 19.35  ? 300 CIT A C3  1 
HETATM 1123 O O7  . CIT B 2 .   ? -20.407 6.961   -13.384 1.00 24.43  ? 300 CIT A O7  1 
HETATM 1124 C C4  . CIT B 2 .   ? -18.820 6.862   -15.140 1.00 23.41  ? 300 CIT A C4  1 
HETATM 1125 C C5  . CIT B 2 .   ? -18.374 5.460   -14.701 1.00 21.96  ? 300 CIT A C5  1 
HETATM 1126 O O3  . CIT B 2 .   ? -18.108 5.029   -13.478 1.00 19.52  ? 300 CIT A O3  1 
HETATM 1127 O O4  . CIT B 2 .   ? -18.179 4.549   -15.727 1.00 23.40  ? 300 CIT A O4  1 
HETATM 1128 C C6  . CIT B 2 .   ? -18.173 7.742   -12.834 1.00 19.94  ? 300 CIT A C6  1 
HETATM 1129 O O5  . CIT B 2 .   ? -18.461 7.500   -11.543 1.00 19.20  ? 300 CIT A O5  1 
HETATM 1130 O O6  . CIT B 2 .   ? -16.965 8.039   -13.291 1.00 19.20  ? 300 CIT A O6  1 
HETATM 1131 C C1  . GOL C 3 .   ? -5.985  -4.949  -4.319  1.00 40.04  ? 299 GOL A C1  1 
HETATM 1132 O O1  . GOL C 3 .   ? -6.679  -3.761  -4.757  1.00 36.61  ? 299 GOL A O1  1 
HETATM 1133 C C2  . GOL C 3 .   ? -6.215  -6.055  -5.365  1.00 46.75  ? 299 GOL A C2  1 
HETATM 1134 O O2  . GOL C 3 .   ? -5.602  -5.703  -6.598  1.00 48.48  ? 299 GOL A O2  1 
HETATM 1135 C C3  . GOL C 3 .   ? -5.648  -7.380  -4.839  1.00 52.91  ? 299 GOL A C3  1 
HETATM 1136 O O3  . GOL C 3 .   ? -6.755  -8.260  -4.614  1.00 69.46  ? 299 GOL A O3  1 
HETATM 1137 O O   . HOH D 4 .   ? -7.114  -6.033  -14.214 1.00 13.78  ? 401 HOH A O   1 
HETATM 1138 O O   . HOH D 4 .   ? -8.950  -6.225  -16.297 1.00 15.85  ? 402 HOH A O   1 
HETATM 1139 O O   . HOH D 4 .   ? -12.615 6.077   -5.972  1.00 15.52  ? 403 HOH A O   1 
HETATM 1140 O O   . HOH D 4 .   ? -6.009  -11.367 6.166   1.00 14.71  ? 404 HOH A O   1 
HETATM 1141 O O   . HOH D 4 .   ? -9.023  13.632  -9.301  1.00 18.68  ? 405 HOH A O   1 
HETATM 1142 O O   . HOH D 4 .   ? -13.096 -1.803  -12.100 1.00 15.56  ? 406 HOH A O   1 
HETATM 1143 O O   . HOH D 4 .   ? -4.542  0.874   -21.294 1.00 22.57  ? 407 HOH A O   1 
HETATM 1144 O O   . HOH D 4 .   ? -7.646  -1.890  -21.177 1.00 25.10  ? 408 HOH A O   1 
HETATM 1145 O O   . HOH D 4 .   ? -8.602  -1.378  -3.296  1.00 16.38  ? 409 HOH A O   1 
HETATM 1146 O O   . HOH D 4 .   ? -9.374  -2.800  11.662  1.00 20.09  ? 410 HOH A O   1 
HETATM 1147 O O   . HOH D 4 .   ? 5.248   4.765   6.230   1.00 17.63  ? 411 HOH A O   1 
HETATM 1148 O O   . HOH D 4 .   ? -3.691  -1.911  -20.893 1.00 28.33  ? 412 HOH A O   1 
HETATM 1149 O O   . HOH D 4 .   ? -9.647  -0.896  -5.829  1.00 18.00  ? 413 HOH A O   1 
HETATM 1150 O O   . HOH D 4 .   ? 1.448   11.485  -0.959  1.00 16.49  ? 414 HOH A O   1 
HETATM 1151 O O   . HOH D 4 .   ? -13.993 0.298   -10.178 1.00 16.10  ? 415 HOH A O   1 
HETATM 1152 O O   . HOH D 4 .   ? -9.630  11.198  -17.638 1.00 20.55  ? 416 HOH A O   1 
HETATM 1153 O O   . HOH D 4 .   ? 6.184   1.638   -13.564 1.00 21.12  ? 417 HOH A O   1 
HETATM 1154 O O   . HOH D 4 .   ? -10.321 -0.709  -16.080 1.00 18.56  ? 418 HOH A O   1 
HETATM 1155 O O   . HOH D 4 .   ? -8.121  -5.355  21.842  1.00 23.62  ? 419 HOH A O   1 
HETATM 1156 O O   . HOH D 4 .   ? -9.511  -5.745  4.311   1.00 18.64  ? 420 HOH A O   1 
HETATM 1157 O O   . HOH D 4 .   ? -8.039  -2.159  -16.559 1.00 23.74  ? 421 HOH A O   1 
HETATM 1158 O O   . HOH D 4 .   ? -7.404  -6.205  18.825  1.00 34.33  ? 422 HOH A O   1 
HETATM 1159 O O   . HOH D 4 .   ? 5.237   2.644   -16.021 1.00 29.28  ? 423 HOH A O   1 
HETATM 1160 O O   . HOH D 4 .   ? -8.940  4.915   12.350  1.00 22.18  ? 424 HOH A O   1 
HETATM 1161 O O   . HOH D 4 .   ? 1.948   11.834  2.014   1.00 26.60  ? 425 HOH A O   1 
HETATM 1162 O O   . HOH D 4 .   ? -13.163 10.360  -15.539 1.00 22.19  ? 426 HOH A O   1 
HETATM 1163 O O   . HOH D 4 .   ? -7.038  -2.167  17.162  1.00 24.30  ? 427 HOH A O   1 
HETATM 1164 O O   . HOH D 4 .   ? 2.360   -3.816  18.397  1.00 27.44  ? 428 HOH A O   1 
HETATM 1165 O O   . HOH D 4 .   ? 13.641  -9.401  4.020   1.00 46.42  ? 429 HOH A O   1 
HETATM 1166 O O   . HOH D 4 .   ? -0.122  8.667   -11.934 1.00 23.49  ? 430 HOH A O   1 
HETATM 1167 O O   . HOH D 4 .   ? 3.392   -6.149  17.500  1.00 30.99  ? 431 HOH A O   1 
HETATM 1168 O O   . HOH D 4 .   ? -10.199 0.965   -18.240 1.00 23.09  ? 432 HOH A O   1 
HETATM 1169 O O   . HOH D 4 .   ? -5.887  4.706   18.568  1.00 24.48  ? 433 HOH A O   1 
HETATM 1170 O O   . HOH D 4 .   ? -9.622  -0.726  0.099   1.00 33.16  ? 434 HOH A O   1 
HETATM 1171 O O   . HOH D 4 .   ? -11.876 1.161   -20.205 1.00 32.86  ? 435 HOH A O   1 
HETATM 1172 O O   . HOH D 4 .   ? 7.188   8.555   -2.877  1.00 28.56  ? 436 HOH A O   1 
HETATM 1173 O O   . HOH D 4 .   ? -6.368  -0.724  -18.083 1.00 23.18  ? 437 HOH A O   1 
HETATM 1174 O O   . HOH D 4 .   ? 4.300   -12.719 12.505  1.00 25.41  ? 438 HOH A O   1 
HETATM 1175 O O   . HOH D 4 .   ? -15.011 4.990   -5.186  1.00 33.22  ? 439 HOH A O   1 
HETATM 1176 O O   . HOH D 4 .   ? 6.743   -4.849  17.640  1.00 27.89  ? 440 HOH A O   1 
HETATM 1177 O O   . HOH D 4 .   ? 3.093   11.159  -10.698 1.00 56.31  ? 441 HOH A O   1 
HETATM 1178 O O   . HOH D 4 .   ? 4.308   1.203   -18.170 1.00 24.96  ? 442 HOH A O   1 
HETATM 1179 O O   . HOH D 4 .   ? 13.967  -2.885  5.114   1.00 31.36  ? 443 HOH A O   1 
HETATM 1180 O O   . HOH D 4 .   ? 3.703   10.286  -1.655  1.00 21.10  ? 444 HOH A O   1 
HETATM 1181 O O   . HOH D 4 .   ? -8.218  -2.947  -7.167  1.00 19.35  ? 445 HOH A O   1 
HETATM 1182 O O   . HOH D 4 .   ? -3.843  6.285   19.910  1.00 34.36  ? 446 HOH A O   1 
HETATM 1183 O O   . HOH D 4 .   ? -10.498 2.698   3.817   1.00 33.87  ? 447 HOH A O   1 
HETATM 1184 O O   . HOH D 4 .   ? -11.439 4.583   8.309   1.00 32.91  ? 448 HOH A O   1 
HETATM 1185 O O   . HOH D 4 .   ? -13.689 -2.308  -14.885 1.00 23.83  ? 449 HOH A O   1 
HETATM 1186 O O   . HOH D 4 .   ? -12.754 2.622   -7.307  1.00 31.04  ? 450 HOH A O   1 
HETATM 1187 O O   . HOH D 4 .   ? 1.464   -16.809 6.068   1.00 33.66  ? 451 HOH A O   1 
HETATM 1188 O O   . HOH D 4 .   ? -4.894  9.667   -16.293 1.00 24.04  ? 452 HOH A O   1 
HETATM 1189 O O   . HOH D 4 .   ? -10.596 5.281   4.382   1.00 45.29  ? 453 HOH A O   1 
HETATM 1190 O O   . HOH D 4 .   ? -10.266 0.929   15.765  1.00 36.56  ? 454 HOH A O   1 
HETATM 1191 O O   . HOH D 4 .   ? 0.783   10.837  -9.521  1.00 32.48  ? 455 HOH A O   1 
HETATM 1192 O O   . HOH D 4 .   ? -8.710  -1.369  14.961  1.00 25.24  ? 456 HOH A O   1 
HETATM 1193 O O   . HOH D 4 .   ? -9.602  12.149  -20.897 1.00 25.40  ? 457 HOH A O   1 
HETATM 1194 O O   . HOH D 4 .   ? -17.610 0.856   -16.858 1.00 31.01  ? 458 HOH A O   1 
HETATM 1195 O O   . HOH D 4 .   ? -9.086  4.254   15.032  1.00 37.17  ? 459 HOH A O   1 
HETATM 1196 O O   . HOH D 4 .   ? -9.111  -4.956  -0.357  1.00 35.85  ? 460 HOH A O   1 
HETATM 1197 O O   . HOH D 4 .   ? -11.392 5.189   11.147  1.00 37.18  ? 461 HOH A O   1 
HETATM 1198 O O   . HOH D 4 .   ? 4.191   9.342   -14.511 1.00 34.78  ? 462 HOH A O   1 
HETATM 1199 O O   . HOH D 4 .   ? 8.316   3.365   -13.895 1.00 43.74  ? 463 HOH A O   1 
HETATM 1200 O O   . HOH D 4 .   ? -9.184  0.855   -23.687 1.00 24.29  ? 464 HOH A O   1 
HETATM 1201 O O   . HOH D 4 .   ? -12.153 -2.270  -6.243  1.00 35.00  ? 465 HOH A O   1 
HETATM 1202 O O   . HOH D 4 .   ? -8.426  -4.179  -3.119  1.00 25.16  ? 466 HOH A O   1 
HETATM 1203 O O   . HOH D 4 .   ? 7.626   -0.272  -14.437 1.00 40.10  ? 467 HOH A O   1 
HETATM 1204 O O   . HOH D 4 .   ? -2.015  -2.759  22.548  1.00 29.19  ? 468 HOH A O   1 
HETATM 1205 O O   . HOH D 4 .   ? 4.497   8.958   0.532   1.00 40.53  ? 469 HOH A O   1 
HETATM 1206 O O   . HOH D 4 .   ? -10.043 -4.572  13.458  1.00 35.66  ? 470 HOH A O   1 
HETATM 1207 O O   . HOH D 4 .   ? -10.970 2.684   -22.623 1.00 31.41  ? 471 HOH A O   1 
HETATM 1208 O O   . HOH D 4 .   ? -17.208 -1.172  -12.377 1.00 34.40  ? 472 HOH A O   1 
HETATM 1209 O O   . HOH D 4 .   ? 10.636  -1.290  -4.392  1.00 26.57  ? 473 HOH A O   1 
HETATM 1210 O O   . HOH D 4 .   ? -11.924 6.254   -23.005 1.00 30.84  ? 474 HOH A O   1 
HETATM 1211 O O   . HOH D 4 .   ? 1.507   12.211  -4.472  1.00 30.42  ? 475 HOH A O   1 
HETATM 1212 O O   . HOH D 4 .   ? 13.502  5.255   -2.666  1.00 31.16  ? 476 HOH A O   1 
HETATM 1213 O O   . HOH D 4 .   ? 9.022   -3.129  -5.826  1.00 25.01  ? 477 HOH A O   1 
HETATM 1214 O O   . HOH D 4 .   ? 7.383   -11.205 14.886  1.00 32.07  ? 478 HOH A O   1 
HETATM 1215 O O   . HOH D 4 .   ? -8.380  -2.897  1.625   1.00 30.74  ? 479 HOH A O   1 
HETATM 1216 O O   . HOH D 4 .   ? 1.032   7.448   -21.945 1.00 28.91  ? 480 HOH A O   1 
HETATM 1217 O O   . HOH D 4 .   ? -1.594  11.782  -10.780 1.00 26.81  ? 481 HOH A O   1 
HETATM 1218 O O   . HOH D 4 .   ? 14.797  0.610   1.892   1.00 33.54  ? 482 HOH A O   1 
HETATM 1219 O O   . HOH D 4 .   ? -7.089  7.113   12.676  1.00 33.61  ? 483 HOH A O   1 
HETATM 1220 O O   . HOH D 4 .   ? -2.377  -0.290  21.957  1.00 33.34  ? 487 HOH A O   1 
HETATM 1221 O O   . HOH D 4 .   ? 2.649   8.219   7.629   1.00 40.75  ? 489 HOH A O   1 
HETATM 1222 O O   . HOH D 4 .   ? 2.964   -0.570  16.605  1.00 45.03  ? 490 HOH A O   1 
HETATM 1223 O O   . HOH D 4 .   ? 7.063   -5.638  -7.833  1.00 30.02  ? 493 HOH A O   1 
HETATM 1224 O O   . HOH D 4 .   ? 2.864   12.725  -7.276  1.00 57.95  ? 497 HOH A O   1 
HETATM 1225 O O   . HOH D 4 .   ? 14.298  -5.769  4.931   1.00 38.37  ? 499 HOH A O   1 
HETATM 1226 O O   . HOH D 4 .   ? -9.041  15.363  -11.379 1.00 34.18  ? 501 HOH A O   1 
HETATM 1227 O O   . HOH D 4 .   ? 0.147   12.005  -7.546  1.00 31.81  ? 502 HOH A O   1 
HETATM 1228 O O   . HOH D 4 .   ? -8.177  -1.478  19.294  1.00 36.81  ? 504 HOH A O   1 
HETATM 1229 O O   . HOH D 4 .   ? 14.033  -6.971  -3.002  1.00 45.90  ? 505 HOH A O   1 
HETATM 1230 O O   . HOH D 4 .   ? -6.784  5.696   15.964  1.00 52.70  ? 506 HOH A O   1 
HETATM 1231 O O   . HOH D 4 .   ? -6.819  0.677   20.935  1.00 52.22  ? 508 HOH A O   1 
HETATM 1232 O O   . HOH D 4 .   ? -14.768 7.929   -0.872  1.00 46.89  ? 510 HOH A O   1 
HETATM 1233 O O   . HOH D 4 .   ? -11.507 2.954   6.239   1.00 40.74  ? 520 HOH A O   1 
HETATM 1234 O O   . HOH D 4 .   ? -12.557 -2.763  3.047   1.00 37.42  ? 531 HOH A O   1 
HETATM 1235 O O   . HOH D 4 .   ? 2.409   9.624   2.978   1.00 52.31  ? 532 HOH A O   1 
HETATM 1236 O O   . HOH D 4 .   ? 14.026  1.450   -11.767 1.00 70.88  ? 533 HOH A O   1 
HETATM 1237 O O   . HOH D 4 .   ? 0.876   11.913  11.092  1.00 55.39  ? 538 HOH A O   1 
HETATM 1238 O O   . HOH D 4 .   ? 3.091   -14.157 17.175  1.00 49.59  ? 546 HOH A O   1 
HETATM 1239 O O   . HOH D 4 .   ? 1.539   14.040  -2.190  1.00 18.61  ? 601 HOH A O   1 
HETATM 1240 O O   . HOH D 4 .   ? 1.270   -10.406 20.132  1.00 18.93  ? 602 HOH A O   1 
HETATM 1241 O O   . HOH D 4 .   ? -13.130 -3.654  -9.939  1.00 20.24  ? 603 HOH A O   1 
HETATM 1242 O O   . HOH D 4 .   ? -6.920  -3.948  -22.802 1.00 20.91  ? 604 HOH A O   1 
HETATM 1243 O O   . HOH D 4 .   ? 10.944  -9.769  3.235   1.00 21.87  ? 605 HOH A O   1 
HETATM 1244 O O   . HOH D 4 .   ? 2.944   7.017   4.897   1.00 23.98  ? 606 HOH A O   1 
HETATM 1245 O O   . HOH D 4 .   ? -19.574 4.711   -11.184 1.00 24.30  ? 607 HOH A O   1 
HETATM 1246 O O   . HOH D 4 .   ? -1.815  -4.952  24.672  1.00 24.31  ? 608 HOH A O   1 
HETATM 1247 O O   . HOH D 4 .   ? 2.890   -12.645 19.778  1.00 24.73  ? 609 HOH A O   1 
HETATM 1248 O O   . HOH D 4 .   ? 10.771  3.130   8.886   1.00 25.56  ? 610 HOH A O   1 
HETATM 1249 O O   . HOH D 4 .   ? -4.297  -3.358  -23.235 1.00 26.05  ? 611 HOH A O   1 
HETATM 1250 O O   . HOH D 4 .   ? -6.345  11.690  4.933   1.00 26.21  ? 612 HOH A O   1 
HETATM 1251 O O   . HOH D 4 .   ? 10.005  -12.799 0.966   1.00 28.57  ? 613 HOH A O   1 
HETATM 1252 O O   . HOH D 4 .   ? -1.848  -15.793 2.364   1.00 28.76  ? 614 HOH A O   1 
HETATM 1253 O O   . HOH D 4 .   ? 6.582   -14.292 6.653   1.00 29.44  ? 615 HOH A O   1 
HETATM 1254 O O   . HOH D 4 .   ? -9.470  -5.214  -7.614  1.00 30.26  ? 616 HOH A O   1 
HETATM 1255 O O   . HOH D 4 .   ? -4.311  -16.209 1.176   1.00 30.27  ? 617 HOH A O   1 
HETATM 1256 O O   . HOH D 4 .   ? -8.389  -4.932  -18.623 1.00 30.40  ? 618 HOH A O   1 
HETATM 1257 O O   . HOH D 4 .   ? -11.244 -6.430  11.645  1.00 30.59  ? 619 HOH A O   1 
HETATM 1258 O O   . HOH D 4 .   ? 1.216   2.154   16.756  1.00 31.47  ? 620 HOH A O   1 
HETATM 1259 O O   . HOH D 4 .   ? -4.267  -13.191 15.027  1.00 32.53  ? 621 HOH A O   1 
HETATM 1260 O O   . HOH D 4 .   ? 5.621   9.079   -5.139  1.00 32.90  ? 622 HOH A O   1 
HETATM 1261 O O   . HOH D 4 .   ? 10.791  1.669   16.184  1.00 33.11  ? 623 HOH A O   1 
HETATM 1262 O O   . HOH D 4 .   ? 8.285   7.722   4.536   1.00 34.40  ? 624 HOH A O   1 
HETATM 1263 O O   . HOH D 4 .   ? 5.677   2.450   -20.008 1.00 34.45  ? 625 HOH A O   1 
HETATM 1264 O O   . HOH D 4 .   ? -18.666 2.320   -9.854  1.00 35.30  ? 626 HOH A O   1 
HETATM 1265 O O   . HOH D 4 .   ? 11.403  -12.752 3.402   1.00 35.53  ? 627 HOH A O   1 
HETATM 1266 O O   . HOH D 4 .   ? -1.514  14.171  -10.308 1.00 35.74  ? 628 HOH A O   1 
HETATM 1267 O O   . HOH D 4 .   ? -1.085  -2.847  26.506  1.00 35.92  ? 629 HOH A O   1 
HETATM 1268 O O   . HOH D 4 .   ? -9.338  -6.542  -2.863  0.50 36.47  ? 630 HOH A O   1 
HETATM 1269 O O   . HOH D 4 .   ? -2.205  -17.959 3.422   1.00 36.78  ? 631 HOH A O   1 
HETATM 1270 O O   . HOH D 4 .   ? -12.778 -2.292  11.448  1.00 37.01  ? 632 HOH A O   1 
HETATM 1271 O O   . HOH D 4 .   ? -11.712 10.500  -19.765 1.00 37.16  ? 633 HOH A O   1 
HETATM 1272 O O   . HOH D 4 .   ? 3.495   7.421   -21.589 1.00 37.17  ? 634 HOH A O   1 
HETATM 1273 O O   . HOH D 4 .   ? 7.413   1.248   -21.196 1.00 37.68  ? 635 HOH A O   1 
HETATM 1274 O O   . HOH D 4 .   ? 2.132   -3.123  -18.786 1.00 37.82  ? 636 HOH A O   1 
HETATM 1275 O O   . HOH D 4 .   ? -11.091 -0.531  2.364   1.00 37.94  ? 637 HOH A O   1 
HETATM 1276 O O   . HOH D 4 .   ? 10.505  -15.150 4.237   1.00 38.07  ? 638 HOH A O   1 
HETATM 1277 O O   . HOH D 4 .   ? -13.623 -0.174  11.677  1.00 38.22  ? 639 HOH A O   1 
HETATM 1278 O O   . HOH D 4 .   ? 9.995   -11.201 15.618  1.00 38.43  ? 640 HOH A O   1 
HETATM 1279 O O   . HOH D 4 .   ? -17.349 5.320   -17.940 1.00 38.80  ? 641 HOH A O   1 
HETATM 1280 O O   . HOH D 4 .   ? 0.867   3.136   20.545  1.00 39.08  ? 642 HOH A O   1 
HETATM 1281 O O   . HOH D 4 .   ? 4.749   -6.876  -16.397 1.00 39.34  ? 643 HOH A O   1 
HETATM 1282 O O   . HOH D 4 .   ? -20.221 7.373   -10.135 1.00 39.37  ? 644 HOH A O   1 
HETATM 1283 O O   . HOH D 4 .   ? 3.936   -8.528  17.739  1.00 39.45  ? 645 HOH A O   1 
HETATM 1284 O O   . HOH D 4 .   ? 0.028   -14.372 -4.051  0.50 39.70  ? 646 HOH A O   1 
HETATM 1285 O O   . HOH D 4 .   ? -0.816  8.337   17.249  1.00 39.93  ? 647 HOH A O   1 
HETATM 1286 O O   . HOH D 4 .   ? -13.911 11.211  -17.788 1.00 40.03  ? 648 HOH A O   1 
HETATM 1287 O O   . HOH D 4 .   ? -14.836 5.849   0.460   1.00 40.14  ? 649 HOH A O   1 
HETATM 1288 O O   . HOH D 4 .   ? 13.962  -1.236  12.027  1.00 40.31  ? 650 HOH A O   1 
HETATM 1289 O O   . HOH D 4 .   ? -3.637  12.413  4.920   1.00 41.40  ? 651 HOH A O   1 
HETATM 1290 O O   . HOH D 4 .   ? -0.900  -3.582  -20.864 1.00 42.45  ? 652 HOH A O   1 
HETATM 1291 O O   . HOH D 4 .   ? -11.673 5.728   -25.816 1.00 42.98  ? 653 HOH A O   1 
HETATM 1292 O O   . HOH D 4 .   ? 8.129   -3.736  -10.138 1.00 43.59  ? 654 HOH A O   1 
HETATM 1293 O O   . HOH D 4 .   ? 2.236   -6.243  -18.271 1.00 43.87  ? 655 HOH A O   1 
HETATM 1294 O O   . HOH D 4 .   ? 12.425  1.050   10.698  1.00 44.04  ? 656 HOH A O   1 
HETATM 1295 O O   . HOH D 4 .   ? 3.043   10.039  15.253  1.00 44.10  ? 657 HOH A O   1 
HETATM 1296 O O   . HOH D 4 .   ? 16.085  -5.669  2.426   1.00 44.18  ? 658 HOH A O   1 
HETATM 1297 O O   . HOH D 4 .   ? 3.786   -17.362 4.127   1.00 44.42  ? 659 HOH A O   1 
HETATM 1298 O O   . HOH D 4 .   ? 5.083   -12.024 21.661  1.00 44.91  ? 660 HOH A O   1 
HETATM 1299 O O   . HOH D 4 .   ? 0.097   14.774  -12.085 1.00 45.51  ? 661 HOH A O   1 
HETATM 1300 O O   . HOH D 4 .   ? -11.935 0.540   -3.072  1.00 45.83  ? 662 HOH A O   1 
HETATM 1301 O O   . HOH D 4 .   ? -4.558  9.032   12.193  1.00 45.91  ? 663 HOH A O   1 
HETATM 1302 O O   . HOH D 4 .   ? 15.503  -5.949  6.879   0.50 46.52  ? 664 HOH A O   1 
HETATM 1303 O O   . HOH D 4 .   ? -7.851  17.625  -9.372  1.00 46.75  ? 665 HOH A O   1 
HETATM 1304 O O   . HOH D 4 .   ? 6.197   -9.570  17.468  1.00 46.82  ? 666 HOH A O   1 
HETATM 1305 O O   . HOH D 4 .   ? -15.917 1.177   -7.713  1.00 48.10  ? 667 HOH A O   1 
HETATM 1306 O O   . HOH D 4 .   ? -6.238  -5.654  -20.749 1.00 48.82  ? 668 HOH A O   1 
HETATM 1307 O O   . HOH D 4 .   ? 1.208   11.404  -12.642 1.00 49.30  ? 669 HOH A O   1 
HETATM 1308 O O   . HOH D 4 .   ? 5.156   -15.449 9.475   1.00 49.36  ? 670 HOH A O   1 
HETATM 1309 O O   . HOH D 4 .   ? -14.445 2.124   3.431   1.00 49.46  ? 671 HOH A O   1 
HETATM 1310 O O   . HOH D 4 .   ? 11.462  -14.172 -1.364  1.00 49.55  ? 672 HOH A O   1 
HETATM 1311 O O   . HOH D 4 .   ? -5.172  9.242   -23.458 1.00 50.11  ? 673 HOH A O   1 
HETATM 1312 O O   . HOH D 4 .   ? -13.985 4.568   -22.164 1.00 50.60  ? 674 HOH A O   1 
HETATM 1313 O O   . HOH D 4 .   ? 14.329  -9.673  -5.129  1.00 50.76  ? 675 HOH A O   1 
HETATM 1314 O O   . HOH D 4 .   ? -2.016  -18.459 -2.137  1.00 50.94  ? 676 HOH A O   1 
HETATM 1315 O O   . HOH D 4 .   ? 13.892  -4.067  -6.280  1.00 51.05  ? 677 HOH A O   1 
HETATM 1316 O O   . HOH D 4 .   ? 3.322   -14.627 -3.829  1.00 51.39  ? 678 HOH A O   1 
HETATM 1317 O O   . HOH D 4 .   ? 7.876   -5.101  -14.145 1.00 51.91  ? 679 HOH A O   1 
HETATM 1318 O O   . HOH D 4 .   ? -10.462 1.604   18.431  1.00 51.96  ? 680 HOH A O   1 
HETATM 1319 O O   . HOH D 4 .   ? -2.344  -16.119 -1.473  1.00 52.35  ? 681 HOH A O   1 
HETATM 1320 O O   . HOH D 4 .   ? 17.761  7.735   6.979   1.00 52.80  ? 682 HOH A O   1 
HETATM 1321 O O   . HOH D 4 .   ? 14.317  7.501   11.594  1.00 52.91  ? 683 HOH A O   1 
HETATM 1322 O O   . HOH D 4 .   ? -6.687  13.941  -11.852 1.00 53.15  ? 684 HOH A O   1 
HETATM 1323 O O   . HOH D 4 .   ? 12.633  -5.226  11.497  1.00 53.34  ? 685 HOH A O   1 
HETATM 1324 O O   . HOH D 4 .   ? -15.885 -1.096  -9.060  1.00 53.79  ? 686 HOH A O   1 
HETATM 1325 O O   . HOH D 4 .   ? 14.575  -0.725  14.279  1.00 54.04  ? 687 HOH A O   1 
HETATM 1326 O O   . HOH D 4 .   ? -21.474 9.671   -11.814 1.00 54.65  ? 688 HOH A O   1 
HETATM 1327 O O   . HOH D 4 .   ? -13.375 4.911   3.076   1.00 54.86  ? 689 HOH A O   1 
HETATM 1328 O O   . HOH D 4 .   ? 3.363   -8.460  -17.321 1.00 55.55  ? 690 HOH A O   1 
HETATM 1329 O O   . HOH D 4 .   ? -0.365  -16.956 0.169   1.00 56.46  ? 691 HOH A O   1 
HETATM 1330 O O   . HOH D 4 .   ? -12.365 8.969   -23.344 1.00 56.76  ? 692 HOH A O   1 
HETATM 1331 O O   . HOH D 4 .   ? -2.864  10.217  9.616   1.00 56.93  ? 693 HOH A O   1 
HETATM 1332 O O   . HOH D 4 .   ? -13.981 8.439   2.295   1.00 57.49  ? 694 HOH A O   1 
HETATM 1333 O O   . HOH D 4 .   ? -9.299  8.843   12.239  1.00 60.02  ? 695 HOH A O   1 
HETATM 1334 O O   . HOH D 4 .   ? 5.549   12.309  10.888  1.00 60.47  ? 696 HOH A O   1 
HETATM 1335 O O   . HOH D 4 .   ? -3.051  -2.858  28.464  1.00 62.88  ? 697 HOH A O   1 
HETATM 1336 O O   . HOH D 4 .   ? -20.271 0.597   -11.093 1.00 63.32  ? 698 HOH A O   1 
HETATM 1337 O O   . HOH D 4 .   ? 10.107  -3.690  -8.308  1.00 64.19  ? 699 HOH A O   1 
HETATM 1338 O O   . HOH D 4 .   ? 8.382   1.552   17.999  1.00 73.47  ? 700 HOH A O   1 
HETATM 1339 O O   . HOH D 4 .   ? -12.383 0.608   13.635  1.00 89.85  ? 701 HOH A O   1 
# 
